data_6XH5
#
_entry.id   6XH5
#
_cell.length_a   166.766
_cell.length_b   166.766
_cell.length_c   223.512
_cell.angle_alpha   90.000
_cell.angle_beta   90.000
_cell.angle_gamma   90.000
#
_symmetry.space_group_name_H-M   'P 43 21 2'
#
loop_
_entity.id
_entity.type
_entity.pdbx_description
1 polymer 'helical fusion design'
2 water water
#
_entity_poly.entity_id   1
_entity_poly.type   'polypeptide(L)'
_entity_poly.pdbx_seq_one_letter_code
;MGHHHHHHGGSSEEEQERIRRILKEARKSGTEESLRQAIEDVAQLAKKSQDSEVLEEAIRVILRIAKESGSEEALRQAIR
AVAEIAKEAQDSEVLEEAIRVILRIAKESGSEEALRQALRAVAEIAEEAKDERVRKEAVRVMLQIAKESGSKEAVKLAFE
MILRVVRIIAVLRANSVEEAKEKALAVFEGGVLAIEITFTVPDADTVIKELSFLEKEGAIIGAGTVTSVEQCRKAVESGA
LFIVSPHLDEEISQFCDEAGVAYAPGVMTPTELVKAMKLGHRILKLFPGEVVGPQFVKAMKGPFPNVRFVPTGGVNLDNV
AEWFKAGVLAVGVGSALVKGTPDEVREKAKAFVEKIKAA
;
_entity_poly.pdbx_strand_id   A,B,C,D,E,F
#
# COMPACT_ATOMS: atom_id res chain seq x y z
N SER A 12 62.56 37.55 3.39
CA SER A 12 63.77 38.14 3.96
C SER A 12 63.63 38.25 5.48
N GLU A 13 64.65 37.74 6.20
CA GLU A 13 64.61 37.78 7.66
C GLU A 13 64.66 39.20 8.21
N GLU A 14 65.17 40.15 7.42
CA GLU A 14 65.19 41.55 7.87
C GLU A 14 63.78 42.11 8.01
N GLU A 15 62.84 41.65 7.18
CA GLU A 15 61.48 42.14 7.27
C GLU A 15 60.79 41.67 8.54
N GLN A 16 61.10 40.45 9.01
CA GLN A 16 60.56 40.00 10.28
C GLN A 16 61.00 40.89 11.43
N GLU A 17 62.27 41.32 11.41
CA GLU A 17 62.74 42.27 12.42
C GLU A 17 61.97 43.58 12.32
N ARG A 18 61.95 44.18 11.12
CA ARG A 18 61.27 45.45 10.93
C ARG A 18 59.79 45.35 11.32
N ILE A 19 59.14 44.25 10.96
CA ILE A 19 57.75 44.03 11.37
C ILE A 19 57.64 43.98 12.88
N ARG A 20 58.54 43.23 13.53
CA ARG A 20 58.56 43.19 14.98
C ARG A 20 58.99 44.51 15.60
N ARG A 21 59.72 45.35 14.85
CA ARG A 21 60.06 46.68 15.36
C ARG A 21 58.85 47.61 15.30
N ILE A 22 58.05 47.52 14.25
CA ILE A 22 56.87 48.38 14.11
C ILE A 22 55.87 48.07 15.22
N LEU A 23 55.69 46.79 15.55
CA LEU A 23 54.79 46.43 16.63
C LEU A 23 55.31 46.95 17.98
N LYS A 24 56.57 46.64 18.30
CA LYS A 24 57.12 47.04 19.59
C LYS A 24 57.16 48.56 19.73
N GLU A 25 57.41 49.28 18.64
CA GLU A 25 57.48 50.73 18.72
C GLU A 25 56.09 51.33 18.93
N ALA A 26 55.12 50.91 18.14
CA ALA A 26 53.75 51.40 18.30
C ALA A 26 53.09 50.89 19.57
N ARG A 27 53.56 49.75 20.11
CA ARG A 27 53.01 49.25 21.36
C ARG A 27 53.44 50.12 22.54
N LYS A 28 54.70 50.56 22.54
CA LYS A 28 55.17 51.45 23.59
C LYS A 28 54.50 52.81 23.52
N SER A 29 54.06 53.23 22.33
CA SER A 29 53.35 54.49 22.18
C SER A 29 51.99 54.43 22.87
N GLY A 30 51.14 53.49 22.45
CA GLY A 30 49.84 53.29 23.03
C GLY A 30 48.74 54.15 22.44
N THR A 31 49.07 55.29 21.85
CA THR A 31 48.05 56.15 21.26
C THR A 31 47.37 55.44 20.09
N GLU A 32 46.05 55.59 20.01
CA GLU A 32 45.30 54.93 18.95
C GLU A 32 45.63 55.50 17.58
N GLU A 33 46.10 56.75 17.51
CA GLU A 33 46.57 57.30 16.25
C GLU A 33 47.77 56.53 15.72
N SER A 34 48.71 56.19 16.60
CA SER A 34 49.90 55.45 16.17
C SER A 34 49.58 53.99 15.89
N LEU A 35 48.57 53.42 16.56
CA LEU A 35 48.21 52.03 16.33
C LEU A 35 47.59 51.85 14.94
N ARG A 36 46.68 52.74 14.55
CA ARG A 36 46.13 52.69 13.20
C ARG A 36 47.19 52.99 12.15
N GLN A 37 48.21 53.75 12.52
CA GLN A 37 49.34 53.96 11.60
C GLN A 37 50.23 52.73 11.53
N ALA A 38 50.26 51.92 12.60
CA ALA A 38 51.07 50.71 12.59
C ALA A 38 50.49 49.69 11.62
N ILE A 39 49.17 49.61 11.51
CA ILE A 39 48.55 48.72 10.52
C ILE A 39 48.92 49.16 9.11
N GLU A 40 48.95 50.48 8.88
CA GLU A 40 49.30 50.99 7.55
C GLU A 40 50.77 50.77 7.24
N ASP A 41 51.64 50.84 8.26
CA ASP A 41 53.06 50.59 8.04
C ASP A 41 53.34 49.12 7.77
N VAL A 42 52.67 48.22 8.50
CA VAL A 42 52.84 46.79 8.25
C VAL A 42 52.30 46.42 6.88
N ALA A 43 51.17 46.99 6.49
CA ALA A 43 50.61 46.69 5.17
C ALA A 43 51.47 47.28 4.06
N GLN A 44 52.21 48.36 4.34
CA GLN A 44 53.05 48.97 3.33
C GLN A 44 54.23 48.06 2.97
N LEU A 45 54.91 47.52 3.97
CA LEU A 45 56.03 46.62 3.71
C LEU A 45 55.57 45.30 3.10
N ALA A 46 54.36 44.87 3.43
CA ALA A 46 53.83 43.63 2.86
C ALA A 46 53.62 43.76 1.36
N LYS A 47 53.33 44.98 0.87
CA LYS A 47 53.17 45.19 -0.56
C LYS A 47 54.49 45.18 -1.30
N LYS A 48 55.60 45.45 -0.62
CA LYS A 48 56.91 45.46 -1.23
C LYS A 48 57.59 44.10 -1.21
N SER A 49 57.06 43.15 -0.47
CA SER A 49 57.66 41.82 -0.36
C SER A 49 56.88 40.80 -1.18
N GLN A 50 57.56 39.71 -1.53
CA GLN A 50 56.95 38.61 -2.26
C GLN A 50 57.13 37.27 -1.53
N ASP A 51 57.58 37.30 -0.29
CA ASP A 51 57.77 36.08 0.48
C ASP A 51 56.44 35.64 1.10
N SER A 52 56.16 34.33 1.01
CA SER A 52 54.91 33.82 1.57
C SER A 52 54.92 33.87 3.09
N GLU A 53 56.09 33.76 3.72
CA GLU A 53 56.16 33.79 5.18
C GLU A 53 56.22 35.22 5.71
N VAL A 54 56.74 36.16 4.92
CA VAL A 54 56.72 37.56 5.33
C VAL A 54 55.28 38.09 5.31
N LEU A 55 54.50 37.71 4.30
CA LEU A 55 53.13 38.19 4.21
C LEU A 55 52.25 37.58 5.29
N GLU A 56 52.39 36.28 5.55
CA GLU A 56 51.55 35.63 6.54
C GLU A 56 51.92 36.03 7.97
N GLU A 57 53.15 36.50 8.19
CA GLU A 57 53.49 37.06 9.49
C GLU A 57 52.91 38.46 9.66
N ALA A 58 52.87 39.23 8.57
CA ALA A 58 52.26 40.56 8.63
C ALA A 58 50.77 40.47 8.95
N ILE A 59 50.09 39.43 8.46
CA ILE A 59 48.68 39.25 8.77
C ILE A 59 48.49 38.99 10.25
N ARG A 60 49.37 38.18 10.86
CA ARG A 60 49.27 37.93 12.29
C ARG A 60 49.50 39.20 13.09
N VAL A 61 50.42 40.05 12.63
CA VAL A 61 50.72 41.28 13.36
C VAL A 61 49.59 42.29 13.21
N ILE A 62 48.99 42.36 12.02
CA ILE A 62 47.85 43.27 11.81
C ILE A 62 46.71 42.90 12.74
N LEU A 63 46.48 41.60 12.95
CA LEU A 63 45.50 41.18 13.95
C LEU A 63 45.96 41.53 15.35
N ARG A 64 47.25 41.37 15.63
CA ARG A 64 47.77 41.70 16.97
C ARG A 64 47.61 43.18 17.27
N ILE A 65 47.77 44.03 16.26
CA ILE A 65 47.64 45.46 16.48
C ILE A 65 46.17 45.86 16.66
N ALA A 66 45.29 45.32 15.81
CA ALA A 66 43.89 45.73 15.86
C ALA A 66 43.23 45.32 17.17
N LYS A 67 43.44 44.08 17.60
CA LYS A 67 42.80 43.62 18.83
C LYS A 67 43.39 44.28 20.07
N GLU A 68 44.56 44.91 19.94
CA GLU A 68 45.07 45.73 21.04
C GLU A 68 44.43 47.10 21.05
N SER A 69 44.14 47.65 19.87
CA SER A 69 43.43 48.93 19.79
C SER A 69 42.00 48.80 20.29
N GLY A 70 41.30 47.74 19.88
CA GLY A 70 39.96 47.46 20.34
C GLY A 70 38.87 48.25 19.67
N SER A 71 39.18 49.38 19.03
CA SER A 71 38.16 50.21 18.42
C SER A 71 37.61 49.55 17.15
N GLU A 72 36.34 49.85 16.87
CA GLU A 72 35.71 49.32 15.66
C GLU A 72 36.40 49.85 14.40
N GLU A 73 36.86 51.10 14.44
CA GLU A 73 37.51 51.67 13.27
C GLU A 73 38.81 50.96 12.93
N ALA A 74 39.58 50.57 13.95
CA ALA A 74 40.83 49.88 13.70
C ALA A 74 40.60 48.44 13.24
N LEU A 75 39.58 47.78 13.79
CA LEU A 75 39.32 46.39 13.44
C LEU A 75 38.85 46.28 11.99
N ARG A 76 37.98 47.19 11.55
CA ARG A 76 37.52 47.13 10.17
C ARG A 76 38.58 47.59 9.18
N GLN A 77 39.53 48.43 9.62
CA GLN A 77 40.66 48.76 8.78
C GLN A 77 41.59 47.57 8.63
N ALA A 78 41.77 46.79 9.70
CA ALA A 78 42.61 45.61 9.63
C ALA A 78 42.03 44.57 8.67
N ILE A 79 40.71 44.53 8.52
CA ILE A 79 40.10 43.60 7.58
C ILE A 79 40.50 43.93 6.15
N ARG A 80 40.45 45.23 5.80
CA ARG A 80 40.84 45.63 4.45
C ARG A 80 42.32 45.39 4.19
N ALA A 81 43.16 45.57 5.22
CA ALA A 81 44.59 45.36 5.07
C ALA A 81 44.90 43.87 4.85
N VAL A 82 44.29 43.00 5.65
CA VAL A 82 44.50 41.57 5.48
C VAL A 82 43.95 41.10 4.14
N ALA A 83 42.82 41.65 3.72
CA ALA A 83 42.26 41.28 2.43
C ALA A 83 43.13 41.75 1.28
N GLU A 84 43.80 42.89 1.43
CA GLU A 84 44.68 43.37 0.36
C GLU A 84 45.96 42.54 0.27
N ILE A 85 46.49 42.11 1.43
CA ILE A 85 47.66 41.23 1.42
C ILE A 85 47.33 39.92 0.72
N ALA A 86 46.09 39.45 0.85
CA ALA A 86 45.68 38.23 0.16
C ALA A 86 45.64 38.43 -1.35
N LYS A 87 45.13 39.59 -1.80
CA LYS A 87 45.05 39.83 -3.24
C LYS A 87 46.42 39.94 -3.89
N GLU A 88 47.43 40.35 -3.13
CA GLU A 88 48.78 40.50 -3.65
C GLU A 88 49.61 39.22 -3.56
N ALA A 89 49.14 38.22 -2.83
CA ALA A 89 49.90 37.00 -2.62
C ALA A 89 49.58 35.95 -3.68
N GLN A 90 50.48 34.99 -3.83
CA GLN A 90 50.29 33.86 -4.73
C GLN A 90 50.10 32.54 -4.00
N ASP A 91 50.73 32.36 -2.84
CA ASP A 91 50.62 31.12 -2.09
C ASP A 91 49.22 31.00 -1.49
N SER A 92 48.57 29.87 -1.72
CA SER A 92 47.22 29.67 -1.20
C SER A 92 47.21 29.54 0.32
N GLU A 93 48.32 29.11 0.91
CA GLU A 93 48.40 29.04 2.37
C GLU A 93 48.35 30.41 3.01
N VAL A 94 48.71 31.46 2.26
CA VAL A 94 48.53 32.82 2.76
C VAL A 94 47.05 33.20 2.73
N LEU A 95 46.34 32.79 1.68
CA LEU A 95 44.92 33.09 1.58
C LEU A 95 44.12 32.34 2.64
N GLU A 96 44.49 31.08 2.90
CA GLU A 96 43.83 30.31 3.96
C GLU A 96 44.03 30.97 5.31
N GLU A 97 45.23 31.50 5.56
CA GLU A 97 45.49 32.18 6.82
C GLU A 97 44.76 33.51 6.89
N ALA A 98 44.63 34.21 5.76
CA ALA A 98 43.94 35.48 5.75
C ALA A 98 42.46 35.31 6.08
N ILE A 99 41.83 34.26 5.52
CA ILE A 99 40.42 34.02 5.78
C ILE A 99 40.19 33.74 7.26
N ARG A 100 41.04 32.91 7.87
CA ARG A 100 40.89 32.61 9.29
C ARG A 100 41.14 33.84 10.16
N VAL A 101 41.97 34.78 9.69
CA VAL A 101 42.21 36.01 10.45
C VAL A 101 41.05 36.98 10.27
N ILE A 102 40.54 37.11 9.03
CA ILE A 102 39.38 37.95 8.79
C ILE A 102 38.21 37.52 9.68
N LEU A 103 38.06 36.21 9.87
CA LEU A 103 37.01 35.70 10.76
C LEU A 103 37.26 36.16 12.19
N ARG A 104 38.51 36.05 12.66
CA ARG A 104 38.82 36.40 14.04
C ARG A 104 38.71 37.89 14.30
N ILE A 105 38.94 38.72 13.27
CA ILE A 105 38.82 40.17 13.45
C ILE A 105 37.35 40.56 13.57
N ALA A 106 36.52 40.07 12.65
CA ALA A 106 35.09 40.37 12.72
C ALA A 106 34.42 39.71 13.92
N LYS A 107 34.98 38.58 14.38
CA LYS A 107 34.44 37.91 15.55
C LYS A 107 34.66 38.74 16.81
N GLU A 108 35.86 39.30 16.97
CA GLU A 108 36.14 40.15 18.12
C GLU A 108 35.36 41.46 18.05
N SER A 109 35.24 42.04 16.86
CA SER A 109 34.53 43.30 16.70
C SER A 109 33.04 43.14 16.99
N GLY A 110 32.36 42.29 16.23
CA GLY A 110 30.93 42.21 16.30
C GLY A 110 30.27 43.21 15.36
N SER A 111 28.96 43.37 15.57
CA SER A 111 28.12 44.26 14.76
C SER A 111 28.00 43.76 13.33
N GLU A 112 26.93 44.16 12.64
CA GLU A 112 26.66 43.60 11.32
C GLU A 112 27.60 44.18 10.27
N GLU A 113 28.07 45.41 10.45
CA GLU A 113 28.92 46.04 9.44
C GLU A 113 30.23 45.30 9.27
N ALA A 114 30.84 44.86 10.38
CA ALA A 114 32.10 44.12 10.29
C ALA A 114 31.86 42.70 9.77
N LEU A 115 30.79 42.06 10.23
CA LEU A 115 30.51 40.70 9.79
C LEU A 115 30.07 40.65 8.33
N ARG A 116 29.37 41.68 7.86
CA ARG A 116 29.06 41.77 6.43
C ARG A 116 30.31 42.01 5.61
N GLN A 117 31.16 42.95 6.07
CA GLN A 117 32.42 43.20 5.38
C GLN A 117 33.30 41.97 5.34
N ALA A 118 33.24 41.13 6.38
CA ALA A 118 34.04 39.91 6.39
C ALA A 118 33.49 38.89 5.40
N LEU A 119 32.16 38.82 5.26
CA LEU A 119 31.57 37.88 4.30
C LEU A 119 32.02 38.18 2.88
N ARG A 120 32.02 39.46 2.49
CA ARG A 120 32.43 39.80 1.13
C ARG A 120 33.94 39.67 0.96
N ALA A 121 34.70 39.81 2.04
CA ALA A 121 36.16 39.73 1.94
C ALA A 121 36.61 38.29 1.73
N VAL A 122 36.11 37.36 2.55
CA VAL A 122 36.55 35.97 2.44
C VAL A 122 36.02 35.33 1.16
N ALA A 123 34.91 35.84 0.62
CA ALA A 123 34.40 35.32 -0.65
C ALA A 123 35.18 35.87 -1.83
N GLU A 124 35.65 37.11 -1.74
CA GLU A 124 36.50 37.66 -2.79
C GLU A 124 37.84 36.95 -2.83
N ILE A 125 38.36 36.56 -1.66
CA ILE A 125 39.61 35.80 -1.61
C ILE A 125 39.42 34.42 -2.23
N ALA A 126 38.23 33.84 -2.07
CA ALA A 126 37.99 32.50 -2.59
C ALA A 126 37.99 32.47 -4.12
N GLU A 127 37.55 33.55 -4.76
CA GLU A 127 37.50 33.58 -6.21
C GLU A 127 38.90 33.67 -6.80
N GLU A 128 39.73 34.56 -6.27
CA GLU A 128 41.09 34.73 -6.75
C GLU A 128 42.02 33.63 -6.27
N ALA A 129 41.53 32.69 -5.46
CA ALA A 129 42.39 31.63 -4.93
C ALA A 129 42.72 30.58 -5.99
N LYS A 130 41.75 30.24 -6.83
CA LYS A 130 41.93 29.24 -7.89
C LYS A 130 42.34 27.89 -7.30
N ASP A 131 41.79 27.57 -6.13
CA ASP A 131 42.08 26.31 -5.44
C ASP A 131 40.82 25.83 -4.75
N GLU A 132 40.60 24.51 -4.80
CA GLU A 132 39.40 23.93 -4.18
C GLU A 132 39.46 23.99 -2.67
N ARG A 133 40.67 23.91 -2.08
CA ARG A 133 40.80 23.91 -0.64
C ARG A 133 40.36 25.24 -0.03
N VAL A 134 40.72 26.35 -0.68
CA VAL A 134 40.36 27.66 -0.14
C VAL A 134 38.87 27.90 -0.26
N ARG A 135 38.26 27.44 -1.36
CA ARG A 135 36.81 27.60 -1.52
C ARG A 135 36.06 26.78 -0.46
N LYS A 136 36.58 25.60 -0.11
CA LYS A 136 35.96 24.83 0.96
C LYS A 136 36.07 25.56 2.29
N GLU A 137 37.22 26.19 2.55
CA GLU A 137 37.38 26.94 3.80
C GLU A 137 36.49 28.18 3.80
N ALA A 138 36.36 28.84 2.65
CA ALA A 138 35.51 30.03 2.57
C ALA A 138 34.07 29.71 2.91
N VAL A 139 33.55 28.60 2.36
CA VAL A 139 32.19 28.18 2.70
C VAL A 139 32.07 27.92 4.19
N ARG A 140 33.06 27.22 4.76
CA ARG A 140 33.00 26.88 6.18
C ARG A 140 33.00 28.14 7.04
N VAL A 141 33.86 29.11 6.71
CA VAL A 141 33.93 30.34 7.49
C VAL A 141 32.70 31.20 7.28
N MET A 142 32.23 31.32 6.03
CA MET A 142 31.05 32.14 5.76
C MET A 142 29.81 31.60 6.46
N LEU A 143 29.72 30.28 6.61
CA LEU A 143 28.62 29.70 7.39
C LEU A 143 28.73 30.10 8.85
N GLN A 144 29.95 30.13 9.40
CA GLN A 144 30.13 30.49 10.80
C GLN A 144 29.95 31.99 11.02
N ILE A 145 30.34 32.81 10.06
CA ILE A 145 30.08 34.25 10.15
C ILE A 145 28.58 34.50 10.15
N ALA A 146 27.83 33.77 9.32
CA ALA A 146 26.39 33.93 9.30
C ALA A 146 25.74 33.33 10.53
N LYS A 147 26.37 32.30 11.14
CA LYS A 147 25.83 31.75 12.38
C LYS A 147 25.89 32.78 13.51
N GLU A 148 27.00 33.52 13.58
CA GLU A 148 27.03 34.70 14.43
C GLU A 148 26.13 35.78 13.83
N SER A 149 25.77 36.76 14.67
CA SER A 149 24.80 37.80 14.31
C SER A 149 23.44 37.18 14.02
N GLY A 150 23.36 36.33 13.01
CA GLY A 150 22.11 35.66 12.69
C GLY A 150 21.04 36.56 12.14
N SER A 151 21.40 37.74 11.63
CA SER A 151 20.42 38.67 11.12
C SER A 151 19.88 38.19 9.77
N LYS A 152 18.78 38.82 9.33
CA LYS A 152 18.21 38.47 8.04
C LYS A 152 19.17 38.81 6.91
N GLU A 153 19.85 39.95 7.00
CA GLU A 153 20.77 40.36 5.95
C GLU A 153 22.04 39.52 5.93
N ALA A 154 22.39 38.91 7.06
CA ALA A 154 23.60 38.08 7.10
C ALA A 154 23.39 36.77 6.35
N VAL A 155 22.28 36.08 6.61
CA VAL A 155 22.04 34.80 5.97
C VAL A 155 21.76 34.99 4.47
N LYS A 156 21.23 36.14 4.08
CA LYS A 156 21.03 36.41 2.66
C LYS A 156 22.36 36.69 1.97
N LEU A 157 23.20 37.51 2.58
CA LEU A 157 24.50 37.83 1.98
C LEU A 157 25.41 36.61 1.98
N ALA A 158 25.41 35.84 3.07
CA ALA A 158 26.24 34.65 3.13
C ALA A 158 25.81 33.63 2.08
N PHE A 159 24.50 33.44 1.91
CA PHE A 159 24.01 32.53 0.88
C PHE A 159 24.37 33.04 -0.51
N GLU A 160 24.33 34.36 -0.71
CA GLU A 160 24.67 34.92 -2.02
C GLU A 160 26.14 34.72 -2.34
N MET A 161 27.03 35.02 -1.37
CA MET A 161 28.46 34.86 -1.62
C MET A 161 28.85 33.39 -1.75
N ILE A 162 28.18 32.50 -1.01
CA ILE A 162 28.49 31.07 -1.10
C ILE A 162 28.13 30.54 -2.49
N LEU A 163 26.99 30.94 -3.03
CA LEU A 163 26.62 30.55 -4.38
C LEU A 163 27.61 31.07 -5.42
N ARG A 164 28.17 32.26 -5.18
CA ARG A 164 29.19 32.79 -6.08
C ARG A 164 30.44 31.93 -6.06
N VAL A 165 30.78 31.34 -4.92
CA VAL A 165 32.01 30.58 -4.81
C VAL A 165 31.83 29.16 -5.37
N VAL A 166 30.72 28.49 -5.01
CA VAL A 166 30.55 27.11 -5.44
C VAL A 166 30.03 27.03 -6.87
N ARG A 167 29.34 28.07 -7.35
CA ARG A 167 28.91 28.19 -8.74
C ARG A 167 27.89 27.15 -9.18
N ILE A 168 27.91 25.96 -8.58
CA ILE A 168 27.03 24.87 -9.01
C ILE A 168 26.46 24.19 -7.78
N ILE A 169 25.14 24.02 -7.74
CA ILE A 169 24.45 23.32 -6.67
C ILE A 169 23.86 22.04 -7.25
N ALA A 170 24.01 20.94 -6.51
CA ALA A 170 23.58 19.63 -7.00
C ALA A 170 22.19 19.33 -6.49
N VAL A 171 21.26 19.08 -7.42
CA VAL A 171 19.89 18.72 -7.08
C VAL A 171 19.84 17.20 -7.01
N LEU A 172 19.90 16.65 -5.80
CA LEU A 172 20.07 15.23 -5.59
C LEU A 172 18.72 14.53 -5.47
N ARG A 173 18.57 13.42 -6.20
CA ARG A 173 17.38 12.58 -6.12
C ARG A 173 17.82 11.13 -6.19
N ALA A 174 17.29 10.31 -5.28
CA ALA A 174 17.63 8.88 -5.23
C ALA A 174 16.40 8.12 -4.73
N ASN A 175 16.54 6.80 -4.63
CA ASN A 175 15.46 5.92 -4.24
C ASN A 175 15.66 5.30 -2.87
N SER A 176 16.65 5.76 -2.10
CA SER A 176 16.88 5.27 -0.75
C SER A 176 17.83 6.23 -0.05
N VAL A 177 17.83 6.17 1.28
CA VAL A 177 18.69 7.06 2.06
C VAL A 177 20.16 6.75 1.79
N GLU A 178 20.49 5.47 1.65
CA GLU A 178 21.90 5.09 1.44
C GLU A 178 22.37 5.50 0.05
N GLU A 179 21.51 5.35 -0.96
CA GLU A 179 21.90 5.77 -2.31
C GLU A 179 22.05 7.28 -2.40
N ALA A 180 21.26 8.02 -1.61
CA ALA A 180 21.42 9.47 -1.59
C ALA A 180 22.69 9.88 -0.85
N LYS A 181 23.03 9.17 0.22
CA LYS A 181 24.26 9.47 0.94
C LYS A 181 25.49 9.22 0.07
N GLU A 182 25.48 8.12 -0.71
CA GLU A 182 26.63 7.81 -1.55
C GLU A 182 26.73 8.73 -2.75
N LYS A 183 25.58 9.18 -3.29
CA LYS A 183 25.62 10.12 -4.40
C LYS A 183 26.11 11.49 -3.96
N ALA A 184 25.64 11.95 -2.80
CA ALA A 184 26.08 13.25 -2.30
C ALA A 184 27.57 13.25 -2.01
N LEU A 185 28.08 12.16 -1.42
CA LEU A 185 29.51 12.08 -1.17
C LEU A 185 30.29 12.00 -2.48
N ALA A 186 29.73 11.31 -3.48
CA ALA A 186 30.41 11.21 -4.77
C ALA A 186 30.46 12.55 -5.47
N VAL A 187 29.35 13.30 -5.48
CA VAL A 187 29.34 14.61 -6.11
C VAL A 187 30.19 15.61 -5.34
N PHE A 188 30.41 15.35 -4.04
CA PHE A 188 31.30 16.23 -3.28
C PHE A 188 32.76 15.98 -3.65
N GLU A 189 33.12 14.73 -3.92
CA GLU A 189 34.49 14.43 -4.34
C GLU A 189 34.82 14.98 -5.71
N GLY A 190 33.80 15.23 -6.54
CA GLY A 190 34.04 15.79 -7.86
C GLY A 190 34.35 17.28 -7.84
N GLY A 191 33.86 17.99 -6.84
CA GLY A 191 34.12 19.41 -6.73
C GLY A 191 32.88 20.24 -6.51
N VAL A 192 31.73 19.58 -6.36
CA VAL A 192 30.46 20.25 -6.11
C VAL A 192 30.28 20.37 -4.60
N LEU A 193 30.29 21.61 -4.11
CA LEU A 193 30.27 21.85 -2.66
C LEU A 193 28.87 22.09 -2.12
N ALA A 194 27.91 22.47 -2.97
CA ALA A 194 26.55 22.75 -2.54
C ALA A 194 25.63 21.65 -3.03
N ILE A 195 24.89 21.03 -2.10
CA ILE A 195 24.05 19.88 -2.39
C ILE A 195 22.62 20.20 -1.94
N GLU A 196 21.68 20.09 -2.86
CA GLU A 196 20.26 20.30 -2.57
C GLU A 196 19.56 18.93 -2.56
N ILE A 197 18.91 18.61 -1.45
CA ILE A 197 18.23 17.33 -1.27
C ILE A 197 16.74 17.56 -1.47
N THR A 198 16.20 17.05 -2.56
CA THR A 198 14.77 17.18 -2.80
C THR A 198 13.99 16.29 -1.82
N PHE A 199 12.72 16.63 -1.62
CA PHE A 199 11.84 15.84 -0.79
C PHE A 199 11.13 14.73 -1.56
N THR A 200 11.60 14.44 -2.78
CA THR A 200 11.16 13.23 -3.47
C THR A 200 11.91 12.01 -2.97
N VAL A 201 13.12 12.20 -2.47
CA VAL A 201 13.88 11.11 -1.84
C VAL A 201 13.17 10.69 -0.55
N PRO A 202 12.99 9.40 -0.31
CA PRO A 202 12.35 8.97 0.95
C PRO A 202 13.22 9.32 2.14
N ASP A 203 12.59 9.84 3.19
CA ASP A 203 13.28 10.27 4.41
C ASP A 203 14.37 11.29 4.08
N ALA A 204 13.98 12.34 3.34
CA ALA A 204 14.95 13.38 2.98
C ALA A 204 15.46 14.12 4.22
N ASP A 205 14.63 14.24 5.25
CA ASP A 205 15.09 14.86 6.50
C ASP A 205 16.20 14.04 7.14
N THR A 206 16.17 12.72 6.97
CA THR A 206 17.24 11.89 7.50
C THR A 206 18.50 12.00 6.64
N VAL A 207 18.34 12.25 5.35
CA VAL A 207 19.51 12.38 4.47
C VAL A 207 20.27 13.67 4.78
N ILE A 208 19.55 14.80 4.89
CA ILE A 208 20.21 16.05 5.23
C ILE A 208 20.78 16.01 6.64
N LYS A 209 20.25 15.15 7.50
CA LYS A 209 20.76 15.04 8.86
C LYS A 209 22.07 14.27 8.89
N GLU A 210 22.14 13.14 8.21
CA GLU A 210 23.33 12.31 8.21
C GLU A 210 24.43 12.84 7.30
N LEU A 211 24.10 13.75 6.39
CA LEU A 211 25.10 14.39 5.54
C LEU A 211 25.72 15.62 6.22
N SER A 212 25.41 15.86 7.49
CA SER A 212 25.90 17.05 8.17
C SER A 212 27.41 17.05 8.33
N PHE A 213 28.07 15.90 8.16
CA PHE A 213 29.52 15.86 8.26
C PHE A 213 30.20 16.51 7.07
N LEU A 214 29.48 16.70 5.96
CA LEU A 214 30.05 17.37 4.80
C LEU A 214 30.18 18.87 5.03
N GLU A 215 29.28 19.45 5.84
CA GLU A 215 29.36 20.88 6.11
C GLU A 215 30.64 21.26 6.84
N LYS A 216 31.31 20.30 7.48
CA LYS A 216 32.58 20.57 8.14
C LYS A 216 33.77 20.50 7.18
N GLU A 217 33.59 19.95 5.99
CA GLU A 217 34.65 19.85 5.00
C GLU A 217 34.50 20.90 3.89
N GLY A 218 33.63 21.88 4.07
CA GLY A 218 33.44 22.92 3.09
C GLY A 218 32.20 22.82 2.25
N ALA A 219 31.21 22.03 2.67
CA ALA A 219 29.99 21.84 1.92
C ALA A 219 28.84 22.60 2.58
N ILE A 220 27.71 22.63 1.87
CA ILE A 220 26.49 23.24 2.37
C ILE A 220 25.30 22.47 1.82
N ILE A 221 24.61 21.73 2.69
CA ILE A 221 23.49 20.89 2.28
C ILE A 221 22.19 21.61 2.59
N GLY A 222 21.23 21.52 1.67
CA GLY A 222 19.94 22.15 1.84
C GLY A 222 18.81 21.29 1.33
N ALA A 223 17.59 21.83 1.32
CA ALA A 223 16.40 21.09 0.91
C ALA A 223 15.73 21.79 -0.25
N GLY A 224 15.41 21.01 -1.30
CA GLY A 224 14.66 21.51 -2.42
C GLY A 224 13.28 20.86 -2.49
N THR A 225 12.50 21.35 -3.46
CA THR A 225 11.15 20.83 -3.71
C THR A 225 10.27 20.99 -2.46
N VAL A 226 10.41 22.11 -1.77
CA VAL A 226 9.65 22.39 -0.56
C VAL A 226 8.40 23.15 -0.95
N THR A 227 7.23 22.55 -0.68
CA THR A 227 5.96 23.11 -1.11
C THR A 227 5.15 23.75 0.01
N SER A 228 5.26 23.27 1.24
CA SER A 228 4.49 23.77 2.36
C SER A 228 5.43 24.28 3.46
N VAL A 229 4.83 24.85 4.51
CA VAL A 229 5.60 25.32 5.64
C VAL A 229 5.94 24.17 6.58
N GLU A 230 4.98 23.25 6.77
CA GLU A 230 5.28 22.03 7.51
C GLU A 230 6.44 21.28 6.88
N GLN A 231 6.50 21.27 5.54
CA GLN A 231 7.64 20.66 4.86
C GLN A 231 8.92 21.45 5.08
N CYS A 232 8.81 22.78 5.14
CA CYS A 232 9.99 23.60 5.37
C CYS A 232 10.45 23.53 6.82
N ARG A 233 9.49 23.43 7.75
CA ARG A 233 9.84 23.32 9.16
C ARG A 233 10.60 22.03 9.45
N LYS A 234 10.30 20.97 8.72
CA LYS A 234 11.05 19.72 8.87
C LYS A 234 12.39 19.78 8.14
N ALA A 235 12.49 20.58 7.08
CA ALA A 235 13.76 20.73 6.38
C ALA A 235 14.79 21.38 7.28
N VAL A 236 14.44 22.51 7.89
CA VAL A 236 15.24 23.09 8.97
C VAL A 236 15.06 22.19 10.18
N GLU A 237 15.83 22.45 11.24
CA GLU A 237 15.84 21.61 12.44
C GLU A 237 16.44 20.24 12.15
N SER A 238 16.36 19.81 10.89
CA SER A 238 17.05 18.62 10.42
C SER A 238 18.44 18.92 9.86
N GLY A 239 18.80 20.19 9.73
CA GLY A 239 20.14 20.57 9.32
C GLY A 239 20.23 21.35 8.02
N ALA A 240 19.13 21.64 7.33
CA ALA A 240 19.20 22.34 6.05
C ALA A 240 19.63 23.79 6.28
N LEU A 241 20.47 24.29 5.36
CA LEU A 241 20.94 25.66 5.42
C LEU A 241 20.34 26.55 4.35
N PHE A 242 19.57 26.00 3.41
CA PHE A 242 18.85 26.80 2.43
C PHE A 242 17.64 26.01 1.96
N ILE A 243 16.55 26.72 1.69
CA ILE A 243 15.29 26.12 1.24
C ILE A 243 15.03 26.55 -0.19
N VAL A 244 14.70 25.60 -1.05
CA VAL A 244 14.48 25.83 -2.46
C VAL A 244 13.09 25.34 -2.82
N SER A 245 12.28 26.23 -3.39
CA SER A 245 10.89 25.93 -3.76
C SER A 245 10.67 26.19 -5.24
N PRO A 246 9.75 25.44 -5.87
CA PRO A 246 9.49 25.66 -7.30
C PRO A 246 8.73 26.94 -7.58
N HIS A 247 8.05 27.51 -6.60
CA HIS A 247 7.27 28.72 -6.80
C HIS A 247 7.60 29.76 -5.74
N LEU A 248 6.76 30.78 -5.61
CA LEU A 248 6.90 31.80 -4.57
C LEU A 248 5.83 31.54 -3.52
N ASP A 249 6.27 31.25 -2.29
CA ASP A 249 5.37 31.00 -1.18
C ASP A 249 5.51 32.14 -0.16
N GLU A 250 4.38 32.75 0.19
CA GLU A 250 4.41 33.86 1.14
C GLU A 250 4.66 33.40 2.57
N GLU A 251 4.13 32.22 2.93
CA GLU A 251 4.30 31.73 4.30
C GLU A 251 5.69 31.12 4.51
N ILE A 252 6.25 30.47 3.49
CA ILE A 252 7.58 29.89 3.61
C ILE A 252 8.63 30.99 3.77
N SER A 253 8.52 32.06 2.98
CA SER A 253 9.43 33.18 3.13
C SER A 253 9.33 33.80 4.52
N GLN A 254 8.13 33.81 5.10
CA GLN A 254 7.97 34.30 6.47
C GLN A 254 8.69 33.40 7.46
N PHE A 255 8.44 32.09 7.37
CA PHE A 255 9.06 31.15 8.30
C PHE A 255 10.57 31.10 8.12
N CYS A 256 11.05 31.19 6.88
CA CYS A 256 12.49 31.16 6.63
C CYS A 256 13.18 32.40 7.17
N ASP A 257 12.48 33.55 7.15
CA ASP A 257 13.09 34.78 7.66
C ASP A 257 13.28 34.73 9.17
N GLU A 258 12.24 34.33 9.90
CA GLU A 258 12.31 34.30 11.35
C GLU A 258 13.08 33.10 11.89
N ALA A 259 13.38 32.10 11.04
CA ALA A 259 14.20 30.97 11.45
C ALA A 259 15.66 31.13 11.09
N GLY A 260 16.02 32.17 10.35
CA GLY A 260 17.41 32.42 10.00
C GLY A 260 17.97 31.46 8.98
N VAL A 261 17.20 31.11 7.96
CA VAL A 261 17.61 30.18 6.91
C VAL A 261 17.38 30.83 5.55
N ALA A 262 18.33 30.66 4.65
CA ALA A 262 18.19 31.21 3.31
C ALA A 262 17.04 30.54 2.58
N TYR A 263 16.39 31.30 1.70
CA TYR A 263 15.24 30.82 0.94
C TYR A 263 15.30 31.37 -0.47
N ALA A 264 15.35 30.47 -1.45
CA ALA A 264 15.39 30.86 -2.86
C ALA A 264 14.12 30.37 -3.55
N PRO A 265 13.14 31.25 -3.78
CA PRO A 265 11.90 30.80 -4.42
C PRO A 265 12.05 30.74 -5.94
N GLY A 266 11.04 30.14 -6.57
CA GLY A 266 11.03 29.95 -8.02
C GLY A 266 10.20 31.00 -8.71
N VAL A 267 10.73 31.52 -9.82
CA VAL A 267 10.03 32.48 -10.67
C VAL A 267 10.19 32.04 -12.12
N MET A 268 9.43 32.69 -13.00
CA MET A 268 9.43 32.32 -14.40
C MET A 268 9.13 33.50 -15.32
N THR A 269 8.45 34.51 -14.79
CA THR A 269 8.08 35.70 -15.54
C THR A 269 8.53 36.94 -14.81
N PRO A 270 8.73 38.06 -15.53
CA PRO A 270 9.12 39.30 -14.83
C PRO A 270 8.09 39.77 -13.83
N THR A 271 6.81 39.44 -14.02
CA THR A 271 5.79 39.80 -13.04
C THR A 271 5.99 39.04 -11.74
N GLU A 272 6.33 37.75 -11.82
CA GLU A 272 6.67 36.99 -10.62
C GLU A 272 7.97 37.48 -10.02
N LEU A 273 8.88 38.00 -10.84
CA LEU A 273 10.14 38.54 -10.35
C LEU A 273 9.89 39.71 -9.40
N VAL A 274 9.07 40.67 -9.83
CA VAL A 274 8.82 41.85 -9.00
C VAL A 274 8.14 41.45 -7.70
N LYS A 275 7.19 40.51 -7.77
CA LYS A 275 6.54 40.04 -6.56
C LYS A 275 7.51 39.36 -5.62
N ALA A 276 8.54 38.70 -6.17
CA ALA A 276 9.55 38.07 -5.32
C ALA A 276 10.44 39.12 -4.67
N MET A 277 10.74 40.20 -5.39
CA MET A 277 11.51 41.29 -4.80
C MET A 277 10.73 41.98 -3.70
N LYS A 278 9.41 42.09 -3.86
CA LYS A 278 8.59 42.73 -2.84
C LYS A 278 8.64 41.96 -1.52
N LEU A 279 8.79 40.64 -1.58
CA LEU A 279 8.94 39.85 -0.36
C LEU A 279 10.33 39.99 0.25
N GLY A 280 11.32 40.41 -0.53
CA GLY A 280 12.65 40.64 -0.01
C GLY A 280 13.72 39.73 -0.59
N HIS A 281 13.38 39.00 -1.64
CA HIS A 281 14.29 38.03 -2.26
C HIS A 281 14.80 38.58 -3.58
N ARG A 282 16.11 38.80 -3.66
CA ARG A 282 16.76 39.18 -4.91
C ARG A 282 17.64 38.08 -5.46
N ILE A 283 17.76 36.95 -4.77
CA ILE A 283 18.43 35.76 -5.26
C ILE A 283 17.33 34.76 -5.56
N LEU A 284 16.97 34.63 -6.84
CA LEU A 284 15.80 33.87 -7.25
C LEU A 284 16.21 32.61 -8.00
N LYS A 285 15.34 31.60 -7.92
CA LYS A 285 15.50 30.35 -8.66
C LYS A 285 14.67 30.43 -9.93
N LEU A 286 15.33 30.30 -11.08
CA LEU A 286 14.66 30.35 -12.38
C LEU A 286 14.21 28.95 -12.74
N PHE A 287 12.90 28.72 -12.73
CA PHE A 287 12.36 27.37 -12.86
C PHE A 287 11.06 27.35 -13.63
N PRO A 288 10.95 26.55 -14.70
CA PRO A 288 12.06 25.76 -15.26
C PRO A 288 12.97 26.60 -16.14
N GLY A 289 14.27 26.55 -15.89
CA GLY A 289 15.20 27.37 -16.66
C GLY A 289 15.26 26.99 -18.12
N GLU A 290 14.99 25.72 -18.45
CA GLU A 290 15.05 25.28 -19.83
C GLU A 290 13.95 25.88 -20.69
N VAL A 291 12.86 26.34 -20.07
CA VAL A 291 11.74 26.88 -20.85
C VAL A 291 12.00 28.32 -21.25
N VAL A 292 12.51 29.13 -20.31
CA VAL A 292 12.75 30.54 -20.62
C VAL A 292 14.13 30.74 -21.24
N GLY A 293 15.09 29.87 -20.94
CA GLY A 293 16.41 29.94 -21.53
C GLY A 293 17.23 31.10 -21.04
N PRO A 294 18.52 31.12 -21.41
CA PRO A 294 19.39 32.24 -21.00
C PRO A 294 18.97 33.58 -21.58
N GLN A 295 18.11 33.59 -22.61
CA GLN A 295 17.59 34.86 -23.12
C GLN A 295 16.81 35.60 -22.05
N PHE A 296 16.24 34.86 -21.09
CA PHE A 296 15.48 35.50 -20.02
C PHE A 296 16.39 36.22 -19.04
N VAL A 297 17.55 35.61 -18.72
CA VAL A 297 18.47 36.22 -17.76
C VAL A 297 19.07 37.49 -18.34
N LYS A 298 19.47 37.47 -19.61
CA LYS A 298 20.00 38.67 -20.24
C LYS A 298 18.96 39.77 -20.33
N ALA A 299 17.68 39.41 -20.50
CA ALA A 299 16.64 40.41 -20.63
C ALA A 299 16.30 41.06 -19.29
N MET A 300 16.48 40.34 -18.18
CA MET A 300 16.19 40.89 -16.87
C MET A 300 17.31 41.79 -16.34
N LYS A 301 18.50 41.74 -16.93
CA LYS A 301 19.61 42.54 -16.42
C LYS A 301 19.34 44.03 -16.60
N GLY A 302 18.54 44.40 -17.59
CA GLY A 302 18.22 45.79 -17.84
C GLY A 302 17.46 46.43 -16.71
N PRO A 303 16.17 46.08 -16.56
CA PRO A 303 15.35 46.70 -15.52
C PRO A 303 15.60 46.16 -14.12
N PHE A 304 16.29 45.02 -13.98
CA PHE A 304 16.57 44.43 -12.68
C PHE A 304 18.05 44.03 -12.63
N PRO A 305 18.93 44.98 -12.35
CA PRO A 305 20.37 44.68 -12.37
C PRO A 305 20.85 43.99 -11.10
N ASN A 306 20.30 44.38 -9.95
CA ASN A 306 20.70 43.83 -8.67
C ASN A 306 20.03 42.50 -8.36
N VAL A 307 19.40 41.86 -9.35
CA VAL A 307 18.76 40.57 -9.19
C VAL A 307 19.55 39.53 -9.96
N ARG A 308 19.91 38.44 -9.29
CA ARG A 308 20.61 37.33 -9.92
C ARG A 308 19.80 36.05 -9.76
N PHE A 309 19.93 35.16 -10.73
CA PHE A 309 19.11 33.96 -10.81
C PHE A 309 19.96 32.70 -10.66
N VAL A 310 19.29 31.60 -10.33
CA VAL A 310 19.88 30.28 -10.31
C VAL A 310 18.94 29.34 -11.08
N PRO A 311 19.20 29.08 -12.36
CA PRO A 311 18.30 28.23 -13.14
C PRO A 311 18.47 26.76 -12.75
N THR A 312 17.34 26.11 -12.44
CA THR A 312 17.34 24.69 -12.09
C THR A 312 16.30 23.99 -12.97
N GLY A 313 16.57 23.93 -14.27
CA GLY A 313 15.70 23.26 -15.20
C GLY A 313 16.39 22.16 -15.97
N GLY A 314 16.60 22.37 -17.26
CA GLY A 314 17.33 21.41 -18.07
C GLY A 314 18.79 21.80 -18.23
N VAL A 315 19.44 22.12 -17.12
CA VAL A 315 20.84 22.55 -17.16
C VAL A 315 21.71 21.35 -17.49
N ASN A 316 22.46 21.44 -18.58
CA ASN A 316 23.27 20.34 -19.08
C ASN A 316 24.65 20.86 -19.46
N LEU A 317 25.59 19.95 -19.66
CA LEU A 317 26.94 20.34 -20.04
C LEU A 317 26.98 21.16 -21.32
N ASP A 318 25.95 21.06 -22.16
CA ASP A 318 25.92 21.85 -23.38
C ASP A 318 25.54 23.31 -23.10
N ASN A 319 24.47 23.52 -22.32
CA ASN A 319 23.97 24.87 -22.09
C ASN A 319 24.55 25.54 -20.85
N VAL A 320 25.21 24.79 -19.96
CA VAL A 320 25.73 25.38 -18.73
C VAL A 320 26.77 26.44 -19.03
N ALA A 321 27.51 26.29 -20.14
CA ALA A 321 28.46 27.32 -20.52
C ALA A 321 27.74 28.60 -20.94
N GLU A 322 26.61 28.46 -21.65
CA GLU A 322 25.86 29.63 -22.10
C GLU A 322 25.15 30.33 -20.94
N TRP A 323 24.83 29.59 -19.88
CA TRP A 323 24.17 30.21 -18.73
C TRP A 323 25.07 31.21 -18.03
N PHE A 324 26.29 30.80 -17.69
CA PHE A 324 27.21 31.70 -17.02
C PHE A 324 27.69 32.84 -17.93
N LYS A 325 27.65 32.65 -19.26
CA LYS A 325 27.95 33.74 -20.16
C LYS A 325 26.86 34.82 -20.13
N ALA A 326 25.70 34.50 -19.56
CA ALA A 326 24.59 35.44 -19.44
C ALA A 326 24.56 36.14 -18.09
N GLY A 327 25.62 36.03 -17.30
CA GLY A 327 25.66 36.70 -16.00
C GLY A 327 24.83 36.01 -14.94
N VAL A 328 24.90 34.70 -14.86
CA VAL A 328 24.14 33.92 -13.88
C VAL A 328 25.00 33.68 -12.65
N LEU A 329 24.38 33.80 -11.47
CA LEU A 329 25.07 33.56 -10.21
C LEU A 329 25.54 32.11 -10.10
N ALA A 330 24.60 31.17 -10.03
CA ALA A 330 24.92 29.75 -9.95
C ALA A 330 23.87 28.98 -10.73
N VAL A 331 24.18 27.72 -11.02
CA VAL A 331 23.28 26.85 -11.77
C VAL A 331 22.93 25.65 -10.90
N GLY A 332 21.70 25.18 -11.02
CA GLY A 332 21.25 24.00 -10.31
C GLY A 332 21.02 22.83 -11.23
N VAL A 333 21.88 21.82 -11.15
CA VAL A 333 21.84 20.69 -12.07
C VAL A 333 21.35 19.45 -11.33
N GLY A 334 20.63 18.61 -12.06
CA GLY A 334 20.15 17.35 -11.54
C GLY A 334 19.88 16.42 -12.70
N SER A 335 19.85 15.12 -12.40
CA SER A 335 19.70 14.08 -13.41
C SER A 335 20.86 14.10 -14.40
N ALA A 336 21.12 15.24 -15.03
CA ALA A 336 22.31 15.39 -15.85
C ALA A 336 23.60 15.31 -15.04
N LEU A 337 23.50 15.25 -13.71
CA LEU A 337 24.69 15.20 -12.86
C LEU A 337 24.63 14.05 -11.86
N VAL A 338 23.47 13.88 -11.20
CA VAL A 338 23.36 12.99 -10.05
C VAL A 338 22.79 11.63 -10.42
N LYS A 339 22.59 11.35 -11.71
CA LYS A 339 22.02 10.07 -12.13
C LYS A 339 23.13 9.06 -12.39
N GLY A 340 22.94 7.85 -11.89
CA GLY A 340 23.85 6.75 -12.14
C GLY A 340 24.59 6.30 -10.91
N THR A 341 25.67 5.55 -11.14
CA THR A 341 26.49 5.02 -10.07
C THR A 341 27.27 6.16 -9.40
N PRO A 342 27.73 5.96 -8.16
CA PRO A 342 28.58 6.97 -7.53
C PRO A 342 29.83 7.30 -8.33
N ASP A 343 30.40 6.31 -9.04
CA ASP A 343 31.55 6.61 -9.89
C ASP A 343 31.15 7.48 -11.07
N GLU A 344 29.98 7.24 -11.65
CA GLU A 344 29.50 8.08 -12.74
C GLU A 344 29.20 9.49 -12.25
N VAL A 345 28.63 9.61 -11.05
CA VAL A 345 28.33 10.93 -10.50
C VAL A 345 29.62 11.70 -10.24
N ARG A 346 30.67 11.01 -9.78
CA ARG A 346 31.92 11.69 -9.48
C ARG A 346 32.58 12.23 -10.74
N GLU A 347 32.49 11.48 -11.85
CA GLU A 347 33.12 11.94 -13.08
C GLU A 347 32.32 13.05 -13.75
N LYS A 348 30.99 12.98 -13.69
CA LYS A 348 30.18 14.09 -14.19
C LYS A 348 30.30 15.32 -13.32
N ALA A 349 30.57 15.13 -12.01
CA ALA A 349 30.83 16.28 -11.16
C ALA A 349 32.13 16.97 -11.55
N LYS A 350 33.17 16.20 -11.87
CA LYS A 350 34.41 16.80 -12.34
C LYS A 350 34.25 17.45 -13.70
N ALA A 351 33.30 16.95 -14.50
CA ALA A 351 33.10 17.53 -15.83
C ALA A 351 32.38 18.88 -15.75
N PHE A 352 31.38 18.99 -14.87
CA PHE A 352 30.66 20.25 -14.73
C PHE A 352 31.56 21.35 -14.17
N VAL A 353 32.36 21.02 -13.15
CA VAL A 353 33.27 22.00 -12.57
C VAL A 353 34.31 22.44 -13.59
N GLU A 354 34.73 21.53 -14.47
CA GLU A 354 35.73 21.88 -15.47
C GLU A 354 35.14 22.81 -16.54
N LYS A 355 33.91 22.57 -16.96
CA LYS A 355 33.30 23.41 -17.99
C LYS A 355 32.86 24.76 -17.44
N ILE A 356 32.56 24.83 -16.15
CA ILE A 356 32.19 26.11 -15.55
C ILE A 356 33.39 27.04 -15.47
N LYS A 357 34.58 26.48 -15.22
CA LYS A 357 35.79 27.29 -15.18
C LYS A 357 36.02 28.03 -16.50
N ALA A 358 35.63 27.42 -17.62
CA ALA A 358 35.71 28.05 -18.94
C ALA A 358 37.11 28.56 -19.27
N SER B 12 -11.21 69.79 -68.04
CA SER B 12 -11.36 69.67 -66.59
C SER B 12 -11.95 70.95 -66.00
N GLU B 13 -11.86 72.05 -66.75
CA GLU B 13 -12.47 73.30 -66.30
C GLU B 13 -13.99 73.23 -66.29
N GLU B 14 -14.58 72.29 -67.04
CA GLU B 14 -16.03 72.14 -67.06
C GLU B 14 -16.53 71.57 -65.73
N GLU B 15 -15.92 70.48 -65.28
CA GLU B 15 -16.33 69.89 -64.00
C GLU B 15 -15.87 70.74 -62.82
N GLN B 16 -14.80 71.52 -62.99
CA GLN B 16 -14.37 72.44 -61.95
C GLN B 16 -15.47 73.45 -61.66
N GLU B 17 -16.05 74.04 -62.71
CA GLU B 17 -17.19 74.94 -62.52
C GLU B 17 -18.39 74.19 -61.95
N ARG B 18 -18.52 72.90 -62.27
CA ARG B 18 -19.65 72.12 -61.75
C ARG B 18 -19.56 71.99 -60.23
N ILE B 19 -18.35 71.83 -59.69
CA ILE B 19 -18.19 71.78 -58.25
C ILE B 19 -18.54 73.12 -57.63
N ARG B 20 -18.23 74.21 -58.32
CA ARG B 20 -18.60 75.53 -57.83
C ARG B 20 -20.10 75.77 -57.92
N ARG B 21 -20.72 75.26 -58.98
CA ARG B 21 -22.17 75.45 -59.16
C ARG B 21 -22.95 74.69 -58.10
N ILE B 22 -22.49 73.51 -57.72
CA ILE B 22 -23.14 72.77 -56.64
C ILE B 22 -23.03 73.54 -55.33
N LEU B 23 -21.88 74.19 -55.11
CA LEU B 23 -21.70 74.97 -53.89
C LEU B 23 -22.66 76.14 -53.84
N LYS B 24 -22.68 76.98 -54.88
CA LYS B 24 -23.52 78.16 -54.87
C LYS B 24 -24.99 77.80 -54.74
N GLU B 25 -25.42 76.70 -55.37
CA GLU B 25 -26.82 76.31 -55.27
C GLU B 25 -27.12 75.63 -53.94
N ALA B 26 -26.15 74.96 -53.33
CA ALA B 26 -26.37 74.37 -52.01
C ALA B 26 -26.47 75.45 -50.93
N ARG B 27 -25.71 76.54 -51.07
CA ARG B 27 -25.80 77.63 -50.11
C ARG B 27 -27.11 78.39 -50.27
N LYS B 28 -27.55 78.59 -51.51
CA LYS B 28 -28.85 79.24 -51.74
C LYS B 28 -29.98 78.41 -51.18
N SER B 29 -29.85 77.08 -51.22
CA SER B 29 -30.86 76.18 -50.66
C SER B 29 -30.71 76.18 -49.14
N GLY B 30 -31.67 76.79 -48.45
CA GLY B 30 -31.63 76.84 -47.00
C GLY B 30 -31.90 75.51 -46.32
N THR B 31 -32.35 74.51 -47.07
CA THR B 31 -32.63 73.21 -46.48
C THR B 31 -31.33 72.51 -46.08
N GLU B 32 -31.36 71.83 -44.93
CA GLU B 32 -30.18 71.11 -44.47
C GLU B 32 -29.98 69.80 -45.22
N GLU B 33 -31.06 69.21 -45.74
CA GLU B 33 -30.92 67.95 -46.48
C GLU B 33 -30.10 68.16 -47.75
N SER B 34 -30.33 69.28 -48.45
CA SER B 34 -29.55 69.57 -49.64
C SER B 34 -28.09 69.85 -49.31
N LEU B 35 -27.78 70.22 -48.07
CA LEU B 35 -26.39 70.43 -47.68
C LEU B 35 -25.64 69.09 -47.63
N ARG B 36 -26.16 68.13 -46.88
CA ARG B 36 -25.51 66.82 -46.84
C ARG B 36 -25.65 66.09 -48.18
N GLN B 37 -26.68 66.41 -48.95
CA GLN B 37 -26.79 65.86 -50.29
C GLN B 37 -25.71 66.43 -51.21
N ALA B 38 -25.34 67.70 -51.01
CA ALA B 38 -24.24 68.27 -51.79
C ALA B 38 -22.91 67.60 -51.46
N ILE B 39 -22.76 67.09 -50.24
CA ILE B 39 -21.56 66.34 -49.89
C ILE B 39 -21.45 65.09 -50.75
N GLU B 40 -22.54 64.33 -50.85
CA GLU B 40 -22.53 63.11 -51.64
C GLU B 40 -22.48 63.41 -53.13
N ASP B 41 -23.03 64.54 -53.56
CA ASP B 41 -22.94 64.91 -54.97
C ASP B 41 -21.50 65.24 -55.36
N VAL B 42 -20.79 66.00 -54.52
CA VAL B 42 -19.39 66.31 -54.79
C VAL B 42 -18.55 65.05 -54.74
N ALA B 43 -18.83 64.16 -53.78
CA ALA B 43 -18.10 62.90 -53.70
C ALA B 43 -18.39 62.00 -54.90
N GLN B 44 -19.61 62.06 -55.44
CA GLN B 44 -19.95 61.22 -56.58
C GLN B 44 -19.14 61.60 -57.81
N LEU B 45 -19.04 62.90 -58.10
CA LEU B 45 -18.28 63.34 -59.26
C LEU B 45 -16.78 63.17 -59.04
N ALA B 46 -16.34 63.19 -57.79
CA ALA B 46 -14.93 62.93 -57.50
C ALA B 46 -14.57 61.48 -57.73
N LYS B 47 -15.52 60.57 -57.58
CA LYS B 47 -15.26 59.16 -57.86
C LYS B 47 -15.07 58.91 -59.35
N LYS B 48 -15.69 59.73 -60.20
CA LYS B 48 -15.57 59.59 -61.65
C LYS B 48 -14.36 60.32 -62.21
N SER B 49 -13.60 61.03 -61.38
CA SER B 49 -12.46 61.80 -61.84
C SER B 49 -11.17 60.98 -61.72
N GLN B 50 -10.13 61.46 -62.41
CA GLN B 50 -8.81 60.83 -62.33
C GLN B 50 -7.68 61.84 -62.25
N ASP B 51 -7.97 63.11 -61.98
CA ASP B 51 -6.95 64.13 -61.85
C ASP B 51 -6.70 64.45 -60.38
N SER B 52 -5.46 64.85 -60.09
CA SER B 52 -5.09 65.12 -58.70
C SER B 52 -5.68 66.43 -58.20
N GLU B 53 -5.67 67.48 -59.04
CA GLU B 53 -6.15 68.79 -58.60
C GLU B 53 -7.66 68.79 -58.40
N VAL B 54 -8.39 67.96 -59.12
CA VAL B 54 -9.84 67.93 -58.99
C VAL B 54 -10.25 67.42 -57.61
N LEU B 55 -9.55 66.39 -57.12
CA LEU B 55 -9.92 65.80 -55.83
C LEU B 55 -9.61 66.73 -54.68
N GLU B 56 -8.58 67.57 -54.81
CA GLU B 56 -8.25 68.51 -53.75
C GLU B 56 -9.30 69.61 -53.63
N GLU B 57 -9.78 70.12 -54.77
CA GLU B 57 -10.84 71.12 -54.73
C GLU B 57 -12.13 70.54 -54.17
N ALA B 58 -12.42 69.28 -54.52
CA ALA B 58 -13.64 68.64 -54.02
C ALA B 58 -13.58 68.42 -52.51
N ILE B 59 -12.42 68.03 -52.00
CA ILE B 59 -12.28 67.75 -50.56
C ILE B 59 -12.42 69.03 -49.76
N ARG B 60 -11.68 70.08 -50.15
CA ARG B 60 -11.76 71.36 -49.46
C ARG B 60 -13.13 72.00 -49.59
N VAL B 61 -13.94 71.55 -50.54
CA VAL B 61 -15.31 72.06 -50.68
C VAL B 61 -16.22 71.46 -49.62
N ILE B 62 -16.08 70.15 -49.35
CA ILE B 62 -16.92 69.48 -48.38
C ILE B 62 -16.73 70.04 -46.97
N LEU B 63 -15.59 70.70 -46.73
CA LEU B 63 -15.35 71.32 -45.42
C LEU B 63 -16.40 72.36 -45.10
N ARG B 64 -16.56 73.35 -45.98
CA ARG B 64 -17.45 74.47 -45.70
C ARG B 64 -18.92 74.07 -45.64
N ILE B 65 -19.30 72.97 -46.30
CA ILE B 65 -20.70 72.56 -46.31
C ILE B 65 -21.11 72.05 -44.94
N ALA B 66 -20.35 71.10 -44.39
CA ALA B 66 -20.72 70.52 -43.11
C ALA B 66 -20.58 71.53 -41.97
N LYS B 67 -19.57 72.41 -42.05
CA LYS B 67 -19.40 73.42 -41.02
C LYS B 67 -20.57 74.38 -40.97
N GLU B 68 -21.20 74.65 -42.13
CA GLU B 68 -22.39 75.49 -42.15
C GLU B 68 -23.62 74.73 -41.68
N SER B 69 -23.62 73.39 -41.81
CA SER B 69 -24.76 72.60 -41.36
C SER B 69 -24.87 72.63 -39.84
N GLY B 70 -23.74 72.56 -39.13
CA GLY B 70 -23.76 72.63 -37.69
C GLY B 70 -24.26 71.39 -36.99
N SER B 71 -24.35 70.27 -37.70
CA SER B 71 -24.81 69.01 -37.13
C SER B 71 -23.75 67.94 -37.31
N GLU B 72 -23.56 67.11 -36.28
CA GLU B 72 -22.55 66.07 -36.33
C GLU B 72 -22.82 65.04 -37.40
N GLU B 73 -24.07 64.86 -37.81
CA GLU B 73 -24.39 63.90 -38.87
C GLU B 73 -23.76 64.31 -40.18
N ALA B 74 -23.65 65.61 -40.45
CA ALA B 74 -23.00 66.07 -41.67
C ALA B 74 -21.49 66.05 -41.56
N LEU B 75 -20.96 66.29 -40.35
CA LEU B 75 -19.51 66.27 -40.16
C LEU B 75 -18.95 64.86 -40.30
N ARG B 76 -19.63 63.88 -39.69
CA ARG B 76 -19.17 62.50 -39.80
C ARG B 76 -19.35 61.96 -41.22
N GLN B 77 -20.42 62.37 -41.89
CA GLN B 77 -20.60 61.99 -43.29
C GLN B 77 -19.53 62.59 -44.18
N ALA B 78 -19.00 63.75 -43.79
CA ALA B 78 -17.91 64.36 -44.56
C ALA B 78 -16.60 63.63 -44.37
N ILE B 79 -16.36 63.07 -43.18
CA ILE B 79 -15.13 62.34 -42.92
C ILE B 79 -15.05 61.09 -43.78
N ARG B 80 -16.19 60.40 -43.97
CA ARG B 80 -16.18 59.21 -44.80
C ARG B 80 -16.02 59.56 -46.28
N ALA B 81 -16.47 60.75 -46.67
CA ALA B 81 -16.36 61.16 -48.07
C ALA B 81 -14.91 61.48 -48.44
N VAL B 82 -14.23 62.26 -47.60
CA VAL B 82 -12.84 62.60 -47.90
C VAL B 82 -11.95 61.36 -47.82
N ALA B 83 -12.26 60.45 -46.89
CA ALA B 83 -11.47 59.23 -46.77
C ALA B 83 -11.61 58.36 -48.02
N GLU B 84 -12.81 58.33 -48.61
CA GLU B 84 -13.01 57.55 -49.82
C GLU B 84 -12.30 58.18 -51.01
N ILE B 85 -12.31 59.51 -51.10
CA ILE B 85 -11.61 60.19 -52.19
C ILE B 85 -10.11 59.97 -52.08
N ALA B 86 -9.58 59.97 -50.85
CA ALA B 86 -8.15 59.73 -50.66
C ALA B 86 -7.75 58.31 -51.06
N LYS B 87 -8.63 57.34 -50.83
CA LYS B 87 -8.33 55.98 -51.26
C LYS B 87 -8.39 55.83 -52.77
N GLU B 88 -9.24 56.61 -53.43
CA GLU B 88 -9.34 56.57 -54.89
C GLU B 88 -8.20 57.30 -55.57
N ALA B 89 -7.46 58.14 -54.86
CA ALA B 89 -6.46 58.99 -55.48
C ALA B 89 -5.16 58.22 -55.69
N GLN B 90 -4.21 58.89 -56.35
CA GLN B 90 -2.88 58.34 -56.61
C GLN B 90 -1.75 59.27 -56.23
N ASP B 91 -2.00 60.58 -56.09
CA ASP B 91 -0.97 61.53 -55.74
C ASP B 91 -0.95 61.72 -54.23
N SER B 92 0.24 61.61 -53.63
CA SER B 92 0.39 61.78 -52.19
C SER B 92 0.10 63.21 -51.75
N GLU B 93 0.08 64.16 -52.69
CA GLU B 93 -0.27 65.54 -52.35
C GLU B 93 -1.72 65.62 -51.88
N VAL B 94 -2.61 64.84 -52.49
CA VAL B 94 -4.01 64.85 -52.09
C VAL B 94 -4.19 64.14 -50.75
N LEU B 95 -3.40 63.08 -50.50
CA LEU B 95 -3.54 62.34 -49.25
C LEU B 95 -3.10 63.18 -48.05
N GLU B 96 -2.06 64.00 -48.24
CA GLU B 96 -1.62 64.88 -47.15
C GLU B 96 -2.68 65.94 -46.84
N GLU B 97 -3.35 66.45 -47.87
CA GLU B 97 -4.42 67.42 -47.64
C GLU B 97 -5.66 66.75 -47.07
N ALA B 98 -5.91 65.49 -47.42
CA ALA B 98 -7.05 64.77 -46.86
C ALA B 98 -6.90 64.59 -45.35
N ILE B 99 -5.69 64.26 -44.90
CA ILE B 99 -5.45 64.08 -43.47
C ILE B 99 -5.62 65.39 -42.73
N ARG B 100 -5.07 66.48 -43.29
CA ARG B 100 -5.23 67.78 -42.65
C ARG B 100 -6.68 68.26 -42.69
N VAL B 101 -7.47 67.78 -43.66
CA VAL B 101 -8.87 68.14 -43.72
C VAL B 101 -9.68 67.36 -42.68
N ILE B 102 -9.40 66.07 -42.53
CA ILE B 102 -10.09 65.27 -41.53
C ILE B 102 -9.87 65.85 -40.13
N LEU B 103 -8.67 66.37 -39.88
CA LEU B 103 -8.41 67.06 -38.61
C LEU B 103 -9.34 68.25 -38.42
N ARG B 104 -9.57 69.01 -39.50
CA ARG B 104 -10.45 70.17 -39.40
C ARG B 104 -11.90 69.78 -39.15
N ILE B 105 -12.34 68.65 -39.70
CA ILE B 105 -13.72 68.21 -39.49
C ILE B 105 -13.90 67.70 -38.06
N ALA B 106 -12.99 66.84 -37.61
CA ALA B 106 -13.12 66.26 -36.27
C ALA B 106 -12.96 67.32 -35.18
N LYS B 107 -12.08 68.30 -35.41
CA LYS B 107 -11.90 69.37 -34.43
C LYS B 107 -13.15 70.23 -34.31
N GLU B 108 -13.90 70.41 -35.41
CA GLU B 108 -15.12 71.21 -35.35
C GLU B 108 -16.20 70.52 -34.51
N SER B 109 -16.35 69.21 -34.67
CA SER B 109 -17.32 68.47 -33.87
C SER B 109 -16.86 68.35 -32.43
N GLY B 110 -15.69 67.78 -32.21
CA GLY B 110 -15.13 67.65 -30.88
C GLY B 110 -15.89 66.75 -29.93
N SER B 111 -16.82 65.95 -30.43
CA SER B 111 -17.61 65.07 -29.60
C SER B 111 -17.00 63.68 -29.44
N GLU B 112 -15.81 63.45 -30.02
CA GLU B 112 -15.01 62.25 -29.84
C GLU B 112 -15.61 61.03 -30.53
N GLU B 113 -16.91 61.07 -30.85
CA GLU B 113 -17.45 60.05 -31.77
C GLU B 113 -16.80 60.17 -33.13
N ALA B 114 -16.51 61.39 -33.56
CA ALA B 114 -15.78 61.62 -34.81
C ALA B 114 -14.27 61.56 -34.62
N LEU B 115 -13.77 61.89 -33.42
CA LEU B 115 -12.33 61.82 -33.18
C LEU B 115 -11.82 60.39 -33.28
N ARG B 116 -12.60 59.43 -32.76
CA ARG B 116 -12.23 58.03 -32.93
C ARG B 116 -12.32 57.61 -34.40
N GLN B 117 -13.37 58.07 -35.10
CA GLN B 117 -13.49 57.77 -36.52
C GLN B 117 -12.42 58.48 -37.33
N ALA B 118 -12.01 59.68 -36.91
CA ALA B 118 -10.99 60.42 -37.63
C ALA B 118 -9.63 59.73 -37.51
N LEU B 119 -9.29 59.23 -36.32
CA LEU B 119 -8.03 58.53 -36.13
C LEU B 119 -7.96 57.29 -37.01
N ARG B 120 -9.02 56.48 -37.01
CA ARG B 120 -9.04 55.28 -37.84
C ARG B 120 -8.97 55.62 -39.32
N ALA B 121 -9.51 56.78 -39.70
CA ALA B 121 -9.41 57.21 -41.10
C ALA B 121 -8.01 57.68 -41.43
N VAL B 122 -7.39 58.48 -40.55
CA VAL B 122 -6.05 58.99 -40.80
C VAL B 122 -5.05 57.84 -40.87
N ALA B 123 -5.16 56.87 -39.96
CA ALA B 123 -4.25 55.73 -39.98
C ALA B 123 -4.49 54.86 -41.20
N GLU B 124 -5.73 54.79 -41.69
CA GLU B 124 -6.01 54.00 -42.89
C GLU B 124 -5.44 54.66 -44.13
N ILE B 125 -5.46 56.00 -44.18
CA ILE B 125 -4.87 56.70 -45.31
C ILE B 125 -3.35 56.52 -45.30
N ALA B 126 -2.73 56.59 -44.12
CA ALA B 126 -1.29 56.36 -44.02
C ALA B 126 -0.91 54.92 -44.31
N GLU B 127 -1.84 53.98 -44.14
CA GLU B 127 -1.54 52.58 -44.43
C GLU B 127 -1.27 52.38 -45.92
N GLU B 128 -2.13 52.95 -46.77
CA GLU B 128 -1.94 52.87 -48.22
C GLU B 128 -1.20 54.12 -48.72
N ALA B 129 0.05 54.25 -48.25
CA ALA B 129 0.91 55.37 -48.61
C ALA B 129 2.22 54.81 -49.17
N LYS B 130 2.67 55.39 -50.28
CA LYS B 130 3.88 54.90 -50.93
C LYS B 130 5.15 55.49 -50.32
N ASP B 131 5.09 56.72 -49.82
CA ASP B 131 6.25 57.39 -49.25
C ASP B 131 6.00 57.72 -47.78
N GLU B 132 7.08 58.09 -47.09
CA GLU B 132 7.03 58.34 -45.66
C GLU B 132 6.42 59.69 -45.31
N ARG B 133 6.40 60.64 -46.25
CA ARG B 133 5.87 61.97 -45.96
C ARG B 133 4.43 61.89 -45.46
N VAL B 134 3.61 61.02 -46.06
CA VAL B 134 2.23 60.88 -45.62
C VAL B 134 2.18 60.30 -44.21
N ARG B 135 3.02 59.31 -43.92
CA ARG B 135 3.02 58.71 -42.59
C ARG B 135 3.57 59.68 -41.54
N LYS B 136 4.49 60.56 -41.94
CA LYS B 136 4.95 61.59 -41.01
C LYS B 136 3.89 62.64 -40.77
N GLU B 137 3.09 62.95 -41.81
CA GLU B 137 1.96 63.85 -41.63
C GLU B 137 0.92 63.23 -40.69
N ALA B 138 0.66 61.94 -40.85
CA ALA B 138 -0.35 61.27 -40.04
C ALA B 138 0.01 61.29 -38.56
N VAL B 139 1.20 60.76 -38.22
CA VAL B 139 1.60 60.66 -36.82
C VAL B 139 1.52 62.00 -36.13
N ARG B 140 1.94 63.07 -36.80
CA ARG B 140 1.86 64.40 -36.21
C ARG B 140 0.42 64.86 -36.04
N VAL B 141 -0.46 64.49 -36.96
CA VAL B 141 -1.87 64.88 -36.85
C VAL B 141 -2.56 64.08 -35.76
N MET B 142 -2.35 62.75 -35.75
CA MET B 142 -2.97 61.92 -34.73
C MET B 142 -2.53 62.32 -33.34
N LEU B 143 -1.27 62.75 -33.19
CA LEU B 143 -0.82 63.32 -31.92
C LEU B 143 -1.63 64.56 -31.58
N GLN B 144 -1.81 65.46 -32.55
CA GLN B 144 -2.61 66.65 -32.32
C GLN B 144 -4.07 66.31 -32.07
N ILE B 145 -4.60 65.32 -32.79
CA ILE B 145 -5.99 64.91 -32.59
C ILE B 145 -6.18 64.42 -31.15
N ALA B 146 -5.28 63.55 -30.67
CA ALA B 146 -5.35 63.12 -29.29
C ALA B 146 -5.06 64.27 -28.33
N LYS B 147 -4.17 65.19 -28.72
CA LYS B 147 -3.89 66.35 -27.88
C LYS B 147 -5.06 67.33 -27.90
N GLU B 148 -5.61 67.59 -29.08
CA GLU B 148 -6.79 68.47 -29.16
C GLU B 148 -7.98 67.86 -28.43
N SER B 149 -8.10 66.53 -28.44
CA SER B 149 -9.11 65.87 -27.64
C SER B 149 -8.88 66.12 -26.16
N GLY B 150 -7.72 65.73 -25.66
CA GLY B 150 -7.34 65.97 -24.27
C GLY B 150 -8.33 65.41 -23.28
N SER B 151 -8.67 64.13 -23.43
CA SER B 151 -9.66 63.49 -22.57
C SER B 151 -9.13 62.14 -22.11
N LYS B 152 -10.04 61.29 -21.61
CA LYS B 152 -9.62 60.02 -21.03
C LYS B 152 -9.22 59.01 -22.10
N GLU B 153 -9.95 58.98 -23.21
CA GLU B 153 -9.66 58.01 -24.26
C GLU B 153 -8.84 58.64 -25.38
N ALA B 154 -8.97 58.10 -26.59
CA ALA B 154 -8.31 58.61 -27.80
C ALA B 154 -6.80 58.41 -27.79
N VAL B 155 -6.15 58.63 -26.64
CA VAL B 155 -4.70 58.43 -26.55
C VAL B 155 -4.33 56.98 -26.83
N LYS B 156 -5.14 56.04 -26.33
CA LYS B 156 -4.88 54.63 -26.61
C LYS B 156 -5.17 54.30 -28.06
N LEU B 157 -6.24 54.86 -28.62
CA LEU B 157 -6.53 54.64 -30.03
C LEU B 157 -5.47 55.28 -30.91
N ALA B 158 -4.98 56.46 -30.54
CA ALA B 158 -3.85 57.05 -31.25
C ALA B 158 -2.62 56.17 -31.13
N PHE B 159 -2.30 55.71 -29.91
CA PHE B 159 -1.15 54.84 -29.71
C PHE B 159 -1.27 53.58 -30.54
N GLU B 160 -2.46 52.95 -30.53
CA GLU B 160 -2.66 51.73 -31.30
C GLU B 160 -2.53 52.00 -32.80
N MET B 161 -3.12 53.10 -33.28
CA MET B 161 -3.08 53.39 -34.71
C MET B 161 -1.70 53.86 -35.14
N ILE B 162 -1.04 54.69 -34.33
CA ILE B 162 0.29 55.17 -34.70
C ILE B 162 1.27 54.00 -34.76
N LEU B 163 1.21 53.09 -33.80
CA LEU B 163 2.03 51.88 -33.87
C LEU B 163 1.69 51.07 -35.11
N ARG B 164 0.40 51.03 -35.47
CA ARG B 164 -0.01 50.33 -36.69
C ARG B 164 0.57 50.98 -37.94
N VAL B 165 0.91 52.27 -37.87
CA VAL B 165 1.50 52.97 -39.00
C VAL B 165 3.02 52.89 -38.99
N VAL B 166 3.64 53.13 -37.83
CA VAL B 166 5.10 53.15 -37.76
C VAL B 166 5.67 51.74 -37.76
N ARG B 167 4.91 50.75 -37.30
CA ARG B 167 5.26 49.32 -37.38
C ARG B 167 6.46 48.94 -36.52
N ILE B 168 7.48 49.79 -36.44
CA ILE B 168 8.70 49.47 -35.72
C ILE B 168 9.04 50.59 -34.75
N ILE B 169 9.42 50.21 -33.53
CA ILE B 169 9.77 51.16 -32.47
C ILE B 169 11.13 50.74 -31.91
N ALA B 170 12.10 51.66 -31.96
CA ALA B 170 13.46 51.32 -31.59
C ALA B 170 13.66 51.43 -30.07
N VAL B 171 14.62 50.65 -29.58
CA VAL B 171 14.99 50.63 -28.16
C VAL B 171 16.44 51.08 -28.08
N LEU B 172 16.65 52.34 -27.70
CA LEU B 172 17.97 52.96 -27.72
C LEU B 172 18.55 53.03 -26.32
N ARG B 173 19.87 52.82 -26.23
CA ARG B 173 20.57 52.89 -24.95
C ARG B 173 22.04 53.20 -25.21
N ALA B 174 22.51 54.32 -24.68
CA ALA B 174 23.90 54.72 -24.80
C ALA B 174 24.24 55.66 -23.65
N ASN B 175 25.46 55.53 -23.12
CA ASN B 175 25.83 56.30 -21.94
C ASN B 175 26.00 57.78 -22.23
N SER B 176 26.46 58.12 -23.44
CA SER B 176 26.69 59.50 -23.83
C SER B 176 25.47 60.03 -24.58
N VAL B 177 24.91 61.13 -24.08
CA VAL B 177 23.77 61.75 -24.77
C VAL B 177 24.20 62.25 -26.15
N GLU B 178 25.48 62.56 -26.31
CA GLU B 178 25.98 62.94 -27.64
C GLU B 178 25.94 61.76 -28.60
N GLU B 179 26.30 60.56 -28.11
CA GLU B 179 26.21 59.37 -28.94
C GLU B 179 24.78 58.88 -29.10
N ALA B 180 23.95 59.05 -28.06
CA ALA B 180 22.58 58.56 -28.13
C ALA B 180 21.77 59.33 -29.17
N LYS B 181 21.84 60.66 -29.14
CA LYS B 181 21.14 61.47 -30.13
C LYS B 181 21.71 61.25 -31.53
N GLU B 182 23.01 60.92 -31.62
CA GLU B 182 23.58 60.53 -32.91
C GLU B 182 22.91 59.27 -33.44
N LYS B 183 22.48 58.38 -32.55
CA LYS B 183 21.78 57.16 -32.97
C LYS B 183 20.29 57.42 -33.19
N ALA B 184 19.69 58.28 -32.37
CA ALA B 184 18.26 58.57 -32.49
C ALA B 184 17.96 59.24 -33.82
N LEU B 185 18.72 60.28 -34.17
CA LEU B 185 18.61 60.85 -35.50
C LEU B 185 18.96 59.82 -36.57
N ALA B 186 19.90 58.94 -36.27
CA ALA B 186 20.31 57.93 -37.24
C ALA B 186 19.18 56.95 -37.52
N VAL B 187 18.53 56.43 -36.47
CA VAL B 187 17.39 55.56 -36.66
C VAL B 187 16.23 56.34 -37.28
N PHE B 188 16.15 57.64 -37.01
CA PHE B 188 15.21 58.50 -37.73
C PHE B 188 15.52 58.51 -39.22
N GLU B 189 16.79 58.68 -39.57
CA GLU B 189 17.19 58.76 -40.98
C GLU B 189 16.75 57.54 -41.78
N GLY B 190 16.72 56.37 -41.13
CA GLY B 190 16.22 55.18 -41.79
C GLY B 190 14.74 55.22 -42.11
N GLY B 191 14.00 56.08 -41.42
CA GLY B 191 12.58 56.26 -41.68
C GLY B 191 11.64 55.44 -40.82
N VAL B 192 12.15 54.77 -39.79
CA VAL B 192 11.28 53.94 -38.97
C VAL B 192 10.41 54.79 -38.04
N LEU B 193 10.93 55.95 -37.61
CA LEU B 193 10.25 56.83 -36.66
C LEU B 193 9.90 56.11 -35.35
N ALA B 194 9.21 56.81 -34.45
CA ALA B 194 8.73 56.26 -33.19
C ALA B 194 9.86 55.57 -32.41
N ILE B 195 10.74 56.41 -31.88
CA ILE B 195 11.90 55.94 -31.13
C ILE B 195 11.56 55.89 -29.65
N GLU B 196 11.92 54.79 -29.00
CA GLU B 196 11.75 54.64 -27.56
C GLU B 196 13.12 54.58 -26.90
N ILE B 197 13.32 55.41 -25.88
CA ILE B 197 14.60 55.56 -25.21
C ILE B 197 14.51 54.93 -23.82
N THR B 198 15.50 54.11 -23.48
CA THR B 198 15.51 53.47 -22.17
C THR B 198 15.85 54.47 -21.09
N PHE B 199 15.22 54.29 -19.92
CA PHE B 199 15.40 55.16 -18.77
C PHE B 199 16.62 54.75 -17.92
N THR B 200 17.26 53.63 -18.24
CA THR B 200 18.49 53.25 -17.54
C THR B 200 19.59 54.27 -17.76
N VAL B 201 19.68 54.85 -18.96
CA VAL B 201 20.64 55.89 -19.30
C VAL B 201 20.59 56.98 -18.24
N PRO B 202 21.76 57.42 -17.70
CA PRO B 202 21.74 58.35 -16.57
C PRO B 202 20.95 59.63 -16.83
N ASP B 203 21.31 60.35 -17.87
CA ASP B 203 20.64 61.62 -18.19
C ASP B 203 19.47 61.41 -19.14
N ALA B 204 18.65 60.39 -18.88
CA ALA B 204 17.57 60.03 -19.80
C ALA B 204 16.50 61.11 -19.88
N ASP B 205 16.28 61.87 -18.80
CA ASP B 205 15.34 62.98 -18.85
C ASP B 205 15.72 63.97 -19.94
N THR B 206 17.01 64.27 -20.08
CA THR B 206 17.44 65.26 -21.05
C THR B 206 17.33 64.74 -22.48
N VAL B 207 17.61 63.44 -22.70
CA VAL B 207 17.61 62.92 -24.07
C VAL B 207 16.22 62.99 -24.66
N ILE B 208 15.19 62.72 -23.86
CA ILE B 208 13.83 62.73 -24.38
C ILE B 208 13.27 64.14 -24.48
N LYS B 209 13.88 65.11 -23.81
CA LYS B 209 13.45 66.50 -23.93
C LYS B 209 14.09 67.18 -25.12
N GLU B 210 15.39 66.92 -25.36
CA GLU B 210 16.07 67.52 -26.51
C GLU B 210 15.68 66.86 -27.81
N LEU B 211 15.19 65.62 -27.77
CA LEU B 211 14.69 64.95 -28.96
C LEU B 211 13.20 65.18 -29.17
N SER B 212 12.59 66.11 -28.43
CA SER B 212 11.18 66.42 -28.60
C SER B 212 10.90 67.16 -29.91
N PHE B 213 11.93 67.65 -30.60
CA PHE B 213 11.72 68.29 -31.88
C PHE B 213 11.42 67.28 -32.99
N LEU B 214 11.67 65.99 -32.76
CA LEU B 214 11.24 64.97 -33.69
C LEU B 214 9.74 64.74 -33.62
N GLU B 215 9.11 65.08 -32.50
CA GLU B 215 7.66 64.92 -32.36
C GLU B 215 6.90 65.77 -33.38
N LYS B 216 7.46 66.92 -33.75
CA LYS B 216 6.81 67.82 -34.70
C LYS B 216 7.08 67.47 -36.15
N GLU B 217 7.89 66.44 -36.42
CA GLU B 217 8.19 66.02 -37.78
C GLU B 217 7.63 64.64 -38.11
N GLY B 218 6.79 64.08 -37.23
CA GLY B 218 6.17 62.80 -37.47
C GLY B 218 6.68 61.64 -36.64
N ALA B 219 7.44 61.90 -35.58
CA ALA B 219 7.96 60.86 -34.71
C ALA B 219 7.29 60.94 -33.35
N ILE B 220 7.48 59.88 -32.56
CA ILE B 220 6.96 59.82 -31.20
C ILE B 220 8.04 59.27 -30.28
N ILE B 221 8.33 59.99 -29.21
CA ILE B 221 9.37 59.61 -28.26
C ILE B 221 8.69 59.19 -26.96
N GLY B 222 9.22 58.12 -26.35
CA GLY B 222 8.68 57.62 -25.10
C GLY B 222 9.76 57.01 -24.24
N ALA B 223 9.40 56.74 -22.99
CA ALA B 223 10.31 56.16 -22.02
C ALA B 223 9.98 54.69 -21.80
N GLY B 224 11.01 53.91 -21.46
CA GLY B 224 10.84 52.49 -21.24
C GLY B 224 11.61 52.05 -20.00
N THR B 225 11.42 50.77 -19.64
CA THR B 225 11.98 50.19 -18.42
C THR B 225 11.64 51.03 -17.19
N VAL B 226 10.47 51.67 -17.22
CA VAL B 226 10.02 52.51 -16.10
C VAL B 226 9.40 51.63 -15.03
N THR B 227 9.88 51.76 -13.80
CA THR B 227 9.48 50.88 -12.72
C THR B 227 8.75 51.57 -11.58
N SER B 228 8.87 52.88 -11.42
CA SER B 228 8.26 53.59 -10.31
C SER B 228 7.48 54.79 -10.83
N VAL B 229 6.48 55.20 -10.05
CA VAL B 229 5.67 56.37 -10.41
C VAL B 229 6.55 57.61 -10.46
N GLU B 230 7.48 57.73 -9.50
CA GLU B 230 8.40 58.86 -9.49
C GLU B 230 9.20 58.94 -10.79
N GLN B 231 9.68 57.79 -11.28
CA GLN B 231 10.42 57.78 -12.54
C GLN B 231 9.52 58.14 -13.71
N CYS B 232 8.26 57.73 -13.66
CA CYS B 232 7.33 58.03 -14.74
C CYS B 232 6.95 59.50 -14.76
N ARG B 233 6.79 60.11 -13.59
CA ARG B 233 6.52 61.55 -13.53
C ARG B 233 7.65 62.33 -14.17
N LYS B 234 8.89 61.89 -13.96
CA LYS B 234 10.03 62.55 -14.60
C LYS B 234 10.00 62.40 -16.11
N ALA B 235 9.42 61.31 -16.62
CA ALA B 235 9.37 61.09 -18.06
C ALA B 235 8.31 61.98 -18.72
N VAL B 236 7.13 62.08 -18.13
CA VAL B 236 6.06 62.86 -18.75
C VAL B 236 6.36 64.36 -18.66
N GLU B 237 7.11 64.77 -17.64
CA GLU B 237 7.52 66.17 -17.57
C GLU B 237 8.60 66.51 -18.60
N SER B 238 9.33 65.51 -19.08
CA SER B 238 10.38 65.73 -20.06
C SER B 238 9.91 65.65 -21.50
N GLY B 239 8.74 65.05 -21.74
CA GLY B 239 8.19 65.01 -23.08
C GLY B 239 7.88 63.61 -23.59
N ALA B 240 7.92 62.62 -22.70
CA ALA B 240 7.61 61.25 -23.11
C ALA B 240 6.11 61.13 -23.39
N LEU B 241 5.78 60.50 -24.52
CA LEU B 241 4.39 60.34 -24.92
C LEU B 241 3.88 58.91 -24.73
N PHE B 242 4.74 57.97 -24.35
CA PHE B 242 4.32 56.61 -24.01
C PHE B 242 5.34 55.98 -23.08
N ILE B 243 4.85 55.18 -22.14
CA ILE B 243 5.68 54.53 -21.12
C ILE B 243 5.56 53.03 -21.31
N VAL B 244 6.66 52.42 -21.77
CA VAL B 244 6.63 51.03 -22.17
C VAL B 244 6.56 50.10 -20.96
N SER B 245 7.46 50.26 -19.98
CA SER B 245 7.40 49.53 -18.70
C SER B 245 7.92 48.09 -18.83
N PRO B 246 8.27 47.39 -17.71
CA PRO B 246 8.69 45.99 -17.82
C PRO B 246 7.64 44.97 -17.40
N HIS B 247 6.71 45.40 -16.56
CA HIS B 247 5.65 44.55 -16.02
C HIS B 247 4.51 45.47 -15.61
N LEU B 248 3.32 44.88 -15.43
CA LEU B 248 2.17 45.69 -15.07
C LEU B 248 2.36 46.28 -13.67
N ASP B 249 2.11 47.58 -13.56
CA ASP B 249 2.16 48.30 -12.29
C ASP B 249 0.81 48.98 -12.08
N GLU B 250 0.19 48.69 -10.94
CA GLU B 250 -1.13 49.26 -10.65
C GLU B 250 -1.04 50.75 -10.35
N GLU B 251 0.01 51.18 -9.65
CA GLU B 251 0.13 52.60 -9.30
C GLU B 251 0.44 53.44 -10.53
N ILE B 252 1.33 52.96 -11.40
CA ILE B 252 1.67 53.68 -12.63
C ILE B 252 0.45 53.81 -13.52
N SER B 253 -0.19 52.67 -13.85
CA SER B 253 -1.33 52.66 -14.76
C SER B 253 -2.38 53.70 -14.39
N GLN B 254 -2.57 53.95 -13.09
CA GLN B 254 -3.48 54.99 -12.66
C GLN B 254 -2.92 56.39 -12.86
N PHE B 255 -1.59 56.54 -12.88
CA PHE B 255 -0.99 57.84 -13.11
C PHE B 255 -1.00 58.23 -14.58
N CYS B 256 -0.82 57.26 -15.49
CA CYS B 256 -0.87 57.57 -16.91
C CYS B 256 -2.27 57.99 -17.33
N ASP B 257 -3.30 57.34 -16.77
CA ASP B 257 -4.68 57.68 -17.12
C ASP B 257 -5.03 59.08 -16.63
N GLU B 258 -4.52 59.48 -15.47
CA GLU B 258 -4.76 60.83 -14.97
C GLU B 258 -3.94 61.87 -15.74
N ALA B 259 -2.75 61.48 -16.20
CA ALA B 259 -1.88 62.39 -16.94
C ALA B 259 -2.13 62.36 -18.45
N GLY B 260 -3.00 61.46 -18.92
CA GLY B 260 -3.30 61.40 -20.34
C GLY B 260 -2.16 60.92 -21.21
N VAL B 261 -1.40 59.93 -20.74
CA VAL B 261 -0.29 59.36 -21.47
C VAL B 261 -0.56 57.88 -21.68
N ALA B 262 -0.19 57.36 -22.85
CA ALA B 262 -0.41 55.96 -23.16
C ALA B 262 0.55 55.08 -22.37
N TYR B 263 0.07 53.90 -21.97
CA TYR B 263 0.83 52.99 -21.12
C TYR B 263 0.59 51.57 -21.60
N ALA B 264 1.67 50.88 -21.99
CA ALA B 264 1.59 49.52 -22.54
C ALA B 264 2.38 48.57 -21.65
N PRO B 265 1.79 48.06 -20.56
CA PRO B 265 2.55 47.27 -19.60
C PRO B 265 3.04 45.95 -20.20
N GLY B 266 3.91 45.29 -19.44
CA GLY B 266 4.54 44.06 -19.88
C GLY B 266 3.88 42.83 -19.27
N VAL B 267 3.56 41.87 -20.13
CA VAL B 267 2.97 40.60 -19.73
C VAL B 267 3.71 39.47 -20.43
N MET B 268 3.57 38.25 -19.89
CA MET B 268 4.18 37.08 -20.50
C MET B 268 3.32 35.82 -20.43
N THR B 269 2.24 35.80 -19.66
CA THR B 269 1.34 34.68 -19.56
C THR B 269 -0.08 35.16 -19.80
N PRO B 270 -0.99 34.25 -20.18
CA PRO B 270 -2.39 34.66 -20.34
C PRO B 270 -3.02 35.15 -19.05
N THR B 271 -2.56 34.66 -17.89
CA THR B 271 -3.11 35.13 -16.63
C THR B 271 -2.70 36.57 -16.35
N GLU B 272 -1.45 36.92 -16.67
CA GLU B 272 -1.03 38.32 -16.56
C GLU B 272 -1.72 39.19 -17.60
N LEU B 273 -2.13 38.59 -18.73
CA LEU B 273 -2.88 39.34 -19.74
C LEU B 273 -4.24 39.76 -19.22
N VAL B 274 -4.94 38.85 -18.53
CA VAL B 274 -6.27 39.16 -18.03
C VAL B 274 -6.20 40.27 -16.98
N LYS B 275 -5.22 40.20 -16.08
CA LYS B 275 -5.07 41.25 -15.07
C LYS B 275 -4.75 42.59 -15.71
N ALA B 276 -4.09 42.58 -16.87
CA ALA B 276 -3.82 43.82 -17.58
C ALA B 276 -5.08 44.36 -18.24
N MET B 277 -5.97 43.48 -18.70
CA MET B 277 -7.23 43.93 -19.26
C MET B 277 -8.19 44.43 -18.18
N LYS B 278 -8.08 43.87 -16.97
CA LYS B 278 -8.93 44.32 -15.87
C LYS B 278 -8.65 45.77 -15.48
N LEU B 279 -7.48 46.30 -15.84
CA LEU B 279 -7.15 47.70 -15.61
C LEU B 279 -7.28 48.54 -16.88
N GLY B 280 -7.85 47.99 -17.94
CA GLY B 280 -8.09 48.74 -19.16
C GLY B 280 -6.88 48.90 -20.04
N HIS B 281 -6.22 47.79 -20.37
CA HIS B 281 -5.03 47.83 -21.23
C HIS B 281 -5.11 46.66 -22.22
N ARG B 282 -5.58 46.96 -23.43
CA ARG B 282 -5.57 45.98 -24.51
C ARG B 282 -4.33 46.12 -25.40
N ILE B 283 -3.57 47.19 -25.25
CA ILE B 283 -2.27 47.35 -25.91
C ILE B 283 -1.21 46.95 -24.89
N LEU B 284 -0.60 45.79 -25.11
CA LEU B 284 0.31 45.20 -24.14
C LEU B 284 1.70 45.04 -24.73
N LYS B 285 2.68 44.87 -23.84
CA LYS B 285 4.06 44.61 -24.21
C LYS B 285 4.38 43.15 -23.89
N LEU B 286 4.80 42.41 -24.91
CA LEU B 286 5.16 41.00 -24.74
C LEU B 286 6.65 40.95 -24.40
N PHE B 287 6.95 40.67 -23.13
CA PHE B 287 8.32 40.81 -22.65
C PHE B 287 8.69 39.69 -21.69
N PRO B 288 9.74 38.92 -21.98
CA PRO B 288 10.54 39.02 -23.21
C PRO B 288 9.88 38.33 -24.39
N GLY B 289 9.87 39.00 -25.55
CA GLY B 289 9.20 38.43 -26.70
C GLY B 289 9.88 37.18 -27.25
N GLU B 290 11.21 37.14 -27.17
CA GLU B 290 11.95 35.99 -27.68
C GLU B 290 11.68 34.73 -26.87
N VAL B 291 11.22 34.85 -25.64
CA VAL B 291 11.00 33.68 -24.80
C VAL B 291 9.73 32.95 -25.24
N VAL B 292 8.65 33.68 -25.45
CA VAL B 292 7.39 33.05 -25.82
C VAL B 292 7.28 32.83 -27.33
N GLY B 293 7.90 33.70 -28.12
CA GLY B 293 7.91 33.55 -29.56
C GLY B 293 6.61 33.94 -30.21
N PRO B 294 6.59 33.96 -31.55
CA PRO B 294 5.35 34.31 -32.26
C PRO B 294 4.22 33.31 -32.06
N GLN B 295 4.49 32.12 -31.52
CA GLN B 295 3.43 31.18 -31.23
C GLN B 295 2.49 31.71 -30.15
N PHE B 296 2.99 32.59 -29.28
CA PHE B 296 2.17 33.13 -28.20
C PHE B 296 1.12 34.09 -28.73
N VAL B 297 1.52 35.04 -29.58
CA VAL B 297 0.58 36.03 -30.10
C VAL B 297 -0.43 35.37 -31.02
N LYS B 298 -0.04 34.29 -31.71
CA LYS B 298 -1.00 33.53 -32.51
C LYS B 298 -2.03 32.84 -31.63
N ALA B 299 -1.60 32.29 -30.49
CA ALA B 299 -2.51 31.57 -29.60
C ALA B 299 -3.40 32.50 -28.80
N MET B 300 -3.06 33.78 -28.69
CA MET B 300 -3.89 34.73 -27.94
C MET B 300 -5.01 35.33 -28.77
N LYS B 301 -4.99 35.16 -30.10
CA LYS B 301 -6.01 35.76 -30.94
C LYS B 301 -7.37 35.13 -30.70
N GLY B 302 -7.41 33.81 -30.50
CA GLY B 302 -8.65 33.10 -30.29
C GLY B 302 -9.37 33.52 -29.03
N PRO B 303 -8.77 33.25 -27.86
CA PRO B 303 -9.44 33.61 -26.60
C PRO B 303 -9.54 35.10 -26.37
N PHE B 304 -8.61 35.90 -26.88
CA PHE B 304 -8.60 37.34 -26.66
C PHE B 304 -8.46 38.07 -27.99
N PRO B 305 -9.55 38.19 -28.74
CA PRO B 305 -9.52 39.03 -29.95
C PRO B 305 -9.44 40.50 -29.59
N ASN B 306 -9.27 41.32 -30.63
CA ASN B 306 -9.05 42.78 -30.53
C ASN B 306 -8.01 43.15 -29.48
N VAL B 307 -7.12 42.22 -29.12
CA VAL B 307 -6.03 42.47 -28.18
C VAL B 307 -4.73 42.19 -28.91
N ARG B 308 -3.86 43.21 -28.99
CA ARG B 308 -2.61 43.10 -29.71
C ARG B 308 -1.45 43.45 -28.79
N PHE B 309 -0.27 42.92 -29.12
CA PHE B 309 0.93 43.10 -28.32
C PHE B 309 2.00 43.81 -29.14
N VAL B 310 3.03 44.27 -28.43
CA VAL B 310 4.24 44.79 -29.06
C VAL B 310 5.43 44.03 -28.49
N PRO B 311 5.86 42.95 -29.14
CA PRO B 311 6.97 42.15 -28.60
C PRO B 311 8.30 42.89 -28.73
N THR B 312 8.97 43.10 -27.60
CA THR B 312 10.28 43.74 -27.57
C THR B 312 11.20 42.87 -26.72
N GLY B 313 11.95 41.99 -27.40
CA GLY B 313 12.90 41.12 -26.74
C GLY B 313 14.11 40.85 -27.61
N GLY B 314 14.19 39.65 -28.18
CA GLY B 314 15.25 39.32 -29.10
C GLY B 314 14.83 39.42 -30.55
N VAL B 315 14.19 40.54 -30.90
CA VAL B 315 13.70 40.74 -32.26
C VAL B 315 14.85 41.23 -33.13
N ASN B 316 15.04 40.59 -34.29
CA ASN B 316 16.09 40.94 -35.21
C ASN B 316 15.53 40.86 -36.63
N LEU B 317 16.43 40.89 -37.62
CA LEU B 317 15.99 40.83 -39.01
C LEU B 317 15.42 39.46 -39.36
N ASP B 318 15.93 38.40 -38.75
CA ASP B 318 15.37 37.07 -38.98
C ASP B 318 14.09 36.84 -38.21
N ASN B 319 13.90 37.54 -37.10
CA ASN B 319 12.70 37.39 -36.28
C ASN B 319 11.53 38.24 -36.76
N VAL B 320 11.79 39.51 -37.10
CA VAL B 320 10.72 40.44 -37.42
C VAL B 320 9.86 39.99 -38.60
N ALA B 321 10.42 39.15 -39.49
CA ALA B 321 9.65 38.69 -40.64
C ALA B 321 8.50 37.79 -40.20
N GLU B 322 8.73 36.95 -39.19
CA GLU B 322 7.70 36.03 -38.71
C GLU B 322 6.91 36.58 -37.53
N TRP B 323 7.28 37.74 -36.99
CA TRP B 323 6.47 38.34 -35.94
C TRP B 323 5.21 39.00 -36.53
N PHE B 324 5.34 39.63 -37.69
CA PHE B 324 4.20 40.36 -38.26
C PHE B 324 3.22 39.43 -38.97
N LYS B 325 3.68 38.28 -39.47
CA LYS B 325 2.74 37.32 -40.04
C LYS B 325 1.82 36.75 -38.97
N ALA B 326 2.26 36.75 -37.72
CA ALA B 326 1.43 36.30 -36.60
C ALA B 326 0.45 37.37 -36.14
N GLY B 327 0.59 38.60 -36.59
CA GLY B 327 -0.39 39.63 -36.31
C GLY B 327 -0.05 40.55 -35.16
N VAL B 328 1.22 40.92 -35.02
CA VAL B 328 1.62 41.85 -33.98
C VAL B 328 1.33 43.28 -34.44
N LEU B 329 1.06 44.16 -33.47
CA LEU B 329 0.85 45.56 -33.79
C LEU B 329 2.15 46.22 -34.24
N ALA B 330 3.15 46.23 -33.36
CA ALA B 330 4.48 46.73 -33.67
C ALA B 330 5.50 45.83 -32.99
N VAL B 331 6.78 46.05 -33.32
CA VAL B 331 7.86 45.27 -32.75
C VAL B 331 8.90 46.23 -32.18
N GLY B 332 9.48 45.86 -31.04
CA GLY B 332 10.49 46.66 -30.41
C GLY B 332 11.88 46.05 -30.51
N VAL B 333 12.73 46.65 -31.35
CA VAL B 333 14.09 46.17 -31.55
C VAL B 333 15.05 47.09 -30.80
N GLY B 334 16.14 46.51 -30.30
CA GLY B 334 17.10 47.26 -29.52
C GLY B 334 18.53 47.16 -30.01
N SER B 335 19.24 46.13 -29.55
CA SER B 335 20.65 45.99 -29.91
C SER B 335 20.83 45.65 -31.40
N ALA B 336 19.87 44.93 -31.99
CA ALA B 336 19.97 44.56 -33.39
C ALA B 336 19.78 45.73 -34.33
N LEU B 337 19.40 46.90 -33.82
CA LEU B 337 19.16 48.07 -34.66
C LEU B 337 20.02 49.25 -34.27
N VAL B 338 20.10 49.58 -32.99
CA VAL B 338 20.70 50.83 -32.56
C VAL B 338 22.20 50.70 -32.26
N LYS B 339 22.65 49.54 -31.80
CA LYS B 339 24.04 49.38 -31.40
C LYS B 339 24.97 49.51 -32.60
N GLY B 340 25.97 50.38 -32.47
CA GLY B 340 26.99 50.58 -33.48
C GLY B 340 27.12 52.04 -33.84
N THR B 341 27.86 52.30 -34.92
CA THR B 341 28.05 53.66 -35.40
C THR B 341 26.74 54.20 -35.98
N PRO B 342 26.52 55.52 -35.87
CA PRO B 342 25.24 56.08 -36.35
C PRO B 342 24.97 55.81 -37.82
N ASP B 343 25.95 56.05 -38.70
CA ASP B 343 25.71 55.87 -40.13
C ASP B 343 25.38 54.43 -40.47
N GLU B 344 25.87 53.47 -39.69
CA GLU B 344 25.55 52.07 -39.96
C GLU B 344 24.16 51.68 -39.47
N VAL B 345 23.69 52.29 -38.39
CA VAL B 345 22.33 52.01 -37.93
C VAL B 345 21.28 52.77 -38.73
N ARG B 346 21.69 53.76 -39.52
CA ARG B 346 20.79 54.32 -40.52
C ARG B 346 20.48 53.29 -41.60
N GLU B 347 21.49 52.52 -42.01
CA GLU B 347 21.28 51.46 -42.98
C GLU B 347 20.54 50.28 -42.36
N LYS B 348 20.71 50.06 -41.06
CA LYS B 348 19.93 49.02 -40.39
C LYS B 348 18.48 49.44 -40.22
N ALA B 349 18.23 50.73 -39.96
CA ALA B 349 16.87 51.21 -39.87
C ALA B 349 16.15 51.12 -41.22
N LYS B 350 16.88 51.37 -42.31
CA LYS B 350 16.31 51.15 -43.63
C LYS B 350 16.07 49.67 -43.90
N ALA B 351 16.93 48.81 -43.36
CA ALA B 351 16.79 47.37 -43.61
C ALA B 351 15.57 46.80 -42.89
N PHE B 352 15.30 47.28 -41.68
CA PHE B 352 14.13 46.79 -40.95
C PHE B 352 12.83 47.26 -41.58
N VAL B 353 12.80 48.50 -42.08
CA VAL B 353 11.62 49.00 -42.77
C VAL B 353 11.36 48.20 -44.03
N GLU B 354 12.43 47.91 -44.79
CA GLU B 354 12.28 47.12 -46.01
C GLU B 354 11.81 45.70 -45.70
N LYS B 355 12.27 45.13 -44.58
CA LYS B 355 11.86 43.78 -44.22
C LYS B 355 10.41 43.73 -43.77
N ILE B 356 9.93 44.79 -43.10
CA ILE B 356 8.55 44.82 -42.63
C ILE B 356 7.58 44.97 -43.80
N LYS B 357 7.91 45.85 -44.75
CA LYS B 357 7.03 46.10 -45.88
C LYS B 357 6.82 44.87 -46.75
N ALA B 358 7.74 43.90 -46.71
CA ALA B 358 7.61 42.69 -47.51
C ALA B 358 6.85 41.59 -46.77
N ALA B 359 7.31 41.23 -45.57
CA ALA B 359 6.67 40.19 -44.79
C ALA B 359 6.58 40.58 -43.31
N SER C 12 -17.32 -24.11 -21.25
CA SER C 12 -18.53 -24.46 -22.00
C SER C 12 -19.74 -24.47 -21.09
N GLU C 13 -20.74 -25.27 -21.46
CA GLU C 13 -21.98 -25.35 -20.68
C GLU C 13 -21.91 -26.33 -19.53
N GLU C 14 -20.83 -27.13 -19.42
CA GLU C 14 -20.63 -27.90 -18.20
C GLU C 14 -20.21 -26.98 -17.06
N GLU C 15 -19.54 -25.87 -17.37
CA GLU C 15 -19.27 -24.84 -16.38
C GLU C 15 -20.51 -24.00 -16.09
N GLN C 16 -21.36 -23.80 -17.11
CA GLN C 16 -22.58 -23.03 -16.91
C GLN C 16 -23.51 -23.71 -15.93
N GLU C 17 -23.60 -25.04 -16.00
CA GLU C 17 -24.40 -25.78 -15.01
C GLU C 17 -23.79 -25.68 -13.63
N ARG C 18 -22.46 -25.59 -13.53
CA ARG C 18 -21.81 -25.45 -12.23
C ARG C 18 -22.16 -24.11 -11.59
N ILE C 19 -22.23 -23.05 -12.39
CA ILE C 19 -22.58 -21.73 -11.86
C ILE C 19 -24.02 -21.73 -11.35
N ARG C 20 -24.91 -22.45 -12.03
CA ARG C 20 -26.28 -22.57 -11.55
C ARG C 20 -26.32 -23.26 -10.19
N ARG C 21 -25.45 -24.25 -9.99
CA ARG C 21 -25.42 -24.97 -8.72
C ARG C 21 -24.84 -24.10 -7.61
N ILE C 22 -23.83 -23.28 -7.92
CA ILE C 22 -23.24 -22.40 -6.92
C ILE C 22 -24.27 -21.43 -6.39
N LEU C 23 -25.14 -20.93 -7.27
CA LEU C 23 -26.16 -19.98 -6.84
C LEU C 23 -27.28 -20.67 -6.06
N LYS C 24 -27.72 -21.83 -6.53
CA LYS C 24 -28.81 -22.53 -5.87
C LYS C 24 -28.39 -23.05 -4.50
N GLU C 25 -27.16 -23.55 -4.39
CA GLU C 25 -26.71 -24.11 -3.11
C GLU C 25 -26.40 -23.02 -2.10
N ALA C 26 -25.75 -21.94 -2.53
CA ALA C 26 -25.45 -20.84 -1.62
C ALA C 26 -26.72 -20.12 -1.18
N ARG C 27 -27.75 -20.11 -2.02
CA ARG C 27 -29.01 -19.49 -1.63
C ARG C 27 -29.74 -20.34 -0.59
N LYS C 28 -29.62 -21.67 -0.68
CA LYS C 28 -30.19 -22.53 0.34
C LYS C 28 -29.53 -22.33 1.69
N SER C 29 -28.23 -21.99 1.70
CA SER C 29 -27.55 -21.70 2.95
C SER C 29 -28.04 -20.41 3.58
N GLY C 30 -28.03 -19.32 2.82
CA GLY C 30 -28.51 -18.04 3.29
C GLY C 30 -27.51 -17.24 4.11
N THR C 31 -26.48 -17.88 4.66
CA THR C 31 -25.48 -17.17 5.43
C THR C 31 -24.67 -16.25 4.53
N GLU C 32 -24.50 -14.99 4.96
CA GLU C 32 -23.80 -14.02 4.13
C GLU C 32 -22.36 -14.44 3.86
N GLU C 33 -21.76 -15.23 4.75
CA GLU C 33 -20.40 -15.69 4.52
C GLU C 33 -20.33 -16.68 3.37
N SER C 34 -21.41 -17.45 3.16
CA SER C 34 -21.44 -18.38 2.03
C SER C 34 -21.84 -17.68 0.74
N LEU C 35 -22.64 -16.61 0.83
CA LEU C 35 -22.92 -15.81 -0.36
C LEU C 35 -21.70 -15.01 -0.78
N ARG C 36 -20.92 -14.53 0.18
CA ARG C 36 -19.66 -13.86 -0.15
C ARG C 36 -18.66 -14.85 -0.75
N GLN C 37 -18.65 -16.09 -0.25
CA GLN C 37 -17.79 -17.11 -0.84
C GLN C 37 -18.29 -17.56 -2.21
N ALA C 38 -19.61 -17.48 -2.44
CA ALA C 38 -20.15 -17.85 -3.74
C ALA C 38 -19.68 -16.90 -4.83
N ILE C 39 -19.43 -15.63 -4.49
CA ILE C 39 -18.92 -14.68 -5.47
C ILE C 39 -17.50 -15.06 -5.89
N GLU C 40 -16.63 -15.33 -4.91
CA GLU C 40 -15.25 -15.70 -5.23
C GLU C 40 -15.16 -17.08 -5.87
N ASP C 41 -16.16 -17.94 -5.66
CA ASP C 41 -16.19 -19.22 -6.35
C ASP C 41 -16.56 -19.04 -7.82
N VAL C 42 -17.54 -18.19 -8.10
CA VAL C 42 -17.92 -17.91 -9.49
C VAL C 42 -16.78 -17.22 -10.21
N ALA C 43 -16.16 -16.22 -9.58
CA ALA C 43 -15.03 -15.53 -10.19
C ALA C 43 -13.83 -16.46 -10.37
N GLN C 44 -13.76 -17.55 -9.60
CA GLN C 44 -12.66 -18.50 -9.76
C GLN C 44 -12.82 -19.30 -11.05
N LEU C 45 -13.98 -19.93 -11.23
CA LEU C 45 -14.21 -20.70 -12.44
C LEU C 45 -14.36 -19.82 -13.67
N ALA C 46 -14.77 -18.56 -13.49
CA ALA C 46 -14.78 -17.63 -14.62
C ALA C 46 -13.38 -17.25 -15.05
N LYS C 47 -12.42 -17.27 -14.11
CA LYS C 47 -11.04 -16.97 -14.45
C LYS C 47 -10.40 -18.09 -15.26
N LYS C 48 -10.84 -19.34 -15.05
CA LYS C 48 -10.26 -20.47 -15.74
C LYS C 48 -10.84 -20.72 -17.13
N SER C 49 -11.96 -20.09 -17.47
CA SER C 49 -12.63 -20.31 -18.74
C SER C 49 -12.38 -19.16 -19.70
N GLN C 50 -12.48 -19.47 -21.00
CA GLN C 50 -12.35 -18.48 -22.07
C GLN C 50 -13.54 -18.68 -23.01
N ASP C 51 -14.66 -18.06 -22.66
CA ASP C 51 -15.89 -18.17 -23.44
C ASP C 51 -16.69 -16.91 -23.22
N SER C 52 -17.06 -16.23 -24.31
CA SER C 52 -17.80 -14.97 -24.20
C SER C 52 -19.14 -15.16 -23.51
N GLU C 53 -19.73 -16.35 -23.62
CA GLU C 53 -21.02 -16.62 -23.00
C GLU C 53 -20.89 -17.07 -21.55
N VAL C 54 -19.82 -17.80 -21.22
CA VAL C 54 -19.60 -18.21 -19.84
C VAL C 54 -19.24 -17.01 -18.97
N LEU C 55 -18.45 -16.08 -19.52
CA LEU C 55 -18.04 -14.91 -18.75
C LEU C 55 -19.21 -13.97 -18.48
N GLU C 56 -19.92 -13.58 -19.55
CA GLU C 56 -21.00 -12.61 -19.39
C GLU C 56 -22.20 -13.18 -18.63
N GLU C 57 -22.25 -14.50 -18.42
CA GLU C 57 -23.23 -15.09 -17.52
C GLU C 57 -22.72 -15.15 -16.09
N ALA C 58 -21.40 -15.34 -15.91
CA ALA C 58 -20.83 -15.36 -14.57
C ALA C 58 -21.00 -14.02 -13.87
N ILE C 59 -20.99 -12.92 -14.62
CA ILE C 59 -21.16 -11.62 -13.99
C ILE C 59 -22.62 -11.28 -13.76
N ARG C 60 -23.55 -11.92 -14.47
CA ARG C 60 -24.95 -11.78 -14.13
C ARG C 60 -25.24 -12.45 -12.79
N VAL C 61 -24.59 -13.59 -12.53
CA VAL C 61 -24.80 -14.30 -11.28
C VAL C 61 -24.17 -13.54 -10.12
N ILE C 62 -22.99 -12.94 -10.34
CA ILE C 62 -22.35 -12.16 -9.28
C ILE C 62 -23.23 -10.99 -8.88
N LEU C 63 -23.73 -10.23 -9.88
CA LEU C 63 -24.79 -9.26 -9.59
C LEU C 63 -26.00 -9.95 -9.00
N ARG C 64 -26.32 -11.16 -9.48
CA ARG C 64 -27.51 -11.85 -9.02
C ARG C 64 -27.40 -12.16 -7.53
N ILE C 65 -26.18 -12.37 -7.04
CA ILE C 65 -25.96 -12.62 -5.61
C ILE C 65 -25.98 -11.28 -4.90
N ALA C 66 -27.13 -10.61 -4.92
CA ALA C 66 -27.33 -9.40 -4.12
C ALA C 66 -28.33 -9.65 -2.99
N LYS C 67 -28.67 -10.92 -2.71
CA LYS C 67 -29.62 -11.21 -1.63
C LYS C 67 -29.14 -10.68 -0.30
N GLU C 68 -27.87 -10.89 0.01
CA GLU C 68 -27.23 -10.25 1.14
C GLU C 68 -26.76 -8.88 0.68
N SER C 69 -27.47 -7.83 1.10
CA SER C 69 -27.06 -6.48 0.75
C SER C 69 -25.65 -6.24 1.26
N GLY C 70 -24.75 -5.92 0.34
CA GLY C 70 -23.38 -5.63 0.74
C GLY C 70 -23.31 -4.50 1.75
N SER C 71 -24.13 -3.48 1.55
CA SER C 71 -23.99 -2.24 2.32
C SER C 71 -22.52 -1.82 2.33
N GLU C 72 -21.92 -1.83 1.14
CA GLU C 72 -20.53 -1.46 0.94
C GLU C 72 -19.55 -2.53 1.41
N GLU C 73 -20.01 -3.79 1.46
CA GLU C 73 -19.12 -4.91 1.77
C GLU C 73 -19.21 -5.93 0.65
N ALA C 74 -20.34 -6.62 0.48
CA ALA C 74 -20.44 -7.62 -0.57
C ALA C 74 -20.59 -6.98 -1.95
N LEU C 75 -21.31 -5.85 -2.03
CA LEU C 75 -21.52 -5.20 -3.33
C LEU C 75 -20.20 -4.73 -3.92
N ARG C 76 -19.33 -4.13 -3.12
CA ARG C 76 -18.04 -3.69 -3.62
C ARG C 76 -17.10 -4.85 -3.90
N GLN C 77 -17.29 -5.99 -3.23
CA GLN C 77 -16.57 -7.20 -3.64
C GLN C 77 -17.04 -7.68 -5.01
N ALA C 78 -18.32 -7.49 -5.31
CA ALA C 78 -18.84 -7.86 -6.63
C ALA C 78 -18.25 -6.97 -7.71
N ILE C 79 -18.03 -5.69 -7.42
CA ILE C 79 -17.50 -4.76 -8.42
C ILE C 79 -16.09 -5.18 -8.83
N ARG C 80 -15.24 -5.52 -7.87
CA ARG C 80 -13.88 -5.94 -8.21
C ARG C 80 -13.89 -7.27 -8.96
N ALA C 81 -14.86 -8.14 -8.66
CA ALA C 81 -14.91 -9.44 -9.34
C ALA C 81 -15.34 -9.27 -10.79
N VAL C 82 -16.39 -8.48 -11.05
CA VAL C 82 -16.84 -8.28 -12.42
C VAL C 82 -15.83 -7.44 -13.20
N ALA C 83 -15.13 -6.52 -12.52
CA ALA C 83 -14.09 -5.78 -13.20
C ALA C 83 -12.90 -6.67 -13.53
N GLU C 84 -12.66 -7.72 -12.74
CA GLU C 84 -11.60 -8.66 -13.04
C GLU C 84 -11.98 -9.56 -14.21
N ILE C 85 -13.25 -9.98 -14.28
CA ILE C 85 -13.70 -10.81 -15.38
C ILE C 85 -13.64 -10.04 -16.69
N ALA C 86 -13.97 -8.75 -16.66
CA ALA C 86 -13.89 -7.93 -17.86
C ALA C 86 -12.45 -7.69 -18.29
N LYS C 87 -11.53 -7.64 -17.33
CA LYS C 87 -10.12 -7.43 -17.66
C LYS C 87 -9.56 -8.64 -18.41
N GLU C 88 -9.92 -9.85 -17.98
CA GLU C 88 -9.42 -11.06 -18.60
C GLU C 88 -10.18 -11.43 -19.87
N ALA C 89 -11.26 -10.73 -20.20
CA ALA C 89 -12.05 -11.04 -21.38
C ALA C 89 -11.47 -10.34 -22.60
N GLN C 90 -12.01 -10.70 -23.77
CA GLN C 90 -11.58 -10.10 -25.03
C GLN C 90 -12.78 -9.62 -25.84
N ASP C 91 -13.93 -10.26 -25.64
CA ASP C 91 -15.15 -9.86 -26.37
C ASP C 91 -15.68 -8.56 -25.79
N SER C 92 -16.01 -7.61 -26.67
CA SER C 92 -16.49 -6.31 -26.22
C SER C 92 -17.88 -6.40 -25.62
N GLU C 93 -18.68 -7.40 -26.01
CA GLU C 93 -20.00 -7.56 -25.42
C GLU C 93 -19.92 -7.87 -23.93
N VAL C 94 -18.84 -8.52 -23.50
CA VAL C 94 -18.64 -8.77 -22.08
C VAL C 94 -18.27 -7.47 -21.38
N LEU C 95 -17.46 -6.63 -22.03
CA LEU C 95 -17.07 -5.36 -21.43
C LEU C 95 -18.26 -4.42 -21.30
N GLU C 96 -19.14 -4.39 -22.29
CA GLU C 96 -20.35 -3.56 -22.18
C GLU C 96 -21.25 -4.06 -21.06
N GLU C 97 -21.43 -5.38 -20.96
CA GLU C 97 -22.26 -5.93 -19.89
C GLU C 97 -21.63 -5.69 -18.53
N ALA C 98 -20.29 -5.66 -18.46
CA ALA C 98 -19.62 -5.41 -17.19
C ALA C 98 -19.83 -3.99 -16.71
N ILE C 99 -19.77 -3.02 -17.63
CA ILE C 99 -19.96 -1.62 -17.25
C ILE C 99 -21.39 -1.39 -16.73
N ARG C 100 -22.38 -1.94 -17.42
CA ARG C 100 -23.76 -1.75 -16.98
C ARG C 100 -24.04 -2.44 -15.66
N VAL C 101 -23.41 -3.60 -15.41
CA VAL C 101 -23.60 -4.30 -14.15
C VAL C 101 -22.96 -3.52 -13.00
N ILE C 102 -21.74 -3.00 -13.21
CA ILE C 102 -21.07 -2.21 -12.19
C ILE C 102 -21.93 -1.01 -11.80
N LEU C 103 -22.59 -0.39 -12.79
CA LEU C 103 -23.48 0.73 -12.50
C LEU C 103 -24.62 0.29 -11.60
N ARG C 104 -25.23 -0.86 -11.87
CA ARG C 104 -26.35 -1.31 -11.07
C ARG C 104 -25.93 -1.75 -9.68
N ILE C 105 -24.70 -2.26 -9.54
CA ILE C 105 -24.20 -2.62 -8.22
C ILE C 105 -23.92 -1.38 -7.39
N ALA C 106 -23.25 -0.39 -7.98
CA ALA C 106 -22.99 0.86 -7.26
C ALA C 106 -24.27 1.63 -7.01
N LYS C 107 -25.24 1.55 -7.92
CA LYS C 107 -26.52 2.21 -7.70
C LYS C 107 -27.30 1.56 -6.56
N GLU C 108 -27.16 0.24 -6.41
CA GLU C 108 -27.81 -0.46 -5.30
C GLU C 108 -27.19 -0.06 -3.97
N SER C 109 -25.87 0.15 -3.94
CA SER C 109 -25.20 0.54 -2.70
C SER C 109 -25.49 1.98 -2.35
N GLY C 110 -25.28 2.89 -3.30
CA GLY C 110 -25.48 4.31 -3.07
C GLY C 110 -24.43 4.98 -2.22
N SER C 111 -23.50 4.22 -1.64
CA SER C 111 -22.45 4.81 -0.83
C SER C 111 -21.44 5.55 -1.70
N GLU C 112 -20.76 6.53 -1.11
CA GLU C 112 -19.82 7.32 -1.88
C GLU C 112 -18.62 6.50 -2.31
N GLU C 113 -18.19 5.56 -1.49
CA GLU C 113 -17.05 4.72 -1.86
C GLU C 113 -17.37 3.84 -3.05
N ALA C 114 -18.55 3.22 -3.05
CA ALA C 114 -18.93 2.35 -4.16
C ALA C 114 -19.05 3.15 -5.46
N LEU C 115 -19.59 4.37 -5.38
CA LEU C 115 -19.74 5.19 -6.57
C LEU C 115 -18.40 5.63 -7.12
N ARG C 116 -17.47 6.02 -6.24
CA ARG C 116 -16.13 6.37 -6.70
C ARG C 116 -15.34 5.17 -7.16
N GLN C 117 -15.54 4.01 -6.52
CA GLN C 117 -14.89 2.79 -7.01
C GLN C 117 -15.47 2.36 -8.35
N ALA C 118 -16.76 2.62 -8.58
CA ALA C 118 -17.35 2.29 -9.87
C ALA C 118 -16.82 3.18 -10.99
N LEU C 119 -16.55 4.45 -10.69
CA LEU C 119 -15.98 5.34 -11.69
C LEU C 119 -14.63 4.84 -12.18
N ARG C 120 -13.75 4.47 -11.24
CA ARG C 120 -12.43 3.99 -11.62
C ARG C 120 -12.50 2.62 -12.30
N ALA C 121 -13.50 1.81 -11.94
CA ALA C 121 -13.66 0.52 -12.58
C ALA C 121 -14.16 0.69 -14.03
N VAL C 122 -15.19 1.51 -14.23
CA VAL C 122 -15.74 1.72 -15.56
C VAL C 122 -14.69 2.35 -16.48
N ALA C 123 -13.98 3.36 -15.98
CA ALA C 123 -12.95 4.00 -16.79
C ALA C 123 -11.83 3.02 -17.13
N GLU C 124 -11.50 2.11 -16.21
CA GLU C 124 -10.47 1.11 -16.49
C GLU C 124 -10.93 0.12 -17.55
N ILE C 125 -12.21 -0.22 -17.56
CA ILE C 125 -12.74 -1.14 -18.58
C ILE C 125 -12.62 -0.52 -19.96
N ALA C 126 -12.80 0.81 -20.05
CA ALA C 126 -12.73 1.48 -21.34
C ALA C 126 -11.31 1.65 -21.84
N GLU C 127 -10.31 1.57 -20.97
CA GLU C 127 -8.93 1.76 -21.40
C GLU C 127 -8.48 0.63 -22.33
N GLU C 128 -8.90 -0.60 -22.05
CA GLU C 128 -8.79 -1.69 -23.02
C GLU C 128 -9.88 -1.47 -24.05
N ALA C 129 -9.52 -0.83 -25.17
CA ALA C 129 -10.50 -0.20 -26.04
C ALA C 129 -10.99 -1.12 -27.16
N LYS C 130 -10.27 -1.14 -28.28
CA LYS C 130 -10.71 -1.77 -29.51
C LYS C 130 -12.01 -1.14 -30.00
N ASP C 131 -13.14 -1.81 -29.78
CA ASP C 131 -14.43 -1.23 -30.17
C ASP C 131 -14.75 -0.04 -29.28
N GLU C 132 -15.19 1.06 -29.90
CA GLU C 132 -15.37 2.32 -29.20
C GLU C 132 -16.71 2.45 -28.49
N ARG C 133 -17.72 1.67 -28.88
CA ARG C 133 -19.00 1.71 -28.18
C ARG C 133 -18.83 1.50 -26.68
N VAL C 134 -17.80 0.76 -26.28
CA VAL C 134 -17.49 0.62 -24.86
C VAL C 134 -17.07 1.96 -24.28
N ARG C 135 -16.24 2.70 -25.00
CA ARG C 135 -15.78 4.01 -24.53
C ARG C 135 -16.93 5.01 -24.45
N LYS C 136 -17.81 5.00 -25.45
CA LYS C 136 -18.97 5.88 -25.41
C LYS C 136 -19.94 5.47 -24.30
N GLU C 137 -20.12 4.16 -24.10
CA GLU C 137 -20.94 3.70 -22.98
C GLU C 137 -20.29 4.05 -21.65
N ALA C 138 -18.96 3.98 -21.57
CA ALA C 138 -18.27 4.28 -20.32
C ALA C 138 -18.45 5.73 -19.93
N VAL C 139 -18.28 6.65 -20.88
CA VAL C 139 -18.51 8.07 -20.61
C VAL C 139 -19.97 8.30 -20.23
N ARG C 140 -20.89 7.62 -20.92
CA ARG C 140 -22.31 7.78 -20.62
C ARG C 140 -22.64 7.24 -19.23
N VAL C 141 -22.01 6.14 -18.83
CA VAL C 141 -22.26 5.57 -17.51
C VAL C 141 -21.59 6.42 -16.43
N MET C 142 -20.36 6.85 -16.67
CA MET C 142 -19.64 7.64 -15.67
C MET C 142 -20.34 8.96 -15.37
N LEU C 143 -21.09 9.50 -16.34
CA LEU C 143 -21.86 10.70 -16.07
C LEU C 143 -23.04 10.41 -15.15
N GLN C 144 -23.71 9.28 -15.35
CA GLN C 144 -24.82 8.92 -14.48
C GLN C 144 -24.35 8.60 -13.06
N ILE C 145 -23.14 8.04 -12.92
CA ILE C 145 -22.59 7.77 -11.61
C ILE C 145 -22.35 9.07 -10.85
N ALA C 146 -21.81 10.08 -11.54
CA ALA C 146 -21.55 11.37 -10.89
C ALA C 146 -22.85 12.05 -10.47
N LYS C 147 -23.92 11.86 -11.23
CA LYS C 147 -25.21 12.43 -10.87
C LYS C 147 -25.91 11.65 -9.76
N GLU C 148 -25.52 10.40 -9.55
CA GLU C 148 -26.02 9.66 -8.38
C GLU C 148 -25.39 10.18 -7.09
N SER C 149 -24.08 10.47 -7.13
CA SER C 149 -23.39 11.00 -5.96
C SER C 149 -23.66 12.49 -5.80
N GLY C 150 -23.35 13.27 -6.84
CA GLY C 150 -23.56 14.71 -6.77
C GLY C 150 -22.59 15.45 -5.90
N SER C 151 -21.57 14.80 -5.37
CA SER C 151 -20.60 15.46 -4.50
C SER C 151 -19.53 16.15 -5.33
N LYS C 152 -18.71 16.96 -4.63
CA LYS C 152 -17.64 17.67 -5.32
C LYS C 152 -16.53 16.72 -5.74
N GLU C 153 -16.24 15.70 -4.91
CA GLU C 153 -15.23 14.72 -5.27
C GLU C 153 -15.69 13.85 -6.45
N ALA C 154 -17.00 13.68 -6.62
CA ALA C 154 -17.50 12.84 -7.70
C ALA C 154 -17.38 13.54 -9.04
N VAL C 155 -17.69 14.84 -9.08
CA VAL C 155 -17.59 15.58 -10.33
C VAL C 155 -16.14 15.67 -10.80
N LYS C 156 -15.21 15.89 -9.87
CA LYS C 156 -13.80 16.00 -10.24
C LYS C 156 -13.27 14.66 -10.74
N LEU C 157 -13.59 13.57 -10.04
CA LEU C 157 -13.10 12.25 -10.45
C LEU C 157 -13.70 11.82 -11.78
N ALA C 158 -15.01 12.02 -11.95
CA ALA C 158 -15.64 11.66 -13.22
C ALA C 158 -15.06 12.45 -14.38
N PHE C 159 -14.77 13.74 -14.16
CA PHE C 159 -14.15 14.54 -15.20
C PHE C 159 -12.75 14.06 -15.51
N GLU C 160 -11.99 13.65 -14.49
CA GLU C 160 -10.66 13.12 -14.71
C GLU C 160 -10.72 11.78 -15.45
N MET C 161 -11.70 10.94 -15.12
CA MET C 161 -11.77 9.62 -15.72
C MET C 161 -12.26 9.70 -17.17
N ILE C 162 -13.20 10.61 -17.46
CA ILE C 162 -13.68 10.75 -18.83
C ILE C 162 -12.57 11.23 -19.75
N LEU C 163 -11.80 12.24 -19.31
CA LEU C 163 -10.64 12.67 -20.09
C LEU C 163 -9.59 11.58 -20.18
N ARG C 164 -9.47 10.76 -19.13
CA ARG C 164 -8.57 9.62 -19.18
C ARG C 164 -8.95 8.65 -20.30
N VAL C 165 -10.23 8.60 -20.66
CA VAL C 165 -10.71 7.68 -21.69
C VAL C 165 -10.74 8.34 -23.06
N VAL C 166 -11.29 9.55 -23.15
CA VAL C 166 -11.47 10.18 -24.46
C VAL C 166 -10.16 10.77 -25.01
N ARG C 167 -9.20 11.10 -24.14
CA ARG C 167 -7.84 11.47 -24.51
C ARG C 167 -7.72 12.78 -25.29
N ILE C 168 -8.73 13.16 -26.07
CA ILE C 168 -8.64 14.34 -26.93
C ILE C 168 -9.92 15.16 -26.79
N ILE C 169 -9.75 16.47 -26.61
CA ILE C 169 -10.86 17.42 -26.54
C ILE C 169 -10.83 18.29 -27.78
N ALA C 170 -12.01 18.52 -28.37
CA ALA C 170 -12.14 19.36 -29.54
C ALA C 170 -12.55 20.75 -29.12
N VAL C 171 -11.76 21.75 -29.51
CA VAL C 171 -12.02 23.15 -29.16
C VAL C 171 -12.65 23.80 -30.39
N LEU C 172 -13.98 23.93 -30.37
CA LEU C 172 -14.70 24.42 -31.53
C LEU C 172 -14.72 25.94 -31.57
N ARG C 173 -14.41 26.49 -32.74
CA ARG C 173 -14.56 27.92 -33.02
C ARG C 173 -15.21 28.07 -34.38
N ALA C 174 -16.40 28.66 -34.42
CA ALA C 174 -17.15 28.82 -35.66
C ALA C 174 -17.71 30.22 -35.73
N ASN C 175 -18.23 30.56 -36.92
CA ASN C 175 -18.81 31.87 -37.16
C ASN C 175 -20.33 31.83 -37.30
N SER C 176 -20.95 30.72 -36.91
CA SER C 176 -22.40 30.59 -36.94
C SER C 176 -22.80 29.40 -36.09
N VAL C 177 -24.08 29.40 -35.68
CA VAL C 177 -24.60 28.29 -34.90
C VAL C 177 -24.67 27.03 -35.72
N GLU C 178 -24.99 27.16 -37.02
CA GLU C 178 -25.17 25.98 -37.86
C GLU C 178 -23.83 25.34 -38.22
N GLU C 179 -22.80 26.15 -38.45
CA GLU C 179 -21.48 25.59 -38.73
C GLU C 179 -20.86 24.98 -37.48
N ALA C 180 -21.17 25.53 -36.31
CA ALA C 180 -20.69 24.95 -35.07
C ALA C 180 -21.37 23.61 -34.79
N LYS C 181 -22.69 23.53 -35.04
CA LYS C 181 -23.40 22.28 -34.85
C LYS C 181 -22.92 21.21 -35.82
N GLU C 182 -22.62 21.60 -37.07
CA GLU C 182 -22.22 20.63 -38.07
C GLU C 182 -20.80 20.11 -37.80
N LYS C 183 -19.91 20.98 -37.33
CA LYS C 183 -18.55 20.53 -36.99
C LYS C 183 -18.55 19.70 -35.73
N ALA C 184 -19.45 19.98 -34.79
CA ALA C 184 -19.53 19.16 -33.58
C ALA C 184 -20.00 17.75 -33.89
N LEU C 185 -21.02 17.62 -34.74
CA LEU C 185 -21.44 16.30 -35.20
C LEU C 185 -20.33 15.59 -35.96
N ALA C 186 -19.49 16.35 -36.66
CA ALA C 186 -18.44 15.75 -37.47
C ALA C 186 -17.30 15.22 -36.61
N VAL C 187 -16.89 15.97 -35.59
CA VAL C 187 -15.83 15.49 -34.70
C VAL C 187 -16.34 14.38 -33.80
N PHE C 188 -17.65 14.31 -33.55
CA PHE C 188 -18.18 13.21 -32.76
C PHE C 188 -18.18 11.90 -33.54
N GLU C 189 -18.55 11.96 -34.83
CA GLU C 189 -18.53 10.76 -35.66
C GLU C 189 -17.11 10.31 -35.98
N GLY C 190 -16.12 11.17 -35.78
CA GLY C 190 -14.73 10.78 -36.00
C GLY C 190 -14.10 10.03 -34.85
N GLY C 191 -14.63 10.20 -33.64
CA GLY C 191 -14.10 9.49 -32.49
C GLY C 191 -13.74 10.40 -31.33
N VAL C 192 -13.92 11.70 -31.51
CA VAL C 192 -13.60 12.68 -30.48
C VAL C 192 -14.87 12.87 -29.63
N LEU C 193 -14.87 12.28 -28.44
CA LEU C 193 -16.04 12.29 -27.57
C LEU C 193 -16.11 13.51 -26.66
N ALA C 194 -15.05 14.31 -26.60
CA ALA C 194 -15.02 15.53 -25.79
C ALA C 194 -15.08 16.74 -26.71
N ILE C 195 -16.03 17.64 -26.44
CA ILE C 195 -16.26 18.82 -27.28
C ILE C 195 -16.34 20.04 -26.38
N GLU C 196 -15.53 21.05 -26.68
CA GLU C 196 -15.52 22.31 -25.95
C GLU C 196 -16.03 23.42 -26.86
N ILE C 197 -17.10 24.08 -26.46
CA ILE C 197 -17.73 25.14 -27.24
C ILE C 197 -17.20 26.48 -26.73
N THR C 198 -16.32 27.10 -27.49
CA THR C 198 -15.80 28.41 -27.13
C THR C 198 -16.89 29.47 -27.20
N PHE C 199 -16.68 30.56 -26.48
CA PHE C 199 -17.61 31.69 -26.50
C PHE C 199 -17.29 32.69 -27.60
N THR C 200 -16.33 32.37 -28.48
CA THR C 200 -16.16 33.17 -29.69
C THR C 200 -17.27 32.89 -30.70
N VAL C 201 -17.87 31.70 -30.61
CA VAL C 201 -19.09 31.40 -31.39
C VAL C 201 -20.17 32.37 -30.98
N PRO C 202 -20.96 32.92 -31.93
CA PRO C 202 -21.96 33.95 -31.57
C PRO C 202 -22.89 33.57 -30.44
N ASP C 203 -23.60 32.46 -30.57
CA ASP C 203 -24.55 32.00 -29.56
C ASP C 203 -24.13 30.61 -29.09
N ALA C 204 -23.07 30.56 -28.27
CA ALA C 204 -22.54 29.29 -27.81
C ALA C 204 -23.53 28.55 -26.91
N ASP C 205 -24.33 29.28 -26.14
CA ASP C 205 -25.29 28.64 -25.24
C ASP C 205 -26.30 27.80 -26.03
N THR C 206 -26.87 28.39 -27.09
CA THR C 206 -27.76 27.61 -27.94
C THR C 206 -27.04 26.47 -28.64
N VAL C 207 -25.75 26.66 -28.96
CA VAL C 207 -24.96 25.58 -29.54
C VAL C 207 -24.78 24.46 -28.52
N ILE C 208 -24.44 24.82 -27.28
CA ILE C 208 -24.34 23.82 -26.22
C ILE C 208 -25.70 23.18 -25.96
N LYS C 209 -26.76 23.99 -26.02
CA LYS C 209 -28.09 23.49 -25.73
C LYS C 209 -28.56 22.51 -26.80
N GLU C 210 -28.35 22.84 -28.07
CA GLU C 210 -28.75 21.96 -29.17
C GLU C 210 -27.84 20.75 -29.31
N LEU C 211 -26.66 20.75 -28.69
CA LEU C 211 -25.75 19.62 -28.71
C LEU C 211 -25.84 18.77 -27.45
N SER C 212 -26.77 19.08 -26.55
CA SER C 212 -26.90 18.33 -25.31
C SER C 212 -27.35 16.90 -25.53
N PHE C 213 -27.96 16.60 -26.68
CA PHE C 213 -28.38 15.24 -26.96
C PHE C 213 -27.20 14.30 -27.15
N LEU C 214 -26.02 14.81 -27.52
CA LEU C 214 -24.85 13.98 -27.67
C LEU C 214 -24.34 13.43 -26.34
N GLU C 215 -24.67 14.09 -25.22
CA GLU C 215 -24.22 13.62 -23.92
C GLU C 215 -24.85 12.30 -23.53
N LYS C 216 -25.98 11.93 -24.14
CA LYS C 216 -26.62 10.64 -23.92
C LYS C 216 -26.13 9.57 -24.89
N GLU C 217 -25.22 9.92 -25.80
CA GLU C 217 -24.64 8.97 -26.73
C GLU C 217 -23.19 8.63 -26.40
N GLY C 218 -22.61 9.27 -25.39
CA GLY C 218 -21.25 8.98 -25.00
C GLY C 218 -20.30 10.15 -25.12
N ALA C 219 -20.86 11.36 -25.23
CA ALA C 219 -20.06 12.56 -25.38
C ALA C 219 -20.16 13.40 -24.11
N ILE C 220 -19.47 14.55 -24.12
CA ILE C 220 -19.50 15.50 -23.02
C ILE C 220 -19.29 16.90 -23.57
N ILE C 221 -20.30 17.76 -23.43
CA ILE C 221 -20.28 19.10 -23.99
C ILE C 221 -19.95 20.09 -22.90
N GLY C 222 -19.02 21.00 -23.20
CA GLY C 222 -18.61 22.02 -22.25
C GLY C 222 -18.34 23.34 -22.95
N ALA C 223 -18.04 24.35 -22.13
CA ALA C 223 -17.78 25.69 -22.62
C ALA C 223 -16.32 26.07 -22.36
N GLY C 224 -15.73 26.80 -23.30
CA GLY C 224 -14.36 27.23 -23.17
C GLY C 224 -14.24 28.74 -23.34
N THR C 225 -13.05 29.24 -23.04
CA THR C 225 -12.74 30.67 -23.11
C THR C 225 -13.75 31.50 -22.31
N VAL C 226 -14.14 30.98 -21.15
CA VAL C 226 -15.05 31.68 -20.27
C VAL C 226 -14.26 32.67 -19.42
N THR C 227 -14.76 33.90 -19.34
CA THR C 227 -14.05 34.96 -18.63
C THR C 227 -14.79 35.48 -17.40
N SER C 228 -16.11 35.45 -17.39
CA SER C 228 -16.90 35.98 -16.28
C SER C 228 -17.81 34.91 -15.71
N VAL C 229 -18.38 35.21 -14.55
CA VAL C 229 -19.33 34.28 -13.92
C VAL C 229 -20.66 34.30 -14.65
N GLU C 230 -21.05 35.47 -15.20
CA GLU C 230 -22.24 35.54 -16.02
C GLU C 230 -22.14 34.62 -17.23
N GLN C 231 -20.96 34.59 -17.87
CA GLN C 231 -20.74 33.64 -18.96
C GLN C 231 -20.84 32.21 -18.47
N CYS C 232 -20.27 31.92 -17.30
CA CYS C 232 -20.23 30.55 -16.81
C CYS C 232 -21.63 30.06 -16.41
N ARG C 233 -22.45 30.93 -15.84
CA ARG C 233 -23.78 30.52 -15.42
C ARG C 233 -24.66 30.21 -16.63
N LYS C 234 -24.54 31.01 -17.70
CA LYS C 234 -25.30 30.71 -18.91
C LYS C 234 -24.87 29.40 -19.54
N ALA C 235 -23.58 29.05 -19.41
CA ALA C 235 -23.09 27.81 -20.01
C ALA C 235 -23.64 26.59 -19.29
N VAL C 236 -23.57 26.59 -17.95
CA VAL C 236 -24.06 25.45 -17.19
C VAL C 236 -25.58 25.35 -17.26
N GLU C 237 -26.28 26.48 -17.38
CA GLU C 237 -27.72 26.44 -17.56
C GLU C 237 -28.10 25.96 -18.96
N SER C 238 -27.16 25.97 -19.91
CA SER C 238 -27.43 25.52 -21.26
C SER C 238 -27.12 24.04 -21.46
N GLY C 239 -26.35 23.43 -20.57
CA GLY C 239 -26.05 22.01 -20.68
C GLY C 239 -24.57 21.69 -20.66
N ALA C 240 -23.74 22.67 -20.36
CA ALA C 240 -22.30 22.44 -20.30
C ALA C 240 -21.95 21.62 -19.07
N LEU C 241 -21.08 20.62 -19.26
CA LEU C 241 -20.67 19.74 -18.19
C LEU C 241 -19.25 20.01 -17.70
N PHE C 242 -18.54 20.96 -18.31
CA PHE C 242 -17.24 21.38 -17.82
C PHE C 242 -16.95 22.77 -18.37
N ILE C 243 -16.33 23.61 -17.54
CA ILE C 243 -16.00 24.98 -17.89
C ILE C 243 -14.49 25.08 -18.06
N VAL C 244 -14.05 25.74 -19.13
CA VAL C 244 -12.65 25.88 -19.47
C VAL C 244 -12.36 27.36 -19.65
N SER C 245 -11.30 27.85 -19.01
CA SER C 245 -10.89 29.25 -19.11
C SER C 245 -9.40 29.32 -19.41
N PRO C 246 -8.97 30.38 -20.10
CA PRO C 246 -7.53 30.52 -20.42
C PRO C 246 -6.67 30.85 -19.21
N HIS C 247 -7.26 31.24 -18.09
CA HIS C 247 -6.50 31.61 -16.90
C HIS C 247 -7.21 31.02 -15.68
N LEU C 248 -6.76 31.43 -14.49
CA LEU C 248 -7.36 31.00 -13.23
C LEU C 248 -8.28 32.11 -12.73
N ASP C 249 -9.57 31.83 -12.68
CA ASP C 249 -10.58 32.76 -12.20
C ASP C 249 -11.10 32.27 -10.86
N GLU C 250 -10.92 33.08 -9.81
CA GLU C 250 -11.34 32.66 -8.48
C GLU C 250 -12.86 32.62 -8.37
N GLU C 251 -13.55 33.57 -9.01
CA GLU C 251 -15.01 33.62 -8.91
C GLU C 251 -15.66 32.53 -9.75
N ILE C 252 -15.04 32.14 -10.87
CA ILE C 252 -15.58 31.04 -11.65
C ILE C 252 -15.39 29.71 -10.92
N SER C 253 -14.24 29.53 -10.30
CA SER C 253 -14.00 28.33 -9.50
C SER C 253 -14.99 28.23 -8.34
N GLN C 254 -15.33 29.38 -7.74
CA GLN C 254 -16.32 29.39 -6.67
C GLN C 254 -17.68 28.94 -7.19
N PHE C 255 -18.11 29.51 -8.31
CA PHE C 255 -19.43 29.16 -8.86
C PHE C 255 -19.46 27.73 -9.38
N CYS C 256 -18.39 27.29 -10.04
CA CYS C 256 -18.36 25.92 -10.56
C CYS C 256 -18.38 24.89 -9.44
N ASP C 257 -17.86 25.23 -8.26
CA ASP C 257 -17.92 24.32 -7.13
C ASP C 257 -19.36 24.15 -6.64
N GLU C 258 -20.02 25.26 -6.30
CA GLU C 258 -21.38 25.20 -5.77
C GLU C 258 -22.40 24.76 -6.81
N ALA C 259 -22.05 24.73 -8.09
CA ALA C 259 -22.95 24.29 -9.14
C ALA C 259 -22.76 22.83 -9.52
N GLY C 260 -21.70 22.19 -9.04
CA GLY C 260 -21.44 20.79 -9.37
C GLY C 260 -20.98 20.58 -10.80
N VAL C 261 -20.14 21.47 -11.32
CA VAL C 261 -19.63 21.38 -12.68
C VAL C 261 -18.12 21.43 -12.63
N ALA C 262 -17.47 20.59 -13.43
CA ALA C 262 -16.01 20.58 -13.50
C ALA C 262 -15.49 21.87 -14.10
N TYR C 263 -14.31 22.27 -13.67
CA TYR C 263 -13.70 23.53 -14.13
C TYR C 263 -12.20 23.34 -14.22
N ALA C 264 -11.66 23.47 -15.44
CA ALA C 264 -10.22 23.34 -15.67
C ALA C 264 -9.64 24.72 -15.98
N PRO C 265 -8.96 25.34 -15.02
CA PRO C 265 -8.38 26.67 -15.27
C PRO C 265 -7.08 26.57 -16.06
N GLY C 266 -6.65 27.72 -16.57
CA GLY C 266 -5.44 27.79 -17.38
C GLY C 266 -4.27 28.29 -16.56
N VAL C 267 -3.17 27.53 -16.61
CA VAL C 267 -1.94 27.88 -15.94
C VAL C 267 -0.78 27.79 -16.91
N MET C 268 0.28 28.55 -16.63
CA MET C 268 1.48 28.55 -17.47
C MET C 268 2.78 28.52 -16.69
N THR C 269 2.85 29.07 -15.48
CA THR C 269 4.04 29.04 -14.65
C THR C 269 3.78 28.18 -13.41
N PRO C 270 4.85 27.67 -12.78
CA PRO C 270 4.65 26.86 -11.57
C PRO C 270 3.92 27.58 -10.45
N THR C 271 4.04 28.91 -10.36
CA THR C 271 3.31 29.63 -9.33
C THR C 271 1.81 29.68 -9.63
N GLU C 272 1.45 29.87 -10.90
CA GLU C 272 0.05 29.76 -11.28
C GLU C 272 -0.48 28.35 -11.05
N LEU C 273 0.40 27.35 -11.16
CA LEU C 273 0.03 25.97 -10.85
C LEU C 273 -0.39 25.84 -9.39
N VAL C 274 0.41 26.40 -8.48
CA VAL C 274 0.13 26.26 -7.06
C VAL C 274 -1.13 27.03 -6.67
N LYS C 275 -1.31 28.22 -7.23
CA LYS C 275 -2.52 29.00 -6.93
C LYS C 275 -3.78 28.26 -7.38
N ALA C 276 -3.66 27.43 -8.41
CA ALA C 276 -4.80 26.63 -8.86
C ALA C 276 -5.02 25.41 -7.96
N MET C 277 -3.95 24.81 -7.45
CA MET C 277 -4.11 23.67 -6.55
C MET C 277 -4.75 24.08 -5.24
N LYS C 278 -4.33 25.21 -4.68
CA LYS C 278 -4.86 25.65 -3.40
C LYS C 278 -6.34 26.01 -3.48
N LEU C 279 -6.87 26.26 -4.68
CA LEU C 279 -8.30 26.38 -4.90
C LEU C 279 -8.97 25.03 -5.13
N GLY C 280 -8.21 23.94 -5.19
CA GLY C 280 -8.76 22.62 -5.35
C GLY C 280 -8.86 22.16 -6.79
N HIS C 281 -7.81 22.42 -7.58
CA HIS C 281 -7.80 22.05 -8.99
C HIS C 281 -6.48 21.36 -9.30
N ARG C 282 -6.53 20.06 -9.55
CA ARG C 282 -5.37 19.30 -10.00
C ARG C 282 -5.45 18.91 -11.47
N ILE C 283 -6.61 19.10 -12.11
CA ILE C 283 -6.75 18.94 -13.55
C ILE C 283 -6.68 20.35 -14.14
N LEU C 284 -5.52 20.70 -14.71
CA LEU C 284 -5.26 22.06 -15.16
C LEU C 284 -5.10 22.10 -16.67
N LYS C 285 -5.39 23.27 -17.24
CA LYS C 285 -5.26 23.52 -18.67
C LYS C 285 -3.94 24.25 -18.90
N LEU C 286 -2.98 23.56 -19.51
CA LEU C 286 -1.69 24.16 -19.85
C LEU C 286 -1.86 24.99 -21.11
N PHE C 287 -1.82 26.31 -20.98
CA PHE C 287 -2.17 27.20 -22.09
C PHE C 287 -1.31 28.45 -22.07
N PRO C 288 -0.58 28.75 -23.15
CA PRO C 288 -0.48 27.90 -24.36
C PRO C 288 0.53 26.78 -24.19
N GLY C 289 0.13 25.55 -24.53
CA GLY C 289 1.03 24.42 -24.35
C GLY C 289 2.24 24.46 -25.26
N GLU C 290 2.09 25.02 -26.47
CA GLU C 290 3.19 25.05 -27.41
C GLU C 290 4.32 25.95 -26.95
N VAL C 291 4.06 26.89 -26.05
CA VAL C 291 5.10 27.81 -25.61
C VAL C 291 6.04 27.14 -24.61
N VAL C 292 5.47 26.42 -23.65
CA VAL C 292 6.29 25.77 -22.63
C VAL C 292 6.77 24.39 -23.09
N GLY C 293 6.00 23.69 -23.92
CA GLY C 293 6.40 22.43 -24.46
C GLY C 293 6.27 21.28 -23.47
N PRO C 294 6.45 20.05 -23.96
CA PRO C 294 6.39 18.88 -23.06
C PRO C 294 7.50 18.84 -22.03
N GLN C 295 8.56 19.63 -22.20
CA GLN C 295 9.58 19.75 -21.17
C GLN C 295 9.02 20.36 -19.89
N PHE C 296 7.93 21.12 -20.00
CA PHE C 296 7.30 21.72 -18.82
C PHE C 296 6.58 20.66 -18.00
N VAL C 297 5.74 19.85 -18.66
CA VAL C 297 4.94 18.87 -17.93
C VAL C 297 5.83 17.77 -17.35
N LYS C 298 6.95 17.47 -18.00
CA LYS C 298 7.88 16.48 -17.45
C LYS C 298 8.55 17.01 -16.19
N ALA C 299 8.83 18.31 -16.14
CA ALA C 299 9.49 18.90 -14.98
C ALA C 299 8.53 19.18 -13.83
N MET C 300 7.22 19.24 -14.09
CA MET C 300 6.25 19.51 -13.04
C MET C 300 5.90 18.27 -12.23
N LYS C 301 6.10 17.07 -12.79
CA LYS C 301 5.73 15.85 -12.08
C LYS C 301 6.59 15.62 -10.84
N GLY C 302 7.78 16.18 -10.80
CA GLY C 302 8.64 16.07 -9.63
C GLY C 302 8.02 16.69 -8.40
N PRO C 303 7.89 18.02 -8.39
CA PRO C 303 7.26 18.66 -7.22
C PRO C 303 5.77 18.41 -7.10
N PHE C 304 5.06 18.28 -8.21
CA PHE C 304 3.60 18.13 -8.22
C PHE C 304 3.23 16.85 -8.96
N PRO C 305 3.32 15.69 -8.30
CA PRO C 305 2.95 14.44 -8.97
C PRO C 305 1.46 14.28 -9.18
N ASN C 306 0.62 14.93 -8.38
CA ASN C 306 -0.83 14.76 -8.49
C ASN C 306 -1.44 15.58 -9.62
N VAL C 307 -0.71 16.52 -10.21
CA VAL C 307 -1.25 17.36 -11.27
C VAL C 307 -1.14 16.62 -12.60
N ARG C 308 -2.13 16.82 -13.47
CA ARG C 308 -2.25 16.05 -14.70
C ARG C 308 -2.02 16.86 -15.96
N PHE C 309 -2.62 18.05 -16.07
CA PHE C 309 -2.47 18.95 -17.21
C PHE C 309 -3.17 18.45 -18.47
N VAL C 310 -3.77 19.36 -19.22
CA VAL C 310 -4.27 19.08 -20.57
C VAL C 310 -3.78 20.20 -21.48
N PRO C 311 -2.68 19.98 -22.21
CA PRO C 311 -2.10 21.06 -23.04
C PRO C 311 -3.01 21.40 -24.22
N THR C 312 -3.43 22.65 -24.28
CA THR C 312 -4.28 23.16 -25.36
C THR C 312 -3.59 24.34 -26.02
N GLY C 313 -2.50 24.07 -26.72
CA GLY C 313 -1.77 25.12 -27.42
C GLY C 313 -1.70 24.87 -28.91
N GLY C 314 -0.49 24.73 -29.43
CA GLY C 314 -0.30 24.41 -30.83
C GLY C 314 -0.27 22.91 -31.06
N VAL C 315 -1.27 22.21 -30.55
CA VAL C 315 -1.30 20.75 -30.64
C VAL C 315 -1.70 20.37 -32.06
N ASN C 316 -0.89 19.51 -32.69
CA ASN C 316 -1.16 19.02 -34.04
C ASN C 316 -0.78 17.55 -34.08
N LEU C 317 -0.75 16.98 -35.29
CA LEU C 317 -0.44 15.56 -35.43
C LEU C 317 1.01 15.27 -35.11
N ASP C 318 1.92 16.21 -35.41
CA ASP C 318 3.31 16.02 -35.04
C ASP C 318 3.55 16.28 -33.55
N ASN C 319 2.73 17.12 -32.93
CA ASN C 319 2.91 17.44 -31.52
C ASN C 319 2.32 16.37 -30.61
N VAL C 320 1.10 15.92 -30.92
CA VAL C 320 0.34 15.08 -30.00
C VAL C 320 1.06 13.76 -29.69
N ALA C 321 1.96 13.32 -30.57
CA ALA C 321 2.69 12.09 -30.32
C ALA C 321 3.61 12.23 -29.11
N GLU C 322 4.34 13.34 -29.02
CA GLU C 322 5.29 13.57 -27.94
C GLU C 322 4.66 14.23 -26.72
N TRP C 323 3.40 14.65 -26.80
CA TRP C 323 2.73 15.17 -25.62
C TRP C 323 2.35 14.04 -24.67
N PHE C 324 1.83 12.94 -25.21
CA PHE C 324 1.37 11.84 -24.37
C PHE C 324 2.53 11.01 -23.80
N LYS C 325 3.67 10.97 -24.49
CA LYS C 325 4.82 10.26 -23.92
C LYS C 325 5.30 10.94 -22.64
N ALA C 326 5.03 12.24 -22.51
CA ALA C 326 5.35 12.96 -21.28
C ALA C 326 4.31 12.77 -20.19
N GLY C 327 3.23 12.03 -20.47
CA GLY C 327 2.28 11.68 -19.45
C GLY C 327 1.16 12.67 -19.24
N VAL C 328 0.68 13.29 -20.32
CA VAL C 328 -0.44 14.21 -20.22
C VAL C 328 -1.73 13.42 -20.11
N LEU C 329 -2.70 13.98 -19.38
CA LEU C 329 -4.00 13.34 -19.24
C LEU C 329 -4.74 13.31 -20.57
N ALA C 330 -5.03 14.48 -21.12
CA ALA C 330 -5.67 14.62 -22.42
C ALA C 330 -5.03 15.81 -23.14
N VAL C 331 -5.43 16.01 -24.39
CA VAL C 331 -4.94 17.13 -25.20
C VAL C 331 -6.12 17.88 -25.78
N GLY C 332 -6.02 19.20 -25.79
CA GLY C 332 -7.05 20.03 -26.39
C GLY C 332 -6.65 20.51 -27.77
N VAL C 333 -7.35 20.05 -28.80
CA VAL C 333 -6.99 20.30 -30.18
C VAL C 333 -8.03 21.24 -30.80
N GLY C 334 -7.54 22.24 -31.53
CA GLY C 334 -8.41 23.14 -32.26
C GLY C 334 -7.66 23.62 -33.49
N SER C 335 -8.43 24.19 -34.43
CA SER C 335 -7.88 24.66 -35.70
C SER C 335 -7.27 23.51 -36.50
N ALA C 336 -6.27 22.84 -35.94
CA ALA C 336 -5.71 21.66 -36.59
C ALA C 336 -6.72 20.53 -36.69
N LEU C 337 -7.82 20.61 -35.94
CA LEU C 337 -8.88 19.61 -35.99
C LEU C 337 -10.22 20.17 -36.42
N VAL C 338 -10.54 21.41 -36.08
CA VAL C 338 -11.86 21.95 -36.34
C VAL C 338 -11.95 22.69 -37.67
N LYS C 339 -10.87 23.32 -38.11
CA LYS C 339 -10.92 24.14 -39.31
C LYS C 339 -11.10 23.28 -40.56
N GLY C 340 -11.91 23.78 -41.48
CA GLY C 340 -12.20 23.11 -42.73
C GLY C 340 -13.66 22.71 -42.84
N THR C 341 -13.96 22.03 -43.94
CA THR C 341 -15.31 21.54 -44.17
C THR C 341 -15.62 20.40 -43.20
N PRO C 342 -16.91 20.17 -42.92
CA PRO C 342 -17.27 19.05 -42.02
C PRO C 342 -16.83 17.69 -42.55
N ASP C 343 -16.63 17.55 -43.86
CA ASP C 343 -16.15 16.27 -44.39
C ASP C 343 -14.67 16.07 -44.11
N GLU C 344 -13.89 17.17 -44.08
CA GLU C 344 -12.47 17.05 -43.81
C GLU C 344 -12.21 16.78 -42.33
N VAL C 345 -12.96 17.44 -41.44
CA VAL C 345 -12.72 17.31 -40.01
C VAL C 345 -13.18 15.96 -39.46
N ARG C 346 -13.95 15.20 -40.22
CA ARG C 346 -14.26 13.82 -39.81
C ARG C 346 -13.03 12.93 -39.97
N GLU C 347 -12.35 13.03 -41.11
CA GLU C 347 -11.23 12.14 -41.39
C GLU C 347 -10.00 12.50 -40.58
N LYS C 348 -9.80 13.80 -40.30
CA LYS C 348 -8.68 14.19 -39.44
C LYS C 348 -8.95 13.91 -37.97
N ALA C 349 -10.23 13.80 -37.57
CA ALA C 349 -10.54 13.34 -36.23
C ALA C 349 -10.20 11.86 -36.07
N LYS C 350 -10.44 11.06 -37.11
CA LYS C 350 -10.04 9.66 -37.09
C LYS C 350 -8.53 9.53 -37.04
N ALA C 351 -7.80 10.46 -37.66
CA ALA C 351 -6.34 10.41 -37.65
C ALA C 351 -5.80 10.78 -36.27
N PHE C 352 -6.41 11.75 -35.61
CA PHE C 352 -5.97 12.12 -34.26
C PHE C 352 -6.19 10.98 -33.28
N VAL C 353 -7.36 10.33 -33.36
CA VAL C 353 -7.63 9.19 -32.48
C VAL C 353 -6.69 8.04 -32.78
N GLU C 354 -6.38 7.84 -34.06
CA GLU C 354 -5.46 6.75 -34.43
C GLU C 354 -4.02 7.07 -34.04
N LYS C 355 -3.63 8.35 -34.10
CA LYS C 355 -2.27 8.73 -33.73
C LYS C 355 -2.05 8.60 -32.23
N ILE C 356 -3.09 8.85 -31.42
CA ILE C 356 -2.94 8.74 -29.98
C ILE C 356 -2.87 7.28 -29.55
N LYS C 357 -3.58 6.39 -30.25
CA LYS C 357 -3.57 4.97 -29.90
C LYS C 357 -2.18 4.37 -30.01
N ALA C 358 -1.34 4.91 -30.89
CA ALA C 358 -0.01 4.35 -31.13
C ALA C 358 1.04 4.94 -30.19
N ALA C 359 1.24 6.25 -30.24
CA ALA C 359 2.25 6.90 -29.42
C ALA C 359 1.66 8.08 -28.65
N SER D 12 49.07 -55.47 -5.01
CA SER D 12 47.79 -55.09 -5.65
C SER D 12 47.77 -55.28 -7.11
N GLU D 13 48.87 -54.88 -7.74
CA GLU D 13 48.93 -54.92 -9.19
C GLU D 13 48.76 -56.35 -9.70
N GLU D 14 49.01 -57.34 -8.84
CA GLU D 14 48.74 -58.72 -9.22
C GLU D 14 47.25 -59.00 -9.27
N GLU D 15 46.46 -58.30 -8.45
CA GLU D 15 45.01 -58.39 -8.51
C GLU D 15 44.42 -57.45 -9.56
N GLN D 16 45.11 -56.34 -9.82
CA GLN D 16 44.63 -55.39 -10.82
C GLN D 16 44.77 -55.96 -12.22
N GLU D 17 45.91 -56.58 -12.52
CA GLU D 17 46.10 -57.18 -13.84
C GLU D 17 45.16 -58.37 -14.05
N ARG D 18 44.82 -59.09 -12.98
CA ARG D 18 43.85 -60.17 -13.11
C ARG D 18 42.47 -59.66 -13.50
N ILE D 19 42.10 -58.47 -13.02
CA ILE D 19 40.83 -57.88 -13.44
C ILE D 19 40.82 -57.63 -14.95
N ARG D 20 41.91 -57.10 -15.49
CA ARG D 20 41.98 -56.84 -16.92
C ARG D 20 42.02 -58.12 -17.74
N ARG D 21 42.53 -59.22 -17.16
CA ARG D 21 42.50 -60.50 -17.85
C ARG D 21 41.10 -61.10 -17.85
N ILE D 22 40.35 -60.93 -16.76
CA ILE D 22 38.98 -61.41 -16.72
C ILE D 22 38.13 -60.70 -17.77
N LEU D 23 38.40 -59.41 -17.99
CA LEU D 23 37.65 -58.66 -18.99
C LEU D 23 37.99 -59.13 -20.41
N LYS D 24 39.29 -59.20 -20.73
CA LYS D 24 39.68 -59.56 -22.09
C LYS D 24 39.38 -61.03 -22.40
N GLU D 25 39.36 -61.89 -21.38
CA GLU D 25 39.05 -63.29 -21.62
C GLU D 25 37.55 -63.52 -21.75
N ALA D 26 36.74 -62.78 -21.00
CA ALA D 26 35.29 -62.90 -21.14
C ALA D 26 34.79 -62.22 -22.40
N ARG D 27 35.47 -61.16 -22.86
CA ARG D 27 35.10 -60.53 -24.12
C ARG D 27 35.39 -61.44 -25.30
N LYS D 28 36.49 -62.19 -25.25
CA LYS D 28 36.83 -63.10 -26.34
C LYS D 28 35.84 -64.25 -26.42
N SER D 29 35.19 -64.61 -25.30
CA SER D 29 34.12 -65.59 -25.34
C SER D 29 32.87 -65.00 -25.99
N GLY D 30 32.36 -63.90 -25.44
CA GLY D 30 31.24 -63.19 -26.01
C GLY D 30 29.88 -63.71 -25.58
N THR D 31 29.79 -64.90 -25.01
CA THR D 31 28.51 -65.46 -24.62
C THR D 31 27.92 -64.68 -23.45
N GLU D 32 26.59 -64.61 -23.41
CA GLU D 32 25.91 -63.86 -22.37
C GLU D 32 26.17 -64.45 -20.98
N GLU D 33 26.26 -65.78 -20.90
CA GLU D 33 26.46 -66.41 -19.59
C GLU D 33 27.87 -66.19 -19.07
N SER D 34 28.85 -65.98 -19.97
CA SER D 34 30.21 -65.72 -19.53
C SER D 34 30.41 -64.26 -19.13
N LEU D 35 29.64 -63.35 -19.73
CA LEU D 35 29.69 -61.95 -19.32
C LEU D 35 29.09 -61.77 -17.92
N ARG D 36 27.94 -62.38 -17.66
CA ARG D 36 27.36 -62.32 -16.34
C ARG D 36 28.18 -63.08 -15.30
N GLN D 37 28.97 -64.06 -15.74
CA GLN D 37 29.91 -64.70 -14.83
C GLN D 37 31.13 -63.83 -14.59
N ALA D 38 31.52 -63.02 -15.58
CA ALA D 38 32.64 -62.11 -15.39
C ALA D 38 32.34 -61.05 -14.33
N ILE D 39 31.08 -60.63 -14.22
CA ILE D 39 30.70 -59.72 -13.15
C ILE D 39 30.85 -60.40 -11.79
N GLU D 40 30.52 -61.69 -11.71
CA GLU D 40 30.71 -62.42 -10.47
C GLU D 40 32.18 -62.55 -10.12
N ASP D 41 33.03 -62.80 -11.12
CA ASP D 41 34.46 -62.99 -10.85
C ASP D 41 35.13 -61.69 -10.42
N VAL D 42 34.79 -60.57 -11.08
CA VAL D 42 35.35 -59.28 -10.68
C VAL D 42 34.88 -58.92 -9.28
N ALA D 43 33.62 -59.21 -8.96
CA ALA D 43 33.12 -58.94 -7.61
C ALA D 43 33.78 -59.85 -6.59
N GLN D 44 34.22 -61.04 -7.00
CA GLN D 44 34.91 -61.93 -6.08
C GLN D 44 36.31 -61.43 -5.77
N LEU D 45 36.99 -60.86 -6.77
CA LEU D 45 38.33 -60.31 -6.53
C LEU D 45 38.24 -59.02 -5.73
N ALA D 46 37.24 -58.18 -5.99
CA ALA D 46 37.05 -56.97 -5.21
C ALA D 46 36.81 -57.28 -3.75
N LYS D 47 36.15 -58.41 -3.46
CA LYS D 47 36.02 -58.90 -2.10
C LYS D 47 37.39 -59.14 -1.49
N LYS D 48 37.55 -58.69 -0.23
CA LYS D 48 38.77 -58.91 0.56
C LYS D 48 40.01 -58.42 -0.17
N SER D 49 39.95 -57.20 -0.71
CA SER D 49 41.05 -56.70 -1.53
C SER D 49 41.66 -55.39 -1.05
N GLN D 50 40.91 -54.59 -0.28
CA GLN D 50 41.36 -53.27 0.21
C GLN D 50 41.72 -52.44 -1.03
N ASP D 51 42.87 -51.76 -1.04
CA ASP D 51 43.40 -50.99 -2.18
C ASP D 51 42.35 -50.30 -3.02
N SER D 52 41.98 -49.10 -2.60
CA SER D 52 40.92 -48.34 -3.23
C SER D 52 41.14 -48.20 -4.73
N GLU D 53 42.39 -48.07 -5.17
CA GLU D 53 42.66 -47.99 -6.60
C GLU D 53 42.20 -49.26 -7.31
N VAL D 54 42.43 -50.41 -6.69
CA VAL D 54 41.99 -51.67 -7.29
C VAL D 54 40.47 -51.71 -7.40
N LEU D 55 39.77 -51.17 -6.39
CA LEU D 55 38.32 -51.25 -6.39
C LEU D 55 37.73 -50.37 -7.48
N GLU D 56 38.32 -49.20 -7.72
CA GLU D 56 37.80 -48.29 -8.73
C GLU D 56 37.81 -48.93 -10.11
N GLU D 57 38.89 -49.66 -10.45
CA GLU D 57 38.92 -50.36 -11.73
C GLU D 57 37.87 -51.46 -11.76
N ALA D 58 37.69 -52.19 -10.67
CA ALA D 58 36.68 -53.24 -10.60
C ALA D 58 35.29 -52.68 -10.90
N ILE D 59 34.93 -51.57 -10.26
CA ILE D 59 33.67 -50.90 -10.55
C ILE D 59 33.61 -50.49 -12.01
N ARG D 60 34.69 -49.90 -12.52
CA ARG D 60 34.72 -49.47 -13.91
C ARG D 60 34.58 -50.66 -14.86
N VAL D 61 35.20 -51.78 -14.51
CA VAL D 61 35.14 -52.96 -15.37
C VAL D 61 33.73 -53.55 -15.37
N ILE D 62 33.08 -53.58 -14.20
CA ILE D 62 31.71 -54.10 -14.13
C ILE D 62 30.79 -53.29 -15.04
N LEU D 63 30.97 -51.97 -15.07
CA LEU D 63 30.21 -51.15 -16.00
C LEU D 63 30.61 -51.44 -17.44
N ARG D 64 31.89 -51.74 -17.68
CA ARG D 64 32.33 -52.12 -19.02
C ARG D 64 31.69 -53.42 -19.47
N ILE D 65 31.54 -54.37 -18.55
CA ILE D 65 30.96 -55.67 -18.88
C ILE D 65 29.44 -55.55 -19.06
N ALA D 66 28.79 -54.77 -18.20
CA ALA D 66 27.33 -54.71 -18.21
C ALA D 66 26.80 -54.11 -19.51
N LYS D 67 27.34 -52.96 -19.91
CA LYS D 67 26.82 -52.29 -21.10
C LYS D 67 27.23 -52.98 -22.39
N GLU D 68 28.19 -53.92 -22.34
CA GLU D 68 28.44 -54.76 -23.50
C GLU D 68 27.39 -55.86 -23.62
N SER D 69 26.92 -56.38 -22.48
CA SER D 69 25.84 -57.35 -22.50
C SER D 69 24.54 -56.71 -23.00
N GLY D 70 24.19 -55.55 -22.44
CA GLY D 70 23.01 -54.83 -22.86
C GLY D 70 21.69 -55.32 -22.30
N SER D 71 21.66 -56.52 -21.72
CA SER D 71 20.41 -57.05 -21.18
C SER D 71 20.06 -56.37 -19.87
N GLU D 72 18.76 -56.38 -19.55
CA GLU D 72 18.30 -55.75 -18.32
C GLU D 72 18.80 -56.52 -17.09
N GLU D 73 18.81 -57.85 -17.17
CA GLU D 73 19.25 -58.64 -16.01
C GLU D 73 20.71 -58.37 -15.67
N ALA D 74 21.57 -58.27 -16.68
CA ALA D 74 22.98 -58.00 -16.42
C ALA D 74 23.19 -56.61 -15.84
N LEU D 75 22.34 -55.65 -16.21
CA LEU D 75 22.47 -54.30 -15.68
C LEU D 75 21.97 -54.21 -14.24
N ARG D 76 20.88 -54.91 -13.92
CA ARG D 76 20.41 -54.95 -12.53
C ARG D 76 21.43 -55.65 -11.63
N GLN D 77 22.07 -56.71 -12.14
CA GLN D 77 23.11 -57.38 -11.37
C GLN D 77 24.33 -56.51 -11.17
N ALA D 78 24.67 -55.69 -12.17
CA ALA D 78 25.80 -54.78 -12.05
C ALA D 78 25.58 -53.73 -10.97
N ILE D 79 24.34 -53.29 -10.80
CA ILE D 79 24.04 -52.31 -9.74
C ILE D 79 24.31 -52.92 -8.37
N ARG D 80 23.88 -54.16 -8.16
CA ARG D 80 24.08 -54.80 -6.86
C ARG D 80 25.55 -55.08 -6.60
N ALA D 81 26.30 -55.44 -7.65
CA ALA D 81 27.73 -55.68 -7.48
C ALA D 81 28.47 -54.39 -7.14
N VAL D 82 28.14 -53.28 -7.82
CA VAL D 82 28.77 -52.01 -7.51
C VAL D 82 28.37 -51.53 -6.13
N ALA D 83 27.10 -51.73 -5.75
CA ALA D 83 26.66 -51.35 -4.42
C ALA D 83 27.34 -52.17 -3.34
N GLU D 84 27.60 -53.45 -3.61
CA GLU D 84 28.29 -54.29 -2.64
C GLU D 84 29.75 -53.86 -2.47
N ILE D 85 30.41 -53.48 -3.56
CA ILE D 85 31.79 -53.01 -3.45
C ILE D 85 31.85 -51.75 -2.60
N ALA D 86 30.83 -50.90 -2.71
CA ALA D 86 30.81 -49.67 -1.93
C ALA D 86 30.66 -49.96 -0.44
N LYS D 87 29.89 -50.98 -0.09
CA LYS D 87 29.70 -51.32 1.32
C LYS D 87 30.99 -51.84 1.95
N GLU D 88 31.76 -52.61 1.19
CA GLU D 88 32.99 -53.19 1.72
C GLU D 88 34.10 -52.17 1.89
N ALA D 89 34.03 -51.04 1.19
CA ALA D 89 35.11 -50.07 1.19
C ALA D 89 34.90 -49.00 2.24
N GLN D 90 36.01 -48.35 2.61
CA GLN D 90 35.98 -47.21 3.52
C GLN D 90 36.41 -45.91 2.86
N ASP D 91 37.15 -45.96 1.75
CA ASP D 91 37.59 -44.75 1.08
C ASP D 91 36.41 -44.05 0.40
N SER D 92 36.28 -42.75 0.62
CA SER D 92 35.19 -41.99 0.02
C SER D 92 35.35 -41.82 -1.48
N GLU D 93 36.58 -41.98 -2.00
CA GLU D 93 36.76 -41.91 -3.44
C GLU D 93 36.07 -43.07 -4.16
N VAL D 94 35.93 -44.22 -3.50
CA VAL D 94 35.25 -45.34 -4.10
C VAL D 94 33.74 -45.12 -4.13
N LEU D 95 33.20 -44.55 -3.04
CA LEU D 95 31.75 -44.36 -2.97
C LEU D 95 31.27 -43.33 -3.99
N GLU D 96 32.07 -42.29 -4.25
CA GLU D 96 31.72 -41.33 -5.28
C GLU D 96 31.72 -41.98 -6.66
N GLU D 97 32.72 -42.82 -6.93
CA GLU D 97 32.75 -43.53 -8.21
C GLU D 97 31.60 -44.54 -8.31
N ALA D 98 31.21 -45.15 -7.19
CA ALA D 98 30.13 -46.13 -7.22
C ALA D 98 28.79 -45.48 -7.55
N ILE D 99 28.54 -44.29 -6.99
CA ILE D 99 27.26 -43.63 -7.23
C ILE D 99 27.14 -43.19 -8.69
N ARG D 100 28.21 -42.63 -9.25
CA ARG D 100 28.16 -42.17 -10.63
C ARG D 100 28.02 -43.34 -11.60
N VAL D 101 28.65 -44.47 -11.29
CA VAL D 101 28.53 -45.64 -12.15
C VAL D 101 27.12 -46.24 -12.06
N ILE D 102 26.57 -46.29 -10.85
CA ILE D 102 25.21 -46.79 -10.68
C ILE D 102 24.23 -45.94 -11.48
N LEU D 103 24.48 -44.63 -11.57
CA LEU D 103 23.64 -43.78 -12.40
C LEU D 103 23.73 -44.16 -13.87
N ARG D 104 24.95 -44.40 -14.36
CA ARG D 104 25.12 -44.74 -15.77
C ARG D 104 24.57 -46.13 -16.09
N ILE D 105 24.68 -47.07 -15.14
CA ILE D 105 24.07 -48.38 -15.33
C ILE D 105 22.55 -48.27 -15.35
N ALA D 106 22.00 -47.40 -14.49
CA ALA D 106 20.54 -47.24 -14.44
C ALA D 106 20.04 -46.45 -15.64
N LYS D 107 20.78 -45.42 -16.06
CA LYS D 107 20.34 -44.63 -17.21
C LYS D 107 20.33 -45.46 -18.48
N GLU D 108 21.31 -46.34 -18.64
CA GLU D 108 21.26 -47.35 -19.70
C GLU D 108 20.12 -48.31 -19.41
N SER D 109 19.19 -48.42 -20.36
CA SER D 109 17.94 -49.15 -20.16
C SER D 109 17.19 -48.57 -18.97
N GLY D 110 16.57 -47.41 -19.16
CA GLY D 110 15.91 -46.72 -18.07
C GLY D 110 14.57 -47.31 -17.68
N SER D 111 14.58 -48.54 -17.16
CA SER D 111 13.37 -49.16 -16.67
C SER D 111 13.03 -48.65 -15.28
N GLU D 112 11.73 -48.65 -14.96
CA GLU D 112 11.30 -48.20 -13.63
C GLU D 112 11.88 -49.07 -12.53
N GLU D 113 12.08 -50.36 -12.80
CA GLU D 113 12.64 -51.25 -11.79
C GLU D 113 14.10 -50.91 -11.50
N ALA D 114 14.88 -50.62 -12.55
CA ALA D 114 16.30 -50.31 -12.34
C ALA D 114 16.47 -48.93 -11.73
N LEU D 115 15.64 -47.97 -12.12
CA LEU D 115 15.78 -46.62 -11.59
C LEU D 115 15.45 -46.56 -10.10
N ARG D 116 14.49 -47.35 -9.64
CA ARG D 116 14.19 -47.38 -8.21
C ARG D 116 15.22 -48.18 -7.44
N GLN D 117 15.73 -49.27 -8.03
CA GLN D 117 16.83 -50.01 -7.40
C GLN D 117 18.06 -49.13 -7.24
N ALA D 118 18.40 -48.37 -8.30
CA ALA D 118 19.52 -47.44 -8.20
C ALA D 118 19.23 -46.32 -7.21
N LEU D 119 17.97 -45.91 -7.10
CA LEU D 119 17.62 -44.85 -6.17
C LEU D 119 17.87 -45.29 -4.72
N ARG D 120 17.59 -46.56 -4.42
CA ARG D 120 17.85 -47.07 -3.08
C ARG D 120 19.31 -47.42 -2.86
N ALA D 121 20.02 -47.81 -3.93
CA ALA D 121 21.45 -48.12 -3.80
C ALA D 121 22.26 -46.86 -3.57
N VAL D 122 21.93 -45.77 -4.27
CA VAL D 122 22.65 -44.52 -4.09
C VAL D 122 22.44 -43.97 -2.69
N ALA D 123 21.20 -44.01 -2.19
CA ALA D 123 20.93 -43.47 -0.87
C ALA D 123 21.60 -44.30 0.22
N GLU D 124 21.61 -45.62 0.08
CA GLU D 124 22.26 -46.46 1.08
C GLU D 124 23.76 -46.22 1.12
N ILE D 125 24.37 -45.99 -0.05
CA ILE D 125 25.78 -45.63 -0.08
C ILE D 125 26.02 -44.30 0.62
N ALA D 126 25.05 -43.38 0.52
CA ALA D 126 25.19 -42.09 1.21
C ALA D 126 25.06 -42.23 2.71
N GLU D 127 24.18 -43.13 3.18
CA GLU D 127 24.00 -43.29 4.62
C GLU D 127 25.24 -43.90 5.27
N GLU D 128 25.83 -44.91 4.64
CA GLU D 128 27.04 -45.55 5.17
C GLU D 128 28.29 -44.75 4.86
N ALA D 129 28.18 -43.61 4.19
CA ALA D 129 29.33 -42.77 3.90
C ALA D 129 29.64 -41.87 5.10
N LYS D 130 30.69 -41.07 4.97
CA LYS D 130 31.13 -40.18 6.02
C LYS D 130 31.23 -38.72 5.58
N ASP D 131 31.78 -38.46 4.40
CA ASP D 131 32.00 -37.09 3.97
C ASP D 131 30.69 -36.44 3.52
N GLU D 132 30.62 -35.12 3.70
CA GLU D 132 29.50 -34.37 3.16
C GLU D 132 29.50 -34.35 1.63
N ARG D 133 30.66 -34.57 1.02
CA ARG D 133 30.74 -34.54 -0.44
C ARG D 133 29.97 -35.69 -1.07
N VAL D 134 29.99 -36.86 -0.43
CA VAL D 134 29.26 -38.01 -0.96
C VAL D 134 27.76 -37.78 -0.85
N ARG D 135 27.30 -37.23 0.29
CA ARG D 135 25.88 -36.96 0.44
C ARG D 135 25.41 -35.89 -0.53
N LYS D 136 26.24 -34.89 -0.80
CA LYS D 136 25.88 -33.89 -1.80
C LYS D 136 25.76 -34.53 -3.19
N GLU D 137 26.67 -35.46 -3.50
CA GLU D 137 26.58 -36.14 -4.80
C GLU D 137 25.36 -37.05 -4.86
N ALA D 138 25.04 -37.72 -3.76
CA ALA D 138 23.88 -38.61 -3.75
C ALA D 138 22.58 -37.85 -3.95
N VAL D 139 22.44 -36.68 -3.31
CA VAL D 139 21.26 -35.86 -3.51
C VAL D 139 21.17 -35.40 -4.96
N ARG D 140 22.29 -34.92 -5.51
CA ARG D 140 22.30 -34.48 -6.90
C ARG D 140 21.97 -35.62 -7.85
N VAL D 141 22.45 -36.83 -7.56
CA VAL D 141 22.18 -37.97 -8.42
C VAL D 141 20.74 -38.44 -8.26
N MET D 142 20.25 -38.51 -7.02
CA MET D 142 18.88 -38.96 -6.79
C MET D 142 17.87 -38.03 -7.44
N LEU D 143 18.15 -36.73 -7.45
CA LEU D 143 17.30 -35.80 -8.19
C LEU D 143 17.31 -36.12 -9.68
N GLN D 144 18.48 -36.49 -10.21
CA GLN D 144 18.58 -36.79 -11.63
C GLN D 144 17.84 -38.08 -11.97
N ILE D 145 17.91 -39.08 -11.09
CA ILE D 145 17.20 -40.33 -11.33
C ILE D 145 15.69 -40.11 -11.34
N ALA D 146 15.20 -39.29 -10.41
CA ALA D 146 13.76 -39.02 -10.34
C ALA D 146 13.26 -38.28 -11.57
N LYS D 147 14.12 -37.47 -12.20
CA LYS D 147 13.71 -36.78 -13.42
C LYS D 147 13.62 -37.73 -14.60
N GLU D 148 14.50 -38.74 -14.65
CA GLU D 148 14.46 -39.72 -15.73
C GLU D 148 13.17 -40.53 -15.67
N SER D 149 12.83 -41.03 -14.48
CA SER D 149 11.59 -41.79 -14.32
C SER D 149 10.38 -40.87 -14.38
N GLY D 150 10.36 -39.83 -13.54
CA GLY D 150 9.25 -38.92 -13.51
C GLY D 150 7.93 -39.51 -13.07
N SER D 151 7.92 -40.74 -12.57
CA SER D 151 6.68 -41.39 -12.16
C SER D 151 6.24 -40.91 -10.78
N LYS D 152 4.99 -41.23 -10.43
CA LYS D 152 4.47 -40.87 -9.12
C LYS D 152 5.26 -41.56 -8.01
N GLU D 153 5.63 -42.83 -8.22
CA GLU D 153 6.35 -43.58 -7.20
C GLU D 153 7.81 -43.16 -7.10
N ALA D 154 8.38 -42.63 -8.19
CA ALA D 154 9.79 -42.24 -8.18
C ALA D 154 9.99 -40.96 -7.39
N VAL D 155 9.14 -39.95 -7.62
CA VAL D 155 9.28 -38.69 -6.90
C VAL D 155 8.99 -38.86 -5.41
N LYS D 156 8.11 -39.81 -5.07
CA LYS D 156 7.86 -40.10 -3.67
C LYS D 156 9.04 -40.83 -3.04
N LEU D 157 9.57 -41.83 -3.74
CA LEU D 157 10.72 -42.57 -3.23
C LEU D 157 11.96 -41.68 -3.16
N ALA D 158 12.19 -40.86 -4.19
CA ALA D 158 13.35 -39.99 -4.18
C ALA D 158 13.29 -38.99 -3.05
N PHE D 159 12.11 -38.44 -2.77
CA PHE D 159 11.97 -37.47 -1.69
C PHE D 159 12.17 -38.11 -0.33
N GLU D 160 11.81 -39.39 -0.19
CA GLU D 160 12.01 -40.06 1.09
C GLU D 160 13.48 -40.35 1.33
N MET D 161 14.17 -40.89 0.33
CA MET D 161 15.59 -41.21 0.51
C MET D 161 16.44 -39.95 0.68
N ILE D 162 16.05 -38.85 0.02
CA ILE D 162 16.81 -37.61 0.16
C ILE D 162 16.69 -37.06 1.58
N LEU D 163 15.47 -37.06 2.14
CA LEU D 163 15.31 -36.62 3.52
C LEU D 163 16.05 -37.52 4.49
N ARG D 164 16.14 -38.82 4.20
CA ARG D 164 16.92 -39.72 5.04
C ARG D 164 18.40 -39.37 5.01
N VAL D 165 18.88 -38.83 3.90
CA VAL D 165 20.29 -38.49 3.78
C VAL D 165 20.57 -37.09 4.35
N VAL D 166 19.70 -36.13 4.04
CA VAL D 166 19.94 -34.75 4.45
C VAL D 166 19.64 -34.55 5.93
N ARG D 167 18.60 -35.22 6.44
CA ARG D 167 18.26 -35.24 7.86
C ARG D 167 17.68 -33.94 8.39
N ILE D 168 18.15 -32.80 7.90
CA ILE D 168 17.73 -31.50 8.43
C ILE D 168 17.27 -30.60 7.28
N ILE D 169 16.11 -29.99 7.45
CA ILE D 169 15.55 -29.05 6.47
C ILE D 169 15.54 -27.67 7.11
N ALA D 170 16.10 -26.69 6.40
CA ALA D 170 16.15 -25.31 6.90
C ALA D 170 14.92 -24.58 6.40
N VAL D 171 14.06 -24.17 7.34
CA VAL D 171 12.88 -23.37 7.02
C VAL D 171 13.31 -21.90 7.06
N LEU D 172 13.45 -21.31 5.88
CA LEU D 172 14.12 -20.02 5.75
C LEU D 172 13.11 -18.89 5.54
N ARG D 173 13.31 -17.79 6.26
CA ARG D 173 12.54 -16.57 6.08
C ARG D 173 13.47 -15.38 6.19
N ALA D 174 13.34 -14.42 5.26
CA ALA D 174 14.15 -13.21 5.28
C ALA D 174 13.28 -12.05 4.83
N ASN D 175 13.83 -10.84 4.95
CA ASN D 175 13.12 -9.61 4.62
C ASN D 175 13.58 -9.00 3.29
N SER D 176 14.26 -9.79 2.46
CA SER D 176 14.67 -9.34 1.12
C SER D 176 15.17 -10.55 0.34
N VAL D 177 15.11 -10.43 -0.98
CA VAL D 177 15.57 -11.52 -1.84
C VAL D 177 17.06 -11.75 -1.66
N GLU D 178 17.83 -10.68 -1.46
CA GLU D 178 19.28 -10.82 -1.33
C GLU D 178 19.64 -11.48 -0.01
N GLU D 179 19.00 -11.07 1.09
CA GLU D 179 19.28 -11.69 2.38
C GLU D 179 18.79 -13.12 2.43
N ALA D 180 17.74 -13.45 1.67
CA ALA D 180 17.29 -14.84 1.59
C ALA D 180 18.31 -15.70 0.85
N LYS D 181 18.89 -15.18 -0.22
CA LYS D 181 19.91 -15.94 -0.96
C LYS D 181 21.17 -16.10 -0.14
N GLU D 182 21.53 -15.09 0.66
CA GLU D 182 22.72 -15.19 1.49
C GLU D 182 22.51 -16.15 2.66
N LYS D 183 21.31 -16.16 3.23
CA LYS D 183 21.02 -17.10 4.30
C LYS D 183 20.98 -18.53 3.78
N ALA D 184 20.43 -18.74 2.59
CA ALA D 184 20.37 -20.08 2.02
C ALA D 184 21.77 -20.58 1.66
N LEU D 185 22.62 -19.70 1.15
CA LEU D 185 24.02 -20.09 0.92
C LEU D 185 24.76 -20.30 2.23
N ALA D 186 24.30 -19.69 3.32
CA ALA D 186 24.96 -19.88 4.62
C ALA D 186 24.68 -21.27 5.18
N VAL D 187 23.42 -21.69 5.17
CA VAL D 187 23.10 -23.04 5.67
C VAL D 187 23.72 -24.10 4.77
N PHE D 188 23.87 -23.81 3.48
CA PHE D 188 24.49 -24.78 2.58
C PHE D 188 25.97 -24.94 2.90
N GLU D 189 26.66 -23.84 3.20
CA GLU D 189 28.07 -23.93 3.60
C GLU D 189 28.21 -24.59 4.96
N GLY D 190 27.18 -24.52 5.80
CA GLY D 190 27.22 -25.18 7.09
C GLY D 190 26.95 -26.66 7.05
N GLY D 191 26.24 -27.14 6.03
CA GLY D 191 26.00 -28.56 5.89
C GLY D 191 24.53 -28.94 5.81
N VAL D 192 23.66 -27.94 5.68
CA VAL D 192 22.23 -28.18 5.57
C VAL D 192 21.87 -28.20 4.08
N LEU D 193 21.54 -29.39 3.57
CA LEU D 193 21.31 -29.57 2.14
C LEU D 193 19.86 -29.39 1.73
N ALA D 194 18.93 -29.38 2.67
CA ALA D 194 17.52 -29.16 2.38
C ALA D 194 17.12 -27.75 2.81
N ILE D 195 16.57 -26.99 1.89
CA ILE D 195 16.18 -25.59 2.14
C ILE D 195 14.73 -25.42 1.75
N GLU D 196 13.90 -24.99 2.71
CA GLU D 196 12.48 -24.74 2.49
C GLU D 196 12.24 -23.24 2.54
N ILE D 197 11.72 -22.69 1.44
CA ILE D 197 11.46 -21.26 1.32
C ILE D 197 9.99 -21.04 1.66
N THR D 198 9.73 -20.36 2.78
CA THR D 198 8.37 -19.99 3.11
C THR D 198 7.85 -18.95 2.11
N PHE D 199 6.53 -18.86 1.99
CA PHE D 199 5.91 -17.83 1.18
C PHE D 199 5.50 -16.62 2.01
N THR D 200 6.12 -16.44 3.19
CA THR D 200 5.99 -15.19 3.92
C THR D 200 6.82 -14.09 3.27
N VAL D 201 8.03 -14.43 2.83
CA VAL D 201 8.89 -13.45 2.16
C VAL D 201 8.17 -12.90 0.95
N PRO D 202 8.31 -11.61 0.62
CA PRO D 202 7.46 -11.01 -0.43
C PRO D 202 7.62 -11.65 -1.79
N ASP D 203 8.84 -11.94 -2.21
CA ASP D 203 9.12 -12.54 -3.51
C ASP D 203 9.83 -13.87 -3.30
N ALA D 204 9.13 -14.83 -2.71
CA ALA D 204 9.71 -16.16 -2.50
C ALA D 204 9.92 -16.90 -3.81
N ASP D 205 9.06 -16.66 -4.80
CA ASP D 205 9.19 -17.34 -6.08
C ASP D 205 10.51 -16.99 -6.76
N THR D 206 10.95 -15.73 -6.65
CA THR D 206 12.24 -15.35 -7.22
C THR D 206 13.39 -16.00 -6.45
N VAL D 207 13.27 -16.08 -5.12
CA VAL D 207 14.31 -16.71 -4.31
C VAL D 207 14.48 -18.16 -4.70
N ILE D 208 13.37 -18.89 -4.87
CA ILE D 208 13.45 -20.28 -5.29
C ILE D 208 14.05 -20.39 -6.68
N LYS D 209 13.73 -19.43 -7.55
CA LYS D 209 14.21 -19.50 -8.93
C LYS D 209 15.72 -19.26 -9.00
N GLU D 210 16.21 -18.27 -8.26
CA GLU D 210 17.63 -17.91 -8.33
C GLU D 210 18.52 -18.80 -7.47
N LEU D 211 17.95 -19.58 -6.56
CA LEU D 211 18.70 -20.55 -5.78
C LEU D 211 18.80 -21.91 -6.48
N SER D 212 18.34 -22.00 -7.73
CA SER D 212 18.33 -23.26 -8.44
C SER D 212 19.74 -23.79 -8.71
N PHE D 213 20.76 -22.94 -8.67
CA PHE D 213 22.12 -23.41 -8.87
C PHE D 213 22.59 -24.31 -7.72
N LEU D 214 21.98 -24.20 -6.55
CA LEU D 214 22.36 -25.06 -5.43
C LEU D 214 21.93 -26.50 -5.67
N GLU D 215 20.87 -26.72 -6.45
CA GLU D 215 20.39 -28.07 -6.70
C GLU D 215 21.38 -28.88 -7.52
N LYS D 216 22.32 -28.23 -8.20
CA LYS D 216 23.38 -28.91 -8.93
C LYS D 216 24.61 -29.18 -8.08
N GLU D 217 24.64 -28.69 -6.84
CA GLU D 217 25.77 -28.89 -5.95
C GLU D 217 25.44 -29.80 -4.78
N GLY D 218 24.26 -30.40 -4.76
CA GLY D 218 23.85 -31.29 -3.69
C GLY D 218 22.75 -30.78 -2.79
N ALA D 219 22.04 -29.73 -3.18
CA ALA D 219 20.96 -29.17 -2.38
C ALA D 219 19.62 -29.48 -3.03
N ILE D 220 18.55 -29.24 -2.27
CA ILE D 220 17.18 -29.41 -2.75
C ILE D 220 16.36 -28.24 -2.21
N ILE D 221 15.78 -27.45 -3.12
CA ILE D 221 15.08 -26.23 -2.77
C ILE D 221 13.59 -26.46 -2.93
N GLY D 222 12.82 -26.17 -1.88
CA GLY D 222 11.38 -26.34 -1.91
C GLY D 222 10.68 -25.16 -1.28
N ALA D 223 9.35 -25.22 -1.30
CA ALA D 223 8.50 -24.17 -0.78
C ALA D 223 7.74 -24.65 0.44
N GLY D 224 7.58 -23.76 1.43
CA GLY D 224 6.86 -24.09 2.63
C GLY D 224 5.74 -23.10 2.90
N THR D 225 4.91 -23.44 3.89
CA THR D 225 3.75 -22.64 4.30
C THR D 225 2.90 -22.26 3.09
N VAL D 226 2.67 -23.23 2.21
CA VAL D 226 1.84 -23.05 1.04
C VAL D 226 0.40 -23.42 1.40
N THR D 227 -0.52 -22.46 1.29
CA THR D 227 -1.88 -22.65 1.77
C THR D 227 -2.92 -22.83 0.68
N SER D 228 -2.64 -22.42 -0.56
CA SER D 228 -3.61 -22.54 -1.64
C SER D 228 -2.95 -23.21 -2.85
N VAL D 229 -3.76 -23.48 -3.87
CA VAL D 229 -3.25 -24.10 -5.09
C VAL D 229 -2.58 -23.08 -5.99
N GLU D 230 -3.20 -21.91 -6.15
CA GLU D 230 -2.56 -20.84 -6.90
C GLU D 230 -1.21 -20.47 -6.29
N GLN D 231 -1.10 -20.56 -4.97
CA GLN D 231 0.19 -20.36 -4.31
C GLN D 231 1.13 -21.53 -4.57
N CYS D 232 0.59 -22.75 -4.62
CA CYS D 232 1.41 -23.92 -4.91
C CYS D 232 1.83 -23.94 -6.37
N ARG D 233 0.94 -23.54 -7.28
CA ARG D 233 1.26 -23.54 -8.70
C ARG D 233 2.39 -22.57 -9.02
N LYS D 234 2.49 -21.46 -8.30
CA LYS D 234 3.62 -20.56 -8.48
C LYS D 234 4.91 -21.18 -7.99
N ALA D 235 4.84 -21.92 -6.88
CA ALA D 235 6.05 -22.53 -6.33
C ALA D 235 6.62 -23.56 -7.29
N VAL D 236 5.77 -24.37 -7.91
CA VAL D 236 6.25 -25.39 -8.85
C VAL D 236 6.81 -24.72 -10.10
N GLU D 237 6.15 -23.68 -10.60
CA GLU D 237 6.63 -22.99 -11.78
C GLU D 237 7.88 -22.16 -11.50
N SER D 238 8.28 -22.01 -10.24
CA SER D 238 9.52 -21.33 -9.90
C SER D 238 10.68 -22.28 -9.65
N GLY D 239 10.44 -23.59 -9.66
CA GLY D 239 11.50 -24.56 -9.53
C GLY D 239 11.50 -25.36 -8.25
N ALA D 240 10.45 -25.29 -7.44
CA ALA D 240 10.42 -26.03 -6.18
C ALA D 240 10.32 -27.51 -6.43
N LEU D 241 11.07 -28.30 -5.65
CA LEU D 241 11.05 -29.75 -5.77
C LEU D 241 10.21 -30.43 -4.70
N PHE D 242 9.78 -29.70 -3.68
CA PHE D 242 8.85 -30.24 -2.69
C PHE D 242 8.02 -29.10 -2.12
N ILE D 243 6.76 -29.41 -1.83
CA ILE D 243 5.81 -28.44 -1.28
C ILE D 243 5.42 -28.88 0.11
N VAL D 244 5.43 -27.94 1.05
CA VAL D 244 5.12 -28.22 2.46
C VAL D 244 3.99 -27.28 2.89
N SER D 245 2.95 -27.86 3.48
CA SER D 245 1.80 -27.11 3.95
C SER D 245 1.56 -27.35 5.44
N PRO D 246 1.00 -26.38 6.16
CA PRO D 246 0.74 -26.59 7.60
C PRO D 246 -0.37 -27.59 7.87
N HIS D 247 -1.30 -27.78 6.93
CA HIS D 247 -2.38 -28.73 7.11
C HIS D 247 -2.48 -29.63 5.88
N LEU D 248 -3.57 -30.39 5.78
CA LEU D 248 -3.83 -31.26 4.65
C LEU D 248 -4.75 -30.54 3.67
N ASP D 249 -4.26 -30.29 2.47
CA ASP D 249 -5.02 -29.63 1.41
C ASP D 249 -5.19 -30.63 0.28
N GLU D 250 -6.42 -31.13 0.11
CA GLU D 250 -6.67 -32.16 -0.90
C GLU D 250 -6.46 -31.62 -2.31
N GLU D 251 -6.75 -30.34 -2.54
CA GLU D 251 -6.52 -29.75 -3.85
C GLU D 251 -5.04 -29.58 -4.14
N ILE D 252 -4.23 -29.32 -3.10
CA ILE D 252 -2.79 -29.21 -3.30
C ILE D 252 -2.18 -30.59 -3.56
N SER D 253 -2.64 -31.60 -2.81
CA SER D 253 -2.12 -32.96 -3.02
C SER D 253 -2.43 -33.46 -4.43
N GLN D 254 -3.61 -33.12 -4.95
CA GLN D 254 -3.95 -33.53 -6.31
C GLN D 254 -3.06 -32.83 -7.33
N PHE D 255 -2.82 -31.53 -7.15
CA PHE D 255 -1.99 -30.79 -8.10
C PHE D 255 -0.55 -31.28 -8.09
N CYS D 256 -0.01 -31.56 -6.91
CA CYS D 256 1.37 -32.03 -6.81
C CYS D 256 1.55 -33.43 -7.36
N ASP D 257 0.48 -34.23 -7.41
CA ASP D 257 0.61 -35.58 -7.97
C ASP D 257 0.74 -35.54 -9.48
N GLU D 258 -0.14 -34.79 -10.16
CA GLU D 258 -0.09 -34.70 -11.61
C GLU D 258 1.03 -33.81 -12.11
N ALA D 259 1.65 -33.01 -11.24
CA ALA D 259 2.79 -32.18 -11.62
C ALA D 259 4.12 -32.84 -11.35
N GLY D 260 4.15 -33.94 -10.61
CA GLY D 260 5.40 -34.63 -10.31
C GLY D 260 6.27 -33.93 -9.29
N VAL D 261 5.66 -33.40 -8.23
CA VAL D 261 6.38 -32.71 -7.17
C VAL D 261 6.01 -33.35 -5.84
N ALA D 262 7.01 -33.56 -4.99
CA ALA D 262 6.76 -34.09 -3.66
C ALA D 262 5.93 -33.10 -2.84
N TYR D 263 5.08 -33.64 -1.97
CA TYR D 263 4.20 -32.83 -1.13
C TYR D 263 4.09 -33.47 0.24
N ALA D 264 4.48 -32.72 1.27
CA ALA D 264 4.42 -33.20 2.65
C ALA D 264 3.38 -32.39 3.41
N PRO D 265 2.17 -32.91 3.63
CA PRO D 265 1.15 -32.16 4.34
C PRO D 265 1.36 -32.17 5.85
N GLY D 266 0.68 -31.26 6.51
CA GLY D 266 0.79 -31.10 7.96
C GLY D 266 -0.31 -31.87 8.68
N VAL D 267 0.11 -32.60 9.71
CA VAL D 267 -0.81 -33.36 10.55
C VAL D 267 -0.41 -33.20 12.01
N MET D 268 -1.36 -33.45 12.90
CA MET D 268 -1.13 -33.33 14.33
C MET D 268 -1.80 -34.42 15.17
N THR D 269 -2.89 -35.02 14.70
CA THR D 269 -3.58 -36.09 15.40
C THR D 269 -3.55 -37.36 14.56
N PRO D 270 -3.71 -38.53 15.18
CA PRO D 270 -3.79 -39.76 14.39
C PRO D 270 -4.94 -39.78 13.39
N THR D 271 -6.01 -39.04 13.67
CA THR D 271 -7.12 -38.99 12.71
C THR D 271 -6.71 -38.22 11.46
N GLU D 272 -5.94 -37.15 11.62
CA GLU D 272 -5.41 -36.44 10.46
C GLU D 272 -4.33 -37.24 9.74
N LEU D 273 -3.64 -38.11 10.47
CA LEU D 273 -2.68 -39.02 9.86
C LEU D 273 -3.37 -39.95 8.87
N VAL D 274 -4.47 -40.57 9.30
CA VAL D 274 -5.19 -41.50 8.44
C VAL D 274 -5.71 -40.81 7.19
N LYS D 275 -6.26 -39.60 7.36
CA LYS D 275 -6.73 -38.84 6.20
C LYS D 275 -5.59 -38.56 5.22
N ALA D 276 -4.36 -38.43 5.73
CA ALA D 276 -3.22 -38.20 4.85
C ALA D 276 -2.83 -39.47 4.10
N MET D 277 -2.90 -40.62 4.76
CA MET D 277 -2.59 -41.89 4.08
C MET D 277 -3.63 -42.22 3.03
N LYS D 278 -4.90 -41.90 3.29
CA LYS D 278 -5.96 -42.16 2.32
C LYS D 278 -5.76 -41.40 1.02
N LEU D 279 -4.94 -40.34 1.04
CA LEU D 279 -4.60 -39.59 -0.17
C LEU D 279 -3.24 -39.99 -0.73
N GLY D 280 -2.56 -40.95 -0.12
CA GLY D 280 -1.31 -41.46 -0.65
C GLY D 280 -0.08 -40.70 -0.21
N HIS D 281 -0.02 -40.33 1.08
CA HIS D 281 1.10 -39.59 1.63
C HIS D 281 1.67 -40.35 2.82
N ARG D 282 2.83 -40.97 2.63
CA ARG D 282 3.54 -41.64 3.70
C ARG D 282 4.46 -40.70 4.47
N ILE D 283 5.02 -39.70 3.80
CA ILE D 283 5.91 -38.72 4.43
C ILE D 283 5.06 -37.53 4.86
N LEU D 284 4.98 -37.29 6.16
CA LEU D 284 4.10 -36.29 6.72
C LEU D 284 4.90 -35.26 7.51
N LYS D 285 4.40 -34.02 7.49
CA LYS D 285 4.96 -32.94 8.29
C LYS D 285 4.20 -32.84 9.60
N LEU D 286 4.91 -33.03 10.71
CA LEU D 286 4.29 -32.96 12.04
C LEU D 286 4.37 -31.52 12.52
N PHE D 287 3.23 -30.83 12.52
CA PHE D 287 3.18 -29.40 12.80
C PHE D 287 1.99 -29.05 13.68
N PRO D 288 2.21 -28.38 14.82
CA PRO D 288 3.55 -28.06 15.34
C PRO D 288 4.17 -29.23 16.08
N GLY D 289 5.43 -29.54 15.79
CA GLY D 289 6.06 -30.69 16.41
C GLY D 289 6.28 -30.55 17.90
N GLU D 290 6.49 -29.32 18.38
CA GLU D 290 6.82 -29.13 19.79
C GLU D 290 5.62 -29.41 20.70
N VAL D 291 4.40 -29.09 20.24
CA VAL D 291 3.23 -29.26 21.09
C VAL D 291 2.87 -30.73 21.26
N VAL D 292 3.37 -31.60 20.40
CA VAL D 292 3.03 -33.01 20.45
C VAL D 292 4.20 -33.88 20.94
N GLY D 293 5.44 -33.43 20.81
CA GLY D 293 6.58 -34.11 21.38
C GLY D 293 6.97 -35.37 20.62
N PRO D 294 8.20 -35.84 20.88
CA PRO D 294 8.65 -37.11 20.26
C PRO D 294 7.88 -38.32 20.76
N GLN D 295 7.11 -38.20 21.83
CA GLN D 295 6.25 -39.29 22.28
C GLN D 295 5.19 -39.64 21.24
N PHE D 296 4.84 -38.68 20.37
CA PHE D 296 3.84 -38.93 19.35
C PHE D 296 4.36 -39.86 18.27
N VAL D 297 5.56 -39.57 17.74
CA VAL D 297 6.09 -40.38 16.64
C VAL D 297 6.44 -41.78 17.11
N LYS D 298 6.79 -41.94 18.40
CA LYS D 298 7.05 -43.28 18.92
C LYS D 298 5.76 -44.08 19.06
N ALA D 299 4.65 -43.42 19.40
CA ALA D 299 3.37 -44.10 19.50
C ALA D 299 2.79 -44.42 18.12
N MET D 300 3.11 -43.61 17.10
CA MET D 300 2.55 -43.82 15.78
C MET D 300 3.19 -45.01 15.06
N LYS D 301 4.39 -45.41 15.47
CA LYS D 301 5.08 -46.51 14.79
C LYS D 301 4.39 -47.84 15.01
N GLY D 302 3.53 -47.95 16.02
CA GLY D 302 2.78 -49.16 16.25
C GLY D 302 1.72 -49.39 15.19
N PRO D 303 0.68 -48.55 15.18
CA PRO D 303 -0.39 -48.72 14.18
C PRO D 303 0.02 -48.32 12.77
N PHE D 304 0.97 -47.40 12.62
CA PHE D 304 1.40 -46.92 11.31
C PHE D 304 2.91 -47.07 11.21
N PRO D 305 3.39 -48.28 10.91
CA PRO D 305 4.84 -48.51 10.94
C PRO D 305 5.58 -47.90 9.76
N ASN D 306 4.93 -47.76 8.61
CA ASN D 306 5.58 -47.24 7.40
C ASN D 306 5.37 -45.74 7.22
N VAL D 307 4.80 -45.06 8.20
CA VAL D 307 4.64 -43.61 8.15
C VAL D 307 5.82 -42.97 8.88
N ARG D 308 6.47 -42.01 8.22
CA ARG D 308 7.61 -41.31 8.78
C ARG D 308 7.34 -39.81 8.77
N PHE D 309 7.72 -39.14 9.85
CA PHE D 309 7.35 -37.75 10.09
C PHE D 309 8.54 -36.82 9.95
N VAL D 310 8.23 -35.55 9.72
CA VAL D 310 9.21 -34.46 9.73
C VAL D 310 8.66 -33.36 10.62
N PRO D 311 9.04 -33.31 11.90
CA PRO D 311 8.47 -32.28 12.79
C PRO D 311 9.06 -30.91 12.49
N THR D 312 8.19 -29.93 12.32
CA THR D 312 8.58 -28.55 12.06
C THR D 312 7.88 -27.65 13.05
N GLY D 313 8.65 -26.77 13.69
CA GLY D 313 8.09 -25.84 14.65
C GLY D 313 8.56 -26.11 16.06
N GLY D 314 9.42 -25.23 16.58
CA GLY D 314 9.94 -25.39 17.92
C GLY D 314 11.11 -26.36 18.05
N VAL D 315 11.81 -26.63 16.96
CA VAL D 315 12.96 -27.53 17.00
C VAL D 315 14.22 -26.69 17.24
N ASN D 316 14.93 -27.00 18.32
CA ASN D 316 16.17 -26.29 18.64
C ASN D 316 17.29 -27.29 18.89
N LEU D 317 18.42 -26.81 19.42
CA LEU D 317 19.55 -27.70 19.66
C LEU D 317 19.31 -28.61 20.86
N ASP D 318 18.36 -28.29 21.73
CA ASP D 318 18.11 -29.12 22.90
C ASP D 318 17.29 -30.35 22.55
N ASN D 319 16.22 -30.17 21.77
CA ASN D 319 15.29 -31.26 21.49
C ASN D 319 15.60 -32.01 20.21
N VAL D 320 16.48 -31.50 19.35
CA VAL D 320 16.74 -32.15 18.07
C VAL D 320 17.34 -33.53 18.27
N ALA D 321 18.10 -33.72 19.36
CA ALA D 321 18.65 -35.04 19.64
C ALA D 321 17.56 -36.04 20.00
N GLU D 322 16.55 -35.59 20.76
CA GLU D 322 15.46 -36.48 21.16
C GLU D 322 14.64 -36.93 19.96
N TRP D 323 14.47 -36.05 18.98
CA TRP D 323 13.63 -36.38 17.82
C TRP D 323 14.22 -37.54 17.03
N PHE D 324 15.52 -37.46 16.70
CA PHE D 324 16.14 -38.52 15.91
C PHE D 324 16.33 -39.80 16.71
N LYS D 325 16.41 -39.71 18.04
CA LYS D 325 16.42 -40.92 18.85
C LYS D 325 15.06 -41.60 18.86
N ALA D 326 14.00 -40.88 18.46
CA ALA D 326 12.66 -41.42 18.37
C ALA D 326 12.35 -42.00 16.99
N GLY D 327 13.35 -42.12 16.12
CA GLY D 327 13.13 -42.70 14.81
C GLY D 327 12.48 -41.79 13.81
N VAL D 328 12.86 -40.51 13.81
CA VAL D 328 12.28 -39.52 12.91
C VAL D 328 13.10 -39.46 11.63
N LEU D 329 12.40 -39.36 10.48
CA LEU D 329 13.04 -39.26 9.18
C LEU D 329 13.95 -38.03 9.11
N ALA D 330 13.34 -36.86 9.01
CA ALA D 330 14.07 -35.60 8.96
C ALA D 330 13.37 -34.59 9.87
N VAL D 331 14.03 -33.46 10.10
CA VAL D 331 13.49 -32.43 10.98
C VAL D 331 13.61 -31.08 10.29
N GLY D 332 12.67 -30.19 10.61
CA GLY D 332 12.67 -28.86 10.04
C GLY D 332 12.89 -27.76 11.06
N VAL D 333 14.02 -27.07 10.95
CA VAL D 333 14.41 -26.02 11.89
C VAL D 333 14.23 -24.67 11.24
N GLY D 334 13.72 -23.70 12.00
CA GLY D 334 13.45 -22.39 11.45
C GLY D 334 14.27 -21.28 12.09
N SER D 335 13.63 -20.51 12.99
CA SER D 335 14.31 -19.36 13.58
C SER D 335 15.56 -19.76 14.36
N ALA D 336 15.55 -20.94 14.98
CA ALA D 336 16.71 -21.40 15.73
C ALA D 336 17.92 -21.70 14.86
N LEU D 337 17.79 -21.58 13.54
CA LEU D 337 18.86 -21.89 12.61
C LEU D 337 19.15 -20.75 11.64
N VAL D 338 18.11 -20.08 11.12
CA VAL D 338 18.29 -19.14 10.02
C VAL D 338 18.21 -17.69 10.46
N LYS D 339 18.09 -17.42 11.75
CA LYS D 339 18.03 -16.05 12.24
C LYS D 339 19.43 -15.51 12.50
N GLY D 340 19.69 -14.31 12.01
CA GLY D 340 20.92 -13.60 12.27
C GLY D 340 21.70 -13.34 10.99
N THR D 341 22.97 -12.99 11.17
CA THR D 341 23.85 -12.75 10.05
C THR D 341 24.16 -14.06 9.32
N PRO D 342 24.55 -13.99 8.06
CA PRO D 342 25.01 -15.20 7.36
C PRO D 342 26.17 -15.89 8.05
N ASP D 343 26.98 -15.17 8.83
CA ASP D 343 28.03 -15.81 9.60
C ASP D 343 27.46 -16.57 10.79
N GLU D 344 26.51 -15.98 11.50
CA GLU D 344 25.85 -16.68 12.61
C GLU D 344 25.06 -17.88 12.10
N VAL D 345 24.42 -17.73 10.94
CA VAL D 345 23.63 -18.82 10.37
C VAL D 345 24.52 -19.98 9.96
N ARG D 346 25.69 -19.67 9.39
CA ARG D 346 26.62 -20.73 9.01
C ARG D 346 27.12 -21.48 10.24
N GLU D 347 27.34 -20.76 11.34
CA GLU D 347 27.80 -21.41 12.56
C GLU D 347 26.69 -22.24 13.19
N LYS D 348 25.45 -21.75 13.12
CA LYS D 348 24.31 -22.55 13.60
C LYS D 348 24.13 -23.80 12.75
N ALA D 349 24.32 -23.69 11.43
CA ALA D 349 24.16 -24.84 10.55
C ALA D 349 25.17 -25.93 10.89
N LYS D 350 26.40 -25.55 11.23
CA LYS D 350 27.38 -26.54 11.64
C LYS D 350 27.00 -27.16 12.97
N ALA D 351 26.42 -26.36 13.87
CA ALA D 351 26.06 -26.87 15.20
C ALA D 351 24.96 -27.91 15.12
N PHE D 352 23.97 -27.70 14.25
CA PHE D 352 22.88 -28.66 14.12
C PHE D 352 23.36 -29.95 13.47
N VAL D 353 24.23 -29.85 12.47
CA VAL D 353 24.74 -31.05 11.80
C VAL D 353 25.59 -31.87 12.76
N GLU D 354 26.42 -31.20 13.57
CA GLU D 354 27.26 -31.91 14.53
C GLU D 354 26.43 -32.60 15.60
N LYS D 355 25.36 -31.96 16.06
CA LYS D 355 24.54 -32.55 17.11
C LYS D 355 23.71 -33.72 16.60
N ILE D 356 23.33 -33.69 15.32
CA ILE D 356 22.61 -34.83 14.74
C ILE D 356 23.55 -36.02 14.57
N LYS D 357 24.82 -35.77 14.27
CA LYS D 357 25.79 -36.86 14.09
C LYS D 357 26.04 -37.63 15.37
N ALA D 358 25.70 -37.07 16.54
CA ALA D 358 25.94 -37.72 17.83
C ALA D 358 24.65 -38.20 18.47
N ALA D 359 23.66 -38.57 17.66
CA ALA D 359 22.39 -39.06 18.18
C ALA D 359 21.73 -40.04 17.20
N SER E 12 -32.06 -68.53 63.21
CA SER E 12 -32.17 -68.31 61.77
C SER E 12 -33.29 -69.16 61.18
N GLU E 13 -33.52 -70.33 61.77
CA GLU E 13 -34.57 -71.21 61.29
C GLU E 13 -35.96 -70.63 61.53
N GLU E 14 -36.11 -69.74 62.50
CA GLU E 14 -37.39 -69.06 62.69
C GLU E 14 -37.73 -68.20 61.48
N GLU E 15 -36.72 -67.53 60.91
CA GLU E 15 -36.94 -66.71 59.73
C GLU E 15 -36.98 -67.54 58.45
N GLN E 16 -36.32 -68.70 58.45
CA GLN E 16 -36.36 -69.57 57.28
C GLN E 16 -37.76 -70.15 57.08
N GLU E 17 -38.40 -70.57 58.17
CA GLU E 17 -39.75 -71.11 58.06
C GLU E 17 -40.76 -70.01 57.72
N ARG E 18 -40.47 -68.77 58.11
CA ARG E 18 -41.35 -67.67 57.74
C ARG E 18 -41.34 -67.44 56.23
N ILE E 19 -40.18 -67.59 55.59
CA ILE E 19 -40.11 -67.43 54.13
C ILE E 19 -40.93 -68.50 53.44
N ARG E 20 -40.89 -69.73 53.96
CA ARG E 20 -41.71 -70.80 53.38
C ARG E 20 -43.18 -70.49 53.48
N ARG E 21 -43.61 -69.85 54.58
CA ARG E 21 -45.02 -69.54 54.76
C ARG E 21 -45.48 -68.45 53.80
N ILE E 22 -44.63 -67.43 53.58
CA ILE E 22 -45.02 -66.32 52.71
C ILE E 22 -45.26 -66.83 51.29
N LEU E 23 -44.45 -67.78 50.82
CA LEU E 23 -44.63 -68.31 49.48
C LEU E 23 -45.92 -69.12 49.40
N LYS E 24 -46.09 -70.11 50.27
CA LYS E 24 -47.24 -71.00 50.20
C LYS E 24 -48.55 -70.26 50.45
N GLU E 25 -48.51 -69.20 51.25
CA GLU E 25 -49.75 -68.45 51.53
C GLU E 25 -50.09 -67.51 50.37
N ALA E 26 -49.09 -66.81 49.82
CA ALA E 26 -49.36 -65.94 48.69
C ALA E 26 -49.66 -66.74 47.42
N ARG E 27 -49.09 -67.95 47.30
CA ARG E 27 -49.42 -68.81 46.17
C ARG E 27 -50.87 -69.24 46.23
N LYS E 28 -51.34 -69.68 47.39
CA LYS E 28 -52.74 -70.07 47.54
C LYS E 28 -53.68 -68.91 47.28
N SER E 29 -53.25 -67.69 47.59
CA SER E 29 -54.05 -66.51 47.29
C SER E 29 -54.21 -66.35 45.78
N GLY E 30 -53.10 -66.31 45.06
CA GLY E 30 -53.11 -66.25 43.61
C GLY E 30 -53.18 -64.85 43.03
N THR E 31 -53.88 -63.94 43.69
CA THR E 31 -53.99 -62.58 43.19
C THR E 31 -52.62 -61.91 43.16
N GLU E 32 -52.39 -61.08 42.14
CA GLU E 32 -51.07 -60.52 41.93
C GLU E 32 -50.72 -59.48 42.98
N GLU E 33 -51.72 -58.82 43.56
CA GLU E 33 -51.43 -57.82 44.59
C GLU E 33 -50.81 -58.45 45.83
N SER E 34 -51.15 -59.72 46.11
CA SER E 34 -50.50 -60.45 47.19
C SER E 34 -49.17 -61.05 46.76
N LEU E 35 -48.96 -61.24 45.45
CA LEU E 35 -47.68 -61.70 44.95
C LEU E 35 -46.65 -60.57 44.96
N ARG E 36 -47.04 -59.38 44.53
CA ARG E 36 -46.18 -58.22 44.66
C ARG E 36 -45.87 -57.92 46.12
N GLN E 37 -46.88 -58.09 46.99
CA GLN E 37 -46.64 -57.92 48.42
C GLN E 37 -45.79 -59.05 48.99
N ALA E 38 -45.89 -60.25 48.41
CA ALA E 38 -45.04 -61.35 48.84
C ALA E 38 -43.56 -61.07 48.59
N ILE E 39 -43.25 -60.34 47.51
CA ILE E 39 -41.88 -59.93 47.25
C ILE E 39 -41.41 -58.97 48.34
N GLU E 40 -42.24 -57.97 48.66
CA GLU E 40 -41.84 -56.95 49.64
C GLU E 40 -41.60 -57.58 51.01
N ASP E 41 -42.45 -58.51 51.42
CA ASP E 41 -42.25 -59.17 52.72
C ASP E 41 -40.96 -59.97 52.74
N VAL E 42 -40.61 -60.60 51.62
CA VAL E 42 -39.32 -61.28 51.53
C VAL E 42 -38.20 -60.28 51.27
N ALA E 43 -38.48 -59.20 50.52
CA ALA E 43 -37.50 -58.16 50.31
C ALA E 43 -37.12 -57.43 51.59
N GLN E 44 -37.86 -57.66 52.68
CA GLN E 44 -37.46 -57.16 53.99
C GLN E 44 -36.14 -57.73 54.46
N LEU E 45 -35.60 -58.73 53.76
CA LEU E 45 -34.40 -59.46 54.20
C LEU E 45 -34.63 -60.05 55.59
N ALA E 46 -35.85 -60.49 55.84
CA ALA E 46 -36.30 -60.89 57.17
C ALA E 46 -36.01 -59.79 58.18
N LYS E 47 -36.57 -58.61 57.89
CA LYS E 47 -36.30 -57.39 58.65
C LYS E 47 -34.82 -57.01 58.63
N LYS E 48 -34.14 -57.35 57.53
CA LYS E 48 -32.71 -57.09 57.34
C LYS E 48 -31.90 -57.62 58.52
N SER E 49 -31.85 -58.94 58.58
CA SER E 49 -31.20 -59.65 59.69
C SER E 49 -29.73 -59.89 59.35
N GLN E 50 -29.10 -60.83 60.05
CA GLN E 50 -27.68 -61.11 59.87
C GLN E 50 -27.48 -62.10 58.73
N ASP E 51 -26.21 -62.24 58.31
CA ASP E 51 -25.85 -63.11 57.21
C ASP E 51 -25.94 -64.58 57.59
N SER E 52 -27.16 -65.10 57.71
CA SER E 52 -27.37 -66.52 57.95
C SER E 52 -27.27 -67.35 56.67
N GLU E 53 -26.96 -66.73 55.53
CA GLU E 53 -26.97 -67.33 54.21
C GLU E 53 -28.34 -67.88 53.83
N VAL E 54 -29.38 -67.60 54.60
CA VAL E 54 -30.73 -67.91 54.18
C VAL E 54 -31.19 -66.92 53.13
N LEU E 55 -30.63 -65.71 53.14
CA LEU E 55 -30.91 -64.74 52.09
C LEU E 55 -30.46 -65.23 50.72
N GLU E 56 -29.60 -66.25 50.67
CA GLU E 56 -29.24 -66.86 49.40
C GLU E 56 -30.47 -67.43 48.70
N GLU E 57 -31.30 -68.15 49.45
CA GLU E 57 -32.53 -68.71 48.89
C GLU E 57 -33.72 -67.78 49.03
N ALA E 58 -33.64 -66.79 49.93
CA ALA E 58 -34.64 -65.73 49.92
C ALA E 58 -34.61 -64.96 48.61
N ILE E 59 -33.45 -64.91 47.95
CA ILE E 59 -33.38 -64.40 46.59
C ILE E 59 -34.10 -65.33 45.63
N ARG E 60 -33.91 -66.64 45.79
CA ARG E 60 -34.56 -67.61 44.92
C ARG E 60 -36.07 -67.59 45.10
N VAL E 61 -36.54 -67.37 46.33
CA VAL E 61 -37.97 -67.29 46.57
C VAL E 61 -38.57 -66.10 45.85
N ILE E 62 -37.87 -64.96 45.83
CA ILE E 62 -38.33 -63.80 45.09
C ILE E 62 -38.41 -64.12 43.60
N LEU E 63 -37.48 -64.94 43.12
CA LEU E 63 -37.52 -65.35 41.71
C LEU E 63 -38.75 -66.22 41.43
N ARG E 64 -39.07 -67.14 42.35
CA ARG E 64 -40.24 -68.01 42.14
C ARG E 64 -41.53 -67.21 42.15
N ILE E 65 -41.59 -66.14 42.94
CA ILE E 65 -42.79 -65.31 42.97
C ILE E 65 -42.90 -64.47 41.71
N ALA E 66 -41.79 -63.87 41.28
CA ALA E 66 -41.81 -63.02 40.09
C ALA E 66 -42.12 -63.84 38.83
N LYS E 67 -41.55 -65.04 38.72
CA LYS E 67 -41.87 -65.90 37.59
C LYS E 67 -43.32 -66.36 37.64
N GLU E 68 -43.88 -66.55 38.83
CA GLU E 68 -45.30 -66.88 38.94
C GLU E 68 -46.17 -65.71 38.51
N SER E 69 -45.78 -64.49 38.88
CA SER E 69 -46.55 -63.31 38.48
C SER E 69 -46.45 -63.09 36.98
N GLY E 70 -45.24 -63.14 36.42
CA GLY E 70 -45.04 -63.02 35.00
C GLY E 70 -45.09 -61.61 34.45
N SER E 71 -45.57 -60.63 35.21
CA SER E 71 -45.66 -59.27 34.72
C SER E 71 -44.30 -58.61 34.72
N GLU E 72 -44.11 -57.66 33.79
CA GLU E 72 -42.85 -56.93 33.72
C GLU E 72 -42.63 -56.07 34.95
N GLU E 73 -43.73 -55.58 35.56
CA GLU E 73 -43.59 -54.74 36.75
C GLU E 73 -43.14 -55.57 37.96
N ALA E 74 -43.66 -56.80 38.09
CA ALA E 74 -43.25 -57.64 39.21
C ALA E 74 -41.81 -58.11 39.05
N LEU E 75 -41.40 -58.41 37.82
CA LEU E 75 -40.04 -58.89 37.59
C LEU E 75 -39.01 -57.81 37.84
N ARG E 76 -39.31 -56.57 37.46
CA ARG E 76 -38.36 -55.48 37.68
C ARG E 76 -38.28 -55.09 39.15
N GLN E 77 -39.38 -55.19 39.89
CA GLN E 77 -39.31 -55.01 41.34
C GLN E 77 -38.49 -56.10 42.00
N ALA E 78 -38.47 -57.30 41.41
CA ALA E 78 -37.64 -58.39 41.93
C ALA E 78 -36.16 -58.10 41.74
N ILE E 79 -35.79 -57.45 40.62
CA ILE E 79 -34.39 -57.11 40.40
C ILE E 79 -33.91 -56.14 41.48
N ARG E 80 -34.72 -55.13 41.78
CA ARG E 80 -34.34 -54.17 42.82
C ARG E 80 -34.26 -54.84 44.18
N ALA E 81 -35.16 -55.79 44.46
CA ALA E 81 -35.16 -56.48 45.74
C ALA E 81 -33.93 -57.37 45.88
N VAL E 82 -33.54 -58.05 44.79
CA VAL E 82 -32.38 -58.94 44.85
C VAL E 82 -31.10 -58.13 44.97
N ALA E 83 -31.01 -57.01 44.24
CA ALA E 83 -29.80 -56.19 44.29
C ALA E 83 -29.61 -55.56 45.67
N GLU E 84 -30.71 -55.16 46.31
CA GLU E 84 -30.62 -54.61 47.66
C GLU E 84 -30.19 -55.68 48.66
N ILE E 85 -30.71 -56.90 48.51
CA ILE E 85 -30.31 -58.00 49.39
C ILE E 85 -28.82 -58.26 49.25
N ALA E 86 -28.30 -58.21 48.02
CA ALA E 86 -26.88 -58.44 47.79
C ALA E 86 -26.03 -57.30 48.33
N LYS E 87 -26.52 -56.07 48.27
CA LYS E 87 -25.76 -54.93 48.76
C LYS E 87 -25.60 -55.01 50.28
N GLU E 88 -24.38 -54.72 50.75
CA GLU E 88 -24.03 -54.73 52.16
C GLU E 88 -24.23 -56.12 52.78
N ALA E 89 -24.15 -57.17 51.96
CA ALA E 89 -24.05 -58.54 52.43
C ALA E 89 -22.61 -58.99 52.28
N GLN E 90 -22.12 -59.75 53.26
CA GLN E 90 -20.70 -60.02 53.35
C GLN E 90 -20.25 -61.26 52.60
N ASP E 91 -21.03 -62.35 52.66
CA ASP E 91 -20.64 -63.58 52.00
C ASP E 91 -20.65 -63.38 50.47
N SER E 92 -19.58 -63.81 49.82
CA SER E 92 -19.48 -63.69 48.36
C SER E 92 -20.34 -64.69 47.62
N GLU E 93 -20.82 -65.74 48.29
CA GLU E 93 -21.65 -66.73 47.62
C GLU E 93 -23.07 -66.21 47.36
N VAL E 94 -23.56 -65.28 48.18
CA VAL E 94 -24.88 -64.71 47.93
C VAL E 94 -24.79 -63.63 46.85
N LEU E 95 -23.63 -63.01 46.69
CA LEU E 95 -23.44 -62.08 45.58
C LEU E 95 -23.47 -62.82 44.25
N GLU E 96 -22.90 -64.02 44.20
CA GLU E 96 -22.91 -64.80 42.98
C GLU E 96 -24.31 -65.30 42.65
N GLU E 97 -25.05 -65.76 43.66
CA GLU E 97 -26.43 -66.17 43.43
C GLU E 97 -27.31 -65.00 43.00
N ALA E 98 -27.02 -63.79 43.51
CA ALA E 98 -27.81 -62.64 43.13
C ALA E 98 -27.60 -62.27 41.68
N ILE E 99 -26.36 -62.40 41.18
CA ILE E 99 -26.08 -62.06 39.79
C ILE E 99 -26.77 -63.04 38.85
N ARG E 100 -26.70 -64.33 39.15
CA ARG E 100 -27.32 -65.33 38.28
C ARG E 100 -28.84 -65.22 38.29
N VAL E 101 -29.42 -64.91 39.46
CA VAL E 101 -30.87 -64.74 39.53
C VAL E 101 -31.30 -63.52 38.73
N ILE E 102 -30.55 -62.41 38.83
CA ILE E 102 -30.87 -61.21 38.06
C ILE E 102 -30.82 -61.51 36.57
N LEU E 103 -29.90 -62.40 36.16
CA LEU E 103 -29.85 -62.83 34.77
C LEU E 103 -31.13 -63.56 34.38
N ARG E 104 -31.59 -64.47 35.24
CA ARG E 104 -32.80 -65.23 34.95
C ARG E 104 -34.03 -64.32 34.87
N ILE E 105 -34.09 -63.31 35.74
CA ILE E 105 -35.23 -62.40 35.74
C ILE E 105 -35.24 -61.56 34.47
N ALA E 106 -34.08 -61.02 34.09
CA ALA E 106 -34.00 -60.25 32.85
C ALA E 106 -34.19 -61.14 31.64
N LYS E 107 -33.86 -62.42 31.74
CA LYS E 107 -34.06 -63.34 30.63
C LYS E 107 -35.52 -63.77 30.51
N GLU E 108 -36.25 -63.77 31.62
CA GLU E 108 -37.67 -64.12 31.58
C GLU E 108 -38.46 -63.09 30.78
N SER E 109 -38.42 -61.82 31.21
CA SER E 109 -39.04 -60.74 30.47
C SER E 109 -38.33 -59.43 30.81
N GLY E 110 -39.08 -58.33 30.78
CA GLY E 110 -38.47 -57.02 31.01
C GLY E 110 -37.45 -56.69 29.95
N SER E 111 -37.81 -56.90 28.69
CA SER E 111 -36.89 -56.61 27.60
C SER E 111 -36.50 -55.14 27.59
N GLU E 112 -35.23 -54.88 27.26
CA GLU E 112 -34.68 -53.53 27.14
C GLU E 112 -34.63 -52.82 28.50
N GLU E 113 -35.80 -52.55 29.09
CA GLU E 113 -35.84 -51.81 30.35
C GLU E 113 -35.13 -52.57 31.46
N ALA E 114 -35.57 -53.80 31.74
CA ALA E 114 -34.93 -54.58 32.79
C ALA E 114 -33.58 -55.12 32.33
N LEU E 115 -33.40 -55.34 31.03
CA LEU E 115 -32.09 -55.75 30.53
C LEU E 115 -31.03 -54.70 30.85
N ARG E 116 -31.38 -53.42 30.70
CA ARG E 116 -30.48 -52.35 31.10
C ARG E 116 -30.38 -52.24 32.62
N GLN E 117 -31.52 -52.36 33.30
CA GLN E 117 -31.51 -52.29 34.76
C GLN E 117 -30.76 -53.47 35.36
N ALA E 118 -30.75 -54.61 34.67
CA ALA E 118 -29.97 -55.75 35.15
C ALA E 118 -28.48 -55.53 34.95
N LEU E 119 -28.10 -54.94 33.81
CA LEU E 119 -26.68 -54.66 33.56
C LEU E 119 -26.10 -53.75 34.64
N ARG E 120 -26.79 -52.65 34.94
CA ARG E 120 -26.31 -51.74 35.98
C ARG E 120 -26.35 -52.40 37.35
N ALA E 121 -27.34 -53.26 37.60
CA ALA E 121 -27.40 -53.97 38.87
C ALA E 121 -26.24 -54.96 39.00
N VAL E 122 -26.03 -55.78 37.96
CA VAL E 122 -24.95 -56.75 37.98
C VAL E 122 -23.60 -56.05 38.08
N ALA E 123 -23.43 -54.96 37.33
CA ALA E 123 -22.19 -54.20 37.41
C ALA E 123 -22.00 -53.61 38.80
N GLU E 124 -23.08 -53.11 39.41
CA GLU E 124 -22.97 -52.58 40.77
C GLU E 124 -22.59 -53.68 41.75
N ILE E 125 -23.14 -54.88 41.58
CA ILE E 125 -22.80 -55.99 42.46
C ILE E 125 -21.33 -56.39 42.27
N ALA E 126 -20.79 -56.20 41.07
CA ALA E 126 -19.35 -56.39 40.89
C ALA E 126 -18.55 -55.24 41.50
N GLU E 127 -19.09 -54.03 41.46
CA GLU E 127 -18.43 -52.87 42.06
C GLU E 127 -18.36 -52.95 43.58
N GLU E 128 -18.92 -54.00 44.21
CA GLU E 128 -18.83 -54.17 45.66
C GLU E 128 -17.57 -54.94 46.09
N ALA E 129 -16.62 -55.15 45.18
CA ALA E 129 -15.27 -55.64 45.51
C ALA E 129 -15.39 -57.12 45.94
N LYS E 130 -14.72 -57.53 47.04
CA LYS E 130 -14.56 -58.94 47.40
C LYS E 130 -13.70 -59.69 46.37
N ASP E 131 -13.86 -61.01 46.30
CA ASP E 131 -13.01 -61.82 45.45
C ASP E 131 -13.33 -61.59 43.97
N GLU E 132 -12.33 -61.80 43.13
CA GLU E 132 -12.45 -61.38 41.74
C GLU E 132 -13.50 -62.18 41.00
N ARG E 133 -13.70 -63.45 41.38
CA ARG E 133 -14.52 -64.37 40.60
C ARG E 133 -15.90 -63.79 40.35
N VAL E 134 -16.41 -63.05 41.34
CA VAL E 134 -17.63 -62.28 41.15
C VAL E 134 -17.47 -61.32 39.98
N ARG E 135 -16.41 -60.51 39.99
CA ARG E 135 -16.13 -59.64 38.86
C ARG E 135 -15.94 -60.43 37.57
N LYS E 136 -15.40 -61.65 37.67
CA LYS E 136 -15.35 -62.53 36.51
C LYS E 136 -16.75 -63.04 36.15
N GLU E 137 -17.51 -63.48 37.15
CA GLU E 137 -18.88 -63.91 36.88
C GLU E 137 -19.72 -62.77 36.33
N ALA E 138 -19.51 -61.55 36.83
CA ALA E 138 -20.27 -60.41 36.35
C ALA E 138 -19.99 -60.14 34.87
N VAL E 139 -18.72 -60.22 34.46
CA VAL E 139 -18.39 -60.03 33.05
C VAL E 139 -19.04 -61.12 32.21
N ARG E 140 -18.98 -62.36 32.68
CA ARG E 140 -19.57 -63.46 31.92
C ARG E 140 -21.09 -63.31 31.81
N VAL E 141 -21.74 -62.88 32.90
CA VAL E 141 -23.18 -62.70 32.87
C VAL E 141 -23.56 -61.50 32.01
N MET E 142 -22.85 -60.37 32.20
CA MET E 142 -23.16 -59.17 31.43
C MET E 142 -22.96 -59.40 29.94
N LEU E 143 -22.06 -60.31 29.56
CA LEU E 143 -21.94 -60.70 28.15
C LEU E 143 -23.15 -61.50 27.72
N GLN E 144 -23.54 -62.51 28.52
CA GLN E 144 -24.71 -63.32 28.22
C GLN E 144 -26.01 -62.55 28.37
N ILE E 145 -25.99 -61.35 28.95
CA ILE E 145 -27.17 -60.49 28.95
C ILE E 145 -27.26 -59.68 27.67
N ALA E 146 -26.12 -59.19 27.17
CA ALA E 146 -26.11 -58.43 25.93
C ALA E 146 -26.28 -59.32 24.71
N LYS E 147 -25.76 -60.56 24.76
CA LYS E 147 -25.96 -61.48 23.66
C LYS E 147 -27.42 -61.85 23.50
N GLU E 148 -28.14 -62.02 24.61
CA GLU E 148 -29.58 -62.17 24.55
C GLU E 148 -30.23 -60.83 24.25
N SER E 149 -31.14 -60.82 23.28
CA SER E 149 -31.79 -59.60 22.80
C SER E 149 -30.75 -58.58 22.35
N GLY E 150 -29.96 -58.97 21.35
CA GLY E 150 -28.89 -58.15 20.86
C GLY E 150 -29.34 -56.81 20.30
N SER E 151 -29.03 -55.73 21.00
CA SER E 151 -29.39 -54.39 20.57
C SER E 151 -28.18 -53.48 20.74
N LYS E 152 -28.26 -52.30 20.13
CA LYS E 152 -27.16 -51.33 20.23
C LYS E 152 -27.00 -50.84 21.66
N GLU E 153 -28.11 -50.57 22.35
CA GLU E 153 -28.05 -50.10 23.72
C GLU E 153 -27.50 -51.18 24.66
N ALA E 154 -27.75 -52.45 24.34
CA ALA E 154 -27.31 -53.53 25.22
C ALA E 154 -25.81 -53.75 25.11
N VAL E 155 -25.28 -53.79 23.89
CA VAL E 155 -23.85 -54.05 23.71
C VAL E 155 -23.01 -52.86 24.17
N LYS E 156 -23.54 -51.64 24.02
CA LYS E 156 -22.80 -50.46 24.48
C LYS E 156 -22.78 -50.38 26.00
N LEU E 157 -23.95 -50.53 26.63
CA LEU E 157 -24.01 -50.47 28.09
C LEU E 157 -23.22 -51.60 28.73
N ALA E 158 -23.29 -52.80 28.15
CA ALA E 158 -22.51 -53.91 28.69
C ALA E 158 -21.02 -53.64 28.59
N PHE E 159 -20.57 -53.12 27.44
CA PHE E 159 -19.15 -52.80 27.28
C PHE E 159 -18.73 -51.70 28.25
N GLU E 160 -19.59 -50.72 28.47
CA GLU E 160 -19.27 -49.65 29.41
C GLU E 160 -19.20 -50.18 30.84
N MET E 161 -20.10 -51.09 31.20
CA MET E 161 -20.11 -51.62 32.56
C MET E 161 -18.97 -52.59 32.79
N ILE E 162 -18.59 -53.36 31.77
CA ILE E 162 -17.49 -54.31 31.92
C ILE E 162 -16.18 -53.56 32.13
N LEU E 163 -15.93 -52.54 31.32
CA LEU E 163 -14.72 -51.73 31.51
C LEU E 163 -14.72 -51.06 32.87
N ARG E 164 -15.90 -50.64 33.34
CA ARG E 164 -15.99 -50.02 34.65
C ARG E 164 -15.59 -50.98 35.76
N VAL E 165 -15.80 -52.28 35.55
CA VAL E 165 -15.46 -53.28 36.56
C VAL E 165 -14.01 -53.72 36.43
N VAL E 166 -13.56 -54.03 35.21
CA VAL E 166 -12.22 -54.57 35.04
C VAL E 166 -11.16 -53.49 35.19
N ARG E 167 -11.51 -52.23 34.88
CA ARG E 167 -10.69 -51.06 35.15
C ARG E 167 -9.38 -50.98 34.36
N ILE E 168 -9.05 -52.00 33.58
CA ILE E 168 -7.76 -52.02 32.88
C ILE E 168 -7.85 -52.96 31.70
N ILE E 169 -7.25 -52.56 30.59
CA ILE E 169 -7.22 -53.34 29.36
C ILE E 169 -5.76 -53.58 28.97
N ALA E 170 -5.43 -54.83 28.66
CA ALA E 170 -4.12 -55.18 28.14
C ALA E 170 -4.18 -55.14 26.62
N VAL E 171 -3.34 -54.30 26.00
CA VAL E 171 -3.50 -53.95 24.60
C VAL E 171 -2.29 -54.28 23.75
N LEU E 172 -1.38 -55.09 24.27
CA LEU E 172 -0.06 -55.21 23.65
C LEU E 172 -0.02 -56.36 22.64
N ARG E 173 1.20 -56.75 22.26
CA ARG E 173 1.41 -57.67 21.16
C ARG E 173 2.62 -58.54 21.48
N ALA E 174 2.93 -59.46 20.57
CA ALA E 174 4.04 -60.39 20.70
C ALA E 174 4.60 -60.67 19.31
N ASN E 175 5.50 -61.65 19.21
CA ASN E 175 6.17 -61.96 17.97
C ASN E 175 5.76 -63.31 17.38
N SER E 176 4.82 -64.00 18.01
CA SER E 176 4.31 -65.27 17.49
C SER E 176 2.98 -65.56 18.18
N VAL E 177 2.33 -66.64 17.76
CA VAL E 177 1.07 -67.02 18.38
C VAL E 177 1.27 -67.73 19.71
N GLU E 178 2.43 -68.33 19.94
CA GLU E 178 2.67 -69.07 21.18
C GLU E 178 2.89 -68.12 22.35
N GLU E 179 3.89 -67.24 22.24
CA GLU E 179 4.16 -66.30 23.32
C GLU E 179 3.11 -65.20 23.43
N ALA E 180 2.21 -65.07 22.45
CA ALA E 180 1.05 -64.21 22.61
C ALA E 180 -0.03 -64.90 23.44
N LYS E 181 -0.20 -66.21 23.27
CA LYS E 181 -1.13 -66.95 24.10
C LYS E 181 -0.63 -67.08 25.54
N GLU E 182 0.69 -67.14 25.73
CA GLU E 182 1.23 -67.27 27.07
C GLU E 182 1.14 -65.95 27.83
N LYS E 183 1.34 -64.83 27.15
CA LYS E 183 1.21 -63.53 27.80
C LYS E 183 -0.25 -63.24 28.16
N ALA E 184 -1.19 -63.67 27.31
CA ALA E 184 -2.60 -63.44 27.59
C ALA E 184 -3.09 -64.29 28.76
N LEU E 185 -2.52 -65.49 28.93
CA LEU E 185 -2.83 -66.26 30.13
C LEU E 185 -2.15 -65.68 31.35
N ALA E 186 -1.02 -64.98 31.16
CA ALA E 186 -0.30 -64.41 32.30
C ALA E 186 -1.06 -63.21 32.87
N VAL E 187 -1.61 -62.36 32.01
CA VAL E 187 -2.35 -61.20 32.49
C VAL E 187 -3.67 -61.64 33.11
N PHE E 188 -4.32 -62.66 32.53
CA PHE E 188 -5.56 -63.15 33.10
C PHE E 188 -5.35 -63.76 34.48
N GLU E 189 -4.24 -64.48 34.65
CA GLU E 189 -3.87 -64.97 35.97
C GLU E 189 -3.45 -63.83 36.89
N GLY E 190 -3.08 -62.68 36.34
CA GLY E 190 -2.67 -61.54 37.13
C GLY E 190 -3.84 -60.80 37.77
N GLY E 191 -4.94 -60.64 37.03
CA GLY E 191 -6.11 -59.99 37.57
C GLY E 191 -6.88 -59.13 36.59
N VAL E 192 -6.29 -58.85 35.44
CA VAL E 192 -6.94 -58.02 34.43
C VAL E 192 -7.75 -58.92 33.49
N LEU E 193 -9.02 -58.56 33.28
CA LEU E 193 -9.94 -59.39 32.50
C LEU E 193 -10.14 -58.89 31.08
N ALA E 194 -9.66 -57.69 30.74
CA ALA E 194 -9.77 -57.16 29.39
C ALA E 194 -8.46 -57.35 28.65
N ILE E 195 -8.57 -57.80 27.40
CA ILE E 195 -7.43 -58.13 26.56
C ILE E 195 -7.65 -57.57 25.17
N GLU E 196 -6.62 -56.95 24.63
CA GLU E 196 -6.59 -56.26 23.37
C GLU E 196 -5.42 -56.89 22.62
N ILE E 197 -5.71 -57.60 21.53
CA ILE E 197 -4.72 -58.52 20.96
C ILE E 197 -3.67 -57.76 20.16
N THR E 198 -4.08 -56.67 19.50
CA THR E 198 -3.27 -55.90 18.55
C THR E 198 -3.11 -56.65 17.24
N PHE E 199 -2.96 -55.92 16.13
CA PHE E 199 -2.77 -56.55 14.84
C PHE E 199 -1.30 -56.69 14.44
N THR E 200 -0.35 -56.19 15.23
CA THR E 200 1.04 -56.47 14.89
C THR E 200 1.32 -57.97 14.97
N VAL E 201 0.69 -58.65 15.91
CA VAL E 201 0.90 -60.10 16.09
C VAL E 201 0.43 -60.83 14.84
N PRO E 202 1.15 -61.85 14.37
CA PRO E 202 0.73 -62.54 13.15
C PRO E 202 -0.47 -63.43 13.42
N ASP E 203 -1.27 -63.62 12.38
CA ASP E 203 -2.50 -64.41 12.46
C ASP E 203 -3.35 -64.01 13.65
N ALA E 204 -3.40 -62.70 13.92
CA ALA E 204 -4.10 -62.13 15.07
C ALA E 204 -5.51 -62.70 15.21
N ASP E 205 -6.06 -63.19 14.10
CA ASP E 205 -7.35 -63.87 14.14
C ASP E 205 -7.26 -65.27 14.74
N THR E 206 -6.05 -65.83 14.85
CA THR E 206 -5.90 -67.15 15.46
C THR E 206 -5.74 -67.06 16.98
N VAL E 207 -5.04 -66.04 17.47
CA VAL E 207 -4.88 -65.89 18.91
C VAL E 207 -6.20 -65.46 19.57
N ILE E 208 -7.00 -64.63 18.87
CA ILE E 208 -8.30 -64.26 19.42
C ILE E 208 -9.27 -65.43 19.39
N LYS E 209 -9.03 -66.42 18.54
CA LYS E 209 -9.90 -67.59 18.49
C LYS E 209 -9.51 -68.61 19.55
N GLU E 210 -8.21 -68.78 19.79
CA GLU E 210 -7.73 -69.73 20.79
C GLU E 210 -7.80 -69.18 22.20
N LEU E 211 -8.03 -67.87 22.37
CA LEU E 211 -8.24 -67.26 23.68
C LEU E 211 -9.71 -67.02 24.00
N SER E 212 -10.62 -67.45 23.11
CA SER E 212 -12.04 -67.20 23.33
C SER E 212 -12.59 -67.99 24.51
N PHE E 213 -11.90 -69.04 24.96
CA PHE E 213 -12.35 -69.77 26.13
C PHE E 213 -12.25 -68.93 27.40
N LEU E 214 -11.38 -67.92 27.40
CA LEU E 214 -11.30 -67.02 28.55
C LEU E 214 -12.58 -66.20 28.72
N GLU E 215 -13.31 -65.97 27.61
CA GLU E 215 -14.58 -65.26 27.69
C GLU E 215 -15.60 -66.02 28.52
N LYS E 216 -15.43 -67.33 28.69
CA LYS E 216 -16.31 -68.13 29.52
C LYS E 216 -15.95 -68.02 31.00
N GLU E 217 -14.67 -67.80 31.32
CA GLU E 217 -14.25 -67.63 32.71
C GLU E 217 -14.52 -66.24 33.25
N GLY E 218 -14.79 -65.26 32.38
CA GLY E 218 -15.07 -63.91 32.84
C GLY E 218 -14.15 -62.88 32.24
N ALA E 219 -13.47 -63.24 31.16
CA ALA E 219 -12.62 -62.31 30.44
C ALA E 219 -13.37 -61.79 29.21
N ILE E 220 -12.80 -60.74 28.60
CA ILE E 220 -13.34 -60.15 27.39
C ILE E 220 -12.19 -59.91 26.43
N ILE E 221 -12.23 -60.56 25.27
CA ILE E 221 -11.16 -60.53 24.28
C ILE E 221 -11.60 -59.67 23.12
N GLY E 222 -10.70 -58.82 22.64
CA GLY E 222 -10.99 -57.95 21.53
C GLY E 222 -9.76 -57.71 20.68
N ALA E 223 -9.99 -57.10 19.53
CA ALA E 223 -8.96 -56.77 18.56
C ALA E 223 -8.89 -55.26 18.38
N GLY E 224 -7.68 -54.76 18.16
CA GLY E 224 -7.44 -53.37 17.91
C GLY E 224 -6.24 -53.17 16.99
N THR E 225 -5.84 -51.92 16.87
CA THR E 225 -4.94 -51.50 15.80
C THR E 225 -5.53 -51.91 14.45
N VAL E 226 -6.86 -52.02 14.41
CA VAL E 226 -7.57 -52.41 13.20
C VAL E 226 -7.90 -51.14 12.41
N THR E 227 -7.62 -51.18 11.12
CA THR E 227 -7.83 -50.04 10.26
C THR E 227 -8.86 -50.28 9.16
N SER E 228 -9.03 -51.52 8.71
CA SER E 228 -9.96 -51.86 7.65
C SER E 228 -11.13 -52.66 8.20
N VAL E 229 -12.30 -52.47 7.58
CA VAL E 229 -13.49 -53.20 8.00
C VAL E 229 -13.37 -54.68 7.64
N GLU E 230 -12.66 -55.00 6.55
CA GLU E 230 -12.46 -56.39 6.17
C GLU E 230 -11.65 -57.13 7.24
N GLN E 231 -10.54 -56.54 7.67
CA GLN E 231 -9.75 -57.14 8.73
C GLN E 231 -10.52 -57.16 10.06
N CYS E 232 -11.41 -56.18 10.25
CA CYS E 232 -12.25 -56.17 11.45
C CYS E 232 -13.29 -57.28 11.41
N ARG E 233 -13.86 -57.53 10.23
CA ARG E 233 -14.86 -58.58 10.09
C ARG E 233 -14.26 -59.96 10.36
N LYS E 234 -12.99 -60.15 10.02
CA LYS E 234 -12.32 -61.41 10.33
C LYS E 234 -12.10 -61.56 11.83
N ALA E 235 -11.99 -60.45 12.56
CA ALA E 235 -11.86 -60.52 14.01
C ALA E 235 -13.19 -60.80 14.70
N VAL E 236 -14.30 -60.32 14.13
CA VAL E 236 -15.61 -60.57 14.72
C VAL E 236 -15.94 -62.05 14.68
N GLU E 237 -15.79 -62.67 13.51
CA GLU E 237 -16.12 -64.09 13.37
C GLU E 237 -15.12 -64.98 14.08
N SER E 238 -13.96 -64.46 14.46
CA SER E 238 -12.99 -65.24 15.22
C SER E 238 -13.25 -65.21 16.72
N GLY E 239 -14.03 -64.24 17.21
CA GLY E 239 -14.43 -64.23 18.61
C GLY E 239 -14.23 -62.92 19.34
N ALA E 240 -13.81 -61.88 18.63
CA ALA E 240 -13.57 -60.58 19.28
C ALA E 240 -14.88 -59.96 19.71
N LEU E 241 -14.95 -59.52 20.97
CA LEU E 241 -16.15 -58.92 21.53
C LEU E 241 -16.08 -57.40 21.61
N PHE E 242 -14.94 -56.80 21.26
CA PHE E 242 -14.84 -55.35 21.13
C PHE E 242 -13.73 -55.02 20.14
N ILE E 243 -13.91 -53.91 19.43
CA ILE E 243 -12.99 -53.47 18.39
C ILE E 243 -12.47 -52.09 18.74
N VAL E 244 -11.16 -51.90 18.65
CA VAL E 244 -10.50 -50.66 19.03
C VAL E 244 -9.64 -50.18 17.86
N SER E 245 -9.76 -48.91 17.51
CA SER E 245 -8.98 -48.35 16.42
C SER E 245 -8.29 -47.07 16.88
N PRO E 246 -7.17 -46.71 16.26
CA PRO E 246 -6.48 -45.48 16.67
C PRO E 246 -7.23 -44.21 16.27
N HIS E 247 -8.14 -44.29 15.31
CA HIS E 247 -8.90 -43.11 14.88
C HIS E 247 -10.40 -43.43 14.86
N LEU E 248 -11.18 -42.55 14.24
CA LEU E 248 -12.62 -42.77 14.07
C LEU E 248 -12.86 -43.22 12.63
N ASP E 249 -13.32 -44.46 12.47
CA ASP E 249 -13.63 -45.03 11.17
C ASP E 249 -15.13 -45.20 11.05
N GLU E 250 -15.73 -44.46 10.13
CA GLU E 250 -17.18 -44.53 9.96
C GLU E 250 -17.62 -45.89 9.41
N GLU E 251 -16.80 -46.49 8.54
CA GLU E 251 -17.15 -47.79 7.98
C GLU E 251 -17.02 -48.90 9.01
N ILE E 252 -16.06 -48.79 9.94
CA ILE E 252 -15.93 -49.78 10.99
C ILE E 252 -17.09 -49.64 11.98
N SER E 253 -17.44 -48.41 12.35
CA SER E 253 -18.54 -48.20 13.29
C SER E 253 -19.86 -48.68 12.73
N GLN E 254 -20.07 -48.56 11.42
CA GLN E 254 -21.32 -49.05 10.82
C GLN E 254 -21.38 -50.57 10.85
N PHE E 255 -20.25 -51.24 10.62
CA PHE E 255 -20.22 -52.70 10.68
C PHE E 255 -20.28 -53.21 12.11
N CYS E 256 -19.76 -52.44 13.07
CA CYS E 256 -19.68 -52.93 14.44
C CYS E 256 -21.05 -52.97 15.11
N ASP E 257 -21.81 -51.88 15.01
CA ASP E 257 -23.12 -51.85 15.64
C ASP E 257 -24.18 -52.64 14.87
N GLU E 258 -23.89 -53.02 13.62
CA GLU E 258 -24.79 -53.92 12.89
C GLU E 258 -24.53 -55.38 13.24
N ALA E 259 -23.29 -55.72 13.59
CA ALA E 259 -22.94 -57.07 14.02
C ALA E 259 -23.07 -57.28 15.51
N GLY E 260 -23.48 -56.25 16.26
CA GLY E 260 -23.66 -56.36 17.70
C GLY E 260 -22.38 -56.54 18.47
N VAL E 261 -21.42 -55.66 18.23
CA VAL E 261 -20.11 -55.72 18.89
C VAL E 261 -19.68 -54.30 19.25
N ALA E 262 -19.02 -54.16 20.39
CA ALA E 262 -18.58 -52.86 20.85
C ALA E 262 -17.47 -52.30 19.98
N TYR E 263 -17.39 -50.97 19.91
CA TYR E 263 -16.37 -50.30 19.11
C TYR E 263 -15.97 -49.01 19.83
N ALA E 264 -14.69 -48.90 20.18
CA ALA E 264 -14.17 -47.71 20.83
C ALA E 264 -13.18 -47.00 19.91
N PRO E 265 -13.59 -45.97 19.19
CA PRO E 265 -12.67 -45.27 18.29
C PRO E 265 -11.73 -44.34 19.04
N GLY E 266 -10.72 -43.87 18.32
CA GLY E 266 -9.70 -43.01 18.89
C GLY E 266 -9.92 -41.55 18.54
N VAL E 267 -9.84 -40.70 19.55
CA VAL E 267 -9.95 -39.26 19.40
C VAL E 267 -8.79 -38.60 20.13
N MET E 268 -8.59 -37.31 19.88
CA MET E 268 -7.48 -36.58 20.48
C MET E 268 -7.83 -35.11 20.72
N THR E 269 -8.78 -34.58 19.96
CA THR E 269 -9.23 -33.21 20.08
C THR E 269 -10.72 -33.15 20.34
N PRO E 270 -11.22 -32.08 20.96
CA PRO E 270 -12.67 -31.96 21.18
C PRO E 270 -13.49 -31.98 19.91
N THR E 271 -12.91 -31.60 18.78
CA THR E 271 -13.66 -31.65 17.52
C THR E 271 -13.84 -33.08 17.04
N GLU E 272 -12.79 -33.91 17.16
CA GLU E 272 -12.94 -35.33 16.86
C GLU E 272 -13.87 -36.02 17.84
N LEU E 273 -13.96 -35.50 19.07
CA LEU E 273 -14.86 -36.05 20.07
C LEU E 273 -16.31 -35.92 19.62
N VAL E 274 -16.68 -34.74 19.11
CA VAL E 274 -18.06 -34.51 18.69
C VAL E 274 -18.41 -35.35 17.47
N LYS E 275 -17.47 -35.47 16.52
CA LYS E 275 -17.71 -36.31 15.36
C LYS E 275 -17.90 -37.77 15.76
N ALA E 276 -17.26 -38.20 16.84
CA ALA E 276 -17.46 -39.56 17.34
C ALA E 276 -18.78 -39.70 18.08
N MET E 277 -19.24 -38.63 18.75
CA MET E 277 -20.52 -38.69 19.43
C MET E 277 -21.67 -38.77 18.43
N LYS E 278 -21.57 -38.05 17.31
CA LYS E 278 -22.66 -38.01 16.35
C LYS E 278 -22.84 -39.36 15.64
N LEU E 279 -21.86 -40.25 15.73
CA LEU E 279 -22.00 -41.61 15.23
C LEU E 279 -22.40 -42.59 16.31
N GLY E 280 -22.69 -42.11 17.53
CA GLY E 280 -23.16 -42.96 18.60
C GLY E 280 -22.05 -43.62 19.40
N HIS E 281 -21.03 -42.86 19.77
CA HIS E 281 -19.91 -43.39 20.54
C HIS E 281 -19.57 -42.39 21.64
N ARG E 282 -19.99 -42.71 22.87
CA ARG E 282 -19.61 -41.93 24.04
C ARG E 282 -18.53 -42.60 24.88
N ILE E 283 -18.19 -43.85 24.58
CA ILE E 283 -17.04 -44.54 25.18
C ILE E 283 -15.92 -44.44 24.15
N LEU E 284 -14.97 -43.54 24.37
CA LEU E 284 -13.97 -43.21 23.38
C LEU E 284 -12.59 -43.68 23.83
N LYS E 285 -11.69 -43.84 22.87
CA LYS E 285 -10.29 -44.15 23.16
C LYS E 285 -9.48 -42.86 23.02
N LEU E 286 -8.81 -42.46 24.09
CA LEU E 286 -7.97 -41.27 24.06
C LEU E 286 -6.56 -41.70 23.66
N PHE E 287 -6.17 -41.34 22.43
CA PHE E 287 -4.92 -41.84 21.88
C PHE E 287 -4.24 -40.81 20.99
N PRO E 288 -2.97 -40.47 21.26
CA PRO E 288 -2.21 -40.96 22.42
C PRO E 288 -2.54 -40.19 23.69
N GLY E 289 -2.87 -40.92 24.77
CA GLY E 289 -3.25 -40.26 26.00
C GLY E 289 -2.11 -39.49 26.65
N GLU E 290 -0.88 -39.95 26.47
CA GLU E 290 0.26 -39.29 27.10
C GLU E 290 0.50 -37.89 26.55
N VAL E 291 -0.01 -37.58 25.36
CA VAL E 291 0.22 -36.26 24.77
C VAL E 291 -0.73 -35.24 25.38
N VAL E 292 -2.03 -35.55 25.40
CA VAL E 292 -3.00 -34.59 25.93
C VAL E 292 -3.01 -34.62 27.46
N GLY E 293 -2.70 -35.77 28.07
CA GLY E 293 -2.58 -35.88 29.50
C GLY E 293 -3.92 -35.87 30.21
N PRO E 294 -3.90 -36.13 31.52
CA PRO E 294 -5.16 -36.11 32.29
C PRO E 294 -5.82 -34.75 32.34
N GLN E 295 -5.09 -33.68 32.01
CA GLN E 295 -5.71 -32.36 31.93
C GLN E 295 -6.76 -32.29 30.84
N PHE E 296 -6.70 -33.19 29.85
CA PHE E 296 -7.68 -33.19 28.78
C PHE E 296 -9.02 -33.75 29.24
N VAL E 297 -9.00 -34.91 29.91
CA VAL E 297 -10.24 -35.52 30.37
C VAL E 297 -10.88 -34.67 31.46
N LYS E 298 -10.08 -33.92 32.23
CA LYS E 298 -10.65 -33.01 33.22
C LYS E 298 -11.38 -31.85 32.56
N ALA E 299 -10.92 -31.40 31.39
CA ALA E 299 -11.57 -30.31 30.68
C ALA E 299 -12.77 -30.78 29.88
N MET E 300 -12.83 -32.07 29.51
CA MET E 300 -13.93 -32.57 28.71
C MET E 300 -15.18 -32.83 29.52
N LYS E 301 -15.06 -32.99 30.84
CA LYS E 301 -16.24 -33.25 31.66
C LYS E 301 -17.19 -32.06 31.71
N GLY E 302 -16.71 -30.87 31.38
CA GLY E 302 -17.55 -29.69 31.36
C GLY E 302 -18.57 -29.74 30.25
N PRO E 303 -18.13 -29.60 28.99
CA PRO E 303 -19.07 -29.64 27.87
C PRO E 303 -19.55 -31.03 27.50
N PHE E 304 -18.87 -32.09 27.94
CA PHE E 304 -19.24 -33.47 27.60
C PHE E 304 -19.22 -34.30 28.88
N PRO E 305 -20.26 -34.19 29.72
CA PRO E 305 -20.23 -34.92 30.99
C PRO E 305 -20.47 -36.41 30.83
N ASN E 306 -21.33 -36.82 29.90
CA ASN E 306 -21.68 -38.21 29.70
C ASN E 306 -20.70 -38.94 28.79
N VAL E 307 -19.53 -38.36 28.54
CA VAL E 307 -18.49 -38.96 27.72
C VAL E 307 -17.33 -39.35 28.62
N ARG E 308 -16.97 -40.63 28.60
CA ARG E 308 -15.80 -41.16 29.29
C ARG E 308 -14.93 -41.87 28.27
N PHE E 309 -13.61 -41.83 28.49
CA PHE E 309 -12.66 -42.39 27.56
C PHE E 309 -11.63 -43.25 28.26
N VAL E 310 -10.97 -44.09 27.47
CA VAL E 310 -9.90 -45.00 27.92
C VAL E 310 -8.60 -44.51 27.29
N PRO E 311 -7.60 -44.05 28.09
CA PRO E 311 -6.35 -43.61 27.43
C PRO E 311 -5.36 -44.75 27.23
N THR E 312 -4.96 -45.02 25.98
CA THR E 312 -4.03 -46.09 25.74
C THR E 312 -2.65 -45.62 25.29
N GLY E 313 -2.43 -44.31 25.18
CA GLY E 313 -1.17 -43.83 24.61
C GLY E 313 0.01 -44.13 25.50
N GLY E 314 -0.08 -43.78 26.78
CA GLY E 314 1.00 -44.02 27.73
C GLY E 314 0.44 -44.16 29.13
N VAL E 315 1.16 -44.93 29.96
CA VAL E 315 0.67 -45.32 31.28
C VAL E 315 1.79 -45.58 32.27
N ASN E 316 1.85 -46.83 32.76
CA ASN E 316 2.72 -47.28 33.84
C ASN E 316 2.29 -46.75 35.21
N LEU E 317 3.07 -47.11 36.23
CA LEU E 317 2.65 -46.88 37.61
C LEU E 317 2.83 -45.43 38.03
N ASP E 318 3.53 -44.63 37.23
CA ASP E 318 3.76 -43.22 37.57
C ASP E 318 2.50 -42.39 37.42
N ASN E 319 1.73 -42.61 36.35
CA ASN E 319 0.59 -41.75 36.05
C ASN E 319 -0.75 -42.46 36.08
N VAL E 320 -0.80 -43.79 36.14
CA VAL E 320 -2.08 -44.50 36.12
C VAL E 320 -2.93 -44.12 37.31
N ALA E 321 -2.30 -43.75 38.43
CA ALA E 321 -3.06 -43.26 39.57
C ALA E 321 -3.63 -41.87 39.31
N GLU E 322 -2.90 -41.05 38.56
CA GLU E 322 -3.39 -39.71 38.21
C GLU E 322 -4.44 -39.73 37.13
N TRP E 323 -4.47 -40.76 36.28
CA TRP E 323 -5.52 -40.87 35.27
C TRP E 323 -6.87 -41.10 35.92
N PHE E 324 -6.97 -42.14 36.76
CA PHE E 324 -8.23 -42.39 37.47
C PHE E 324 -8.60 -41.23 38.38
N LYS E 325 -7.59 -40.52 38.90
CA LYS E 325 -7.83 -39.35 39.73
C LYS E 325 -8.50 -38.21 38.96
N ALA E 326 -8.53 -38.29 37.62
CA ALA E 326 -9.16 -37.28 36.78
C ALA E 326 -10.52 -37.72 36.26
N GLY E 327 -11.07 -38.83 36.75
CA GLY E 327 -12.43 -39.22 36.39
C GLY E 327 -12.51 -40.01 35.11
N VAL E 328 -11.74 -41.10 35.04
CA VAL E 328 -11.60 -41.88 33.83
C VAL E 328 -11.81 -43.35 34.19
N LEU E 329 -12.44 -44.11 33.29
CA LEU E 329 -12.70 -45.50 33.62
C LEU E 329 -11.50 -46.36 33.26
N ALA E 330 -11.72 -47.58 32.77
CA ALA E 330 -10.60 -48.46 32.40
C ALA E 330 -9.51 -47.71 31.65
N VAL E 331 -8.29 -48.24 31.71
CA VAL E 331 -7.20 -47.66 30.95
C VAL E 331 -6.52 -48.76 30.16
N GLY E 332 -5.90 -48.37 29.05
CA GLY E 332 -5.24 -49.29 28.17
C GLY E 332 -3.73 -49.22 28.35
N VAL E 333 -3.14 -50.33 28.76
CA VAL E 333 -1.70 -50.43 28.99
C VAL E 333 -1.16 -51.63 28.23
N GLY E 334 -0.06 -51.41 27.50
CA GLY E 334 0.50 -52.49 26.70
C GLY E 334 2.01 -52.56 26.71
N SER E 335 2.68 -51.41 26.66
CA SER E 335 4.13 -51.40 26.47
C SER E 335 4.85 -51.95 27.69
N ALA E 336 4.61 -51.38 28.86
CA ALA E 336 5.45 -51.65 30.01
C ALA E 336 4.88 -52.69 30.96
N LEU E 337 3.67 -53.18 30.72
CA LEU E 337 3.10 -54.27 31.50
C LEU E 337 3.27 -55.62 30.84
N VAL E 338 3.22 -55.68 29.50
CA VAL E 338 3.30 -56.96 28.80
C VAL E 338 4.74 -57.37 28.50
N LYS E 339 5.66 -56.40 28.38
CA LYS E 339 7.05 -56.72 28.07
C LYS E 339 7.65 -57.64 29.11
N GLY E 340 8.29 -58.71 28.66
CA GLY E 340 8.99 -59.63 29.53
C GLY E 340 8.44 -61.04 29.43
N THR E 341 8.94 -61.90 30.32
CA THR E 341 8.52 -63.29 30.38
C THR E 341 7.14 -63.40 31.01
N PRO E 342 6.41 -64.49 30.73
CA PRO E 342 5.09 -64.67 31.34
C PRO E 342 5.08 -64.61 32.86
N ASP E 343 6.20 -64.89 33.52
CA ASP E 343 6.27 -64.74 34.97
C ASP E 343 6.29 -63.27 35.36
N GLU E 344 7.11 -62.47 34.67
CA GLU E 344 7.14 -61.03 34.93
C GLU E 344 5.83 -60.37 34.53
N VAL E 345 5.17 -60.88 33.50
CA VAL E 345 3.88 -60.33 33.08
C VAL E 345 2.83 -60.57 34.16
N ARG E 346 2.81 -61.76 34.75
CA ARG E 346 1.86 -62.05 35.81
C ARG E 346 2.12 -61.18 37.03
N GLU E 347 3.39 -60.89 37.31
CA GLU E 347 3.72 -60.04 38.45
C GLU E 347 3.37 -58.58 38.17
N LYS E 348 3.58 -58.13 36.92
CA LYS E 348 3.20 -56.77 36.55
C LYS E 348 1.70 -56.60 36.56
N ALA E 349 0.95 -57.62 36.13
CA ALA E 349 -0.50 -57.53 36.09
C ALA E 349 -1.09 -57.40 37.50
N LYS E 350 -0.48 -58.08 38.47
CA LYS E 350 -0.95 -57.95 39.84
C LYS E 350 -0.61 -56.59 40.43
N ALA E 351 0.46 -55.96 39.94
CA ALA E 351 0.84 -54.65 40.47
C ALA E 351 -0.10 -53.56 39.96
N PHE E 352 -0.55 -53.66 38.71
CA PHE E 352 -1.46 -52.66 38.16
C PHE E 352 -2.82 -52.72 38.83
N VAL E 353 -3.34 -53.93 39.05
CA VAL E 353 -4.64 -54.07 39.72
C VAL E 353 -4.55 -53.56 41.15
N GLU E 354 -3.40 -53.77 41.79
CA GLU E 354 -3.23 -53.28 43.17
C GLU E 354 -3.12 -51.76 43.21
N LYS E 355 -2.48 -51.17 42.19
CA LYS E 355 -2.33 -49.72 42.17
C LYS E 355 -3.66 -49.04 41.85
N ILE E 356 -4.54 -49.70 41.10
CA ILE E 356 -5.82 -49.11 40.73
C ILE E 356 -6.79 -49.14 41.91
N LYS E 357 -6.79 -50.22 42.68
CA LYS E 357 -7.71 -50.32 43.82
C LYS E 357 -7.40 -49.32 44.91
N ALA E 358 -6.22 -48.70 44.88
CA ALA E 358 -5.86 -47.70 45.89
C ALA E 358 -6.23 -46.28 45.45
N ALA E 359 -6.17 -45.99 44.16
CA ALA E 359 -6.52 -44.67 43.65
C ALA E 359 -8.02 -44.55 43.43
N SER F 12 -4.26 30.75 26.86
CA SER F 12 -4.94 29.72 26.10
C SER F 12 -6.23 30.27 25.47
N GLU F 13 -6.76 31.33 26.07
CA GLU F 13 -7.98 31.94 25.53
C GLU F 13 -7.74 32.60 24.19
N GLU F 14 -6.51 33.10 23.96
CA GLU F 14 -6.17 33.65 22.65
C GLU F 14 -6.19 32.56 21.59
N GLU F 15 -5.91 31.31 21.97
CA GLU F 15 -6.03 30.19 21.04
C GLU F 15 -7.48 29.73 20.91
N GLN F 16 -8.28 29.84 21.98
CA GLN F 16 -9.70 29.51 21.88
C GLN F 16 -10.42 30.46 20.95
N GLU F 17 -10.15 31.77 21.07
CA GLU F 17 -10.78 32.74 20.18
C GLU F 17 -10.39 32.49 18.74
N ARG F 18 -9.20 31.95 18.49
CA ARG F 18 -8.81 31.59 17.13
C ARG F 18 -9.65 30.42 16.62
N ILE F 19 -9.95 29.45 17.50
CA ILE F 19 -10.81 28.34 17.10
C ILE F 19 -12.22 28.84 16.79
N ARG F 20 -12.73 29.75 17.63
CA ARG F 20 -14.04 30.35 17.36
C ARG F 20 -14.03 31.15 16.07
N ARG F 21 -12.86 31.68 15.70
CA ARG F 21 -12.75 32.45 14.46
C ARG F 21 -12.78 31.56 13.23
N ILE F 22 -12.06 30.43 13.26
CA ILE F 22 -12.00 29.55 12.10
C ILE F 22 -13.38 29.02 11.74
N LEU F 23 -14.20 28.72 12.76
CA LEU F 23 -15.54 28.21 12.51
C LEU F 23 -16.40 29.27 11.84
N LYS F 24 -16.56 30.43 12.49
CA LYS F 24 -17.41 31.49 11.94
C LYS F 24 -16.92 31.98 10.59
N GLU F 25 -15.60 31.95 10.36
CA GLU F 25 -15.05 32.36 9.07
C GLU F 25 -15.42 31.37 7.98
N ALA F 26 -15.18 30.08 8.23
CA ALA F 26 -15.45 29.07 7.22
C ALA F 26 -16.95 28.90 6.99
N ARG F 27 -17.77 29.08 8.02
CA ARG F 27 -19.22 29.04 7.84
C ARG F 27 -19.68 30.15 6.92
N LYS F 28 -19.11 31.35 7.10
CA LYS F 28 -19.48 32.47 6.23
C LYS F 28 -19.06 32.22 4.79
N SER F 29 -17.98 31.46 4.58
CA SER F 29 -17.60 31.07 3.23
C SER F 29 -18.64 30.11 2.64
N GLY F 30 -18.81 28.94 3.26
CA GLY F 30 -19.84 28.02 2.88
C GLY F 30 -19.43 26.93 1.90
N THR F 31 -18.36 27.16 1.13
CA THR F 31 -17.93 26.17 0.15
C THR F 31 -17.34 24.96 0.85
N GLU F 32 -17.58 23.78 0.26
CA GLU F 32 -17.16 22.53 0.87
C GLU F 32 -15.65 22.38 0.95
N GLU F 33 -14.90 23.13 0.14
CA GLU F 33 -13.44 23.05 0.18
C GLU F 33 -12.88 23.84 1.37
N SER F 34 -13.51 24.97 1.70
CA SER F 34 -13.06 25.73 2.87
C SER F 34 -13.46 25.04 4.17
N LEU F 35 -14.65 24.44 4.20
CA LEU F 35 -15.06 23.67 5.37
C LEU F 35 -14.16 22.47 5.58
N ARG F 36 -13.80 21.77 4.49
CA ARG F 36 -12.83 20.69 4.58
C ARG F 36 -11.48 21.21 5.06
N GLN F 37 -11.11 22.43 4.65
CA GLN F 37 -9.86 23.04 5.12
C GLN F 37 -9.98 23.47 6.57
N ALA F 38 -11.15 23.91 7.01
CA ALA F 38 -11.33 24.33 8.39
C ALA F 38 -11.15 23.17 9.36
N ILE F 39 -11.43 21.94 8.90
CA ILE F 39 -11.27 20.76 9.76
C ILE F 39 -9.81 20.57 10.13
N GLU F 40 -8.92 20.57 9.12
CA GLU F 40 -7.51 20.38 9.39
C GLU F 40 -6.88 21.61 10.03
N ASP F 41 -7.49 22.79 9.87
CA ASP F 41 -6.98 23.99 10.54
C ASP F 41 -7.21 23.92 12.05
N VAL F 42 -8.39 23.46 12.46
CA VAL F 42 -8.67 23.29 13.89
C VAL F 42 -7.78 22.19 14.47
N ALA F 43 -7.54 21.13 13.70
CA ALA F 43 -6.67 20.06 14.16
C ALA F 43 -5.23 20.54 14.30
N GLN F 44 -4.83 21.54 13.53
CA GLN F 44 -3.48 22.10 13.67
C GLN F 44 -3.34 22.86 14.98
N LEU F 45 -4.36 23.65 15.35
CA LEU F 45 -4.28 24.41 16.59
C LEU F 45 -4.41 23.51 17.80
N ALA F 46 -5.23 22.46 17.71
CA ALA F 46 -5.29 21.47 18.79
C ALA F 46 -3.98 20.71 18.91
N LYS F 47 -3.27 20.52 17.81
CA LYS F 47 -1.96 19.88 17.86
C LYS F 47 -0.97 20.70 18.67
N LYS F 48 -1.09 22.03 18.63
CA LYS F 48 -0.16 22.91 19.33
C LYS F 48 -0.45 22.99 20.82
N SER F 49 -1.73 22.91 21.21
CA SER F 49 -2.12 23.20 22.58
C SER F 49 -1.87 22.01 23.50
N GLN F 50 -1.81 22.30 24.80
CA GLN F 50 -1.70 21.29 25.84
C GLN F 50 -2.85 21.37 26.84
N ASP F 51 -3.75 22.33 26.69
CA ASP F 51 -4.85 22.50 27.63
C ASP F 51 -5.94 21.47 27.38
N SER F 52 -6.50 20.94 28.48
CA SER F 52 -7.57 19.96 28.37
C SER F 52 -8.83 20.58 27.79
N GLU F 53 -9.15 21.82 28.20
CA GLU F 53 -10.37 22.47 27.75
C GLU F 53 -10.24 23.00 26.32
N VAL F 54 -9.03 23.29 25.86
CA VAL F 54 -8.84 23.71 24.48
C VAL F 54 -9.06 22.55 23.53
N LEU F 55 -8.54 21.37 23.88
CA LEU F 55 -8.78 20.19 23.06
C LEU F 55 -10.25 19.80 23.05
N GLU F 56 -10.91 19.90 24.22
CA GLU F 56 -12.33 19.57 24.29
C GLU F 56 -13.16 20.51 23.41
N GLU F 57 -12.84 21.80 23.42
CA GLU F 57 -13.55 22.75 22.56
C GLU F 57 -13.25 22.50 21.10
N ALA F 58 -12.03 22.08 20.77
CA ALA F 58 -11.68 21.83 19.37
C ALA F 58 -12.43 20.63 18.81
N ILE F 59 -12.62 19.59 19.63
CA ILE F 59 -13.33 18.40 19.18
C ILE F 59 -14.80 18.71 18.92
N ARG F 60 -15.41 19.55 19.77
CA ARG F 60 -16.80 19.91 19.57
C ARG F 60 -16.97 20.76 18.31
N VAL F 61 -16.04 21.69 18.06
CA VAL F 61 -16.15 22.56 16.90
C VAL F 61 -15.98 21.77 15.61
N ILE F 62 -14.92 20.96 15.54
CA ILE F 62 -14.65 20.19 14.32
C ILE F 62 -15.78 19.21 14.03
N LEU F 63 -16.54 18.82 15.06
CA LEU F 63 -17.70 17.97 14.85
C LEU F 63 -18.86 18.76 14.24
N ARG F 64 -19.03 20.01 14.69
CA ARG F 64 -20.07 20.85 14.11
C ARG F 64 -19.74 21.24 12.67
N ILE F 65 -18.45 21.45 12.39
CA ILE F 65 -18.05 21.74 11.01
C ILE F 65 -18.33 20.55 10.10
N ALA F 66 -18.12 19.34 10.62
CA ALA F 66 -18.36 18.14 9.82
C ALA F 66 -19.85 17.93 9.58
N LYS F 67 -20.68 18.22 10.57
CA LYS F 67 -22.13 18.09 10.39
C LYS F 67 -22.64 19.06 9.33
N GLU F 68 -22.12 20.28 9.32
CA GLU F 68 -22.50 21.23 8.29
C GLU F 68 -22.09 20.76 6.91
N SER F 69 -20.90 20.17 6.79
CA SER F 69 -20.37 19.79 5.48
C SER F 69 -21.14 18.63 4.87
N GLY F 70 -21.57 17.68 5.71
CA GLY F 70 -22.17 16.45 5.19
C GLY F 70 -21.18 15.66 4.36
N SER F 71 -21.59 15.31 3.15
CA SER F 71 -20.70 14.74 2.14
C SER F 71 -20.24 13.33 2.49
N GLU F 72 -19.61 13.17 3.65
CA GLU F 72 -18.97 11.94 4.14
C GLU F 72 -17.46 11.95 3.83
N GLU F 73 -17.05 12.64 2.77
CA GLU F 73 -15.61 12.83 2.54
C GLU F 73 -14.97 13.55 3.73
N ALA F 74 -15.64 14.58 4.24
CA ALA F 74 -15.13 15.28 5.41
C ALA F 74 -15.43 14.53 6.70
N LEU F 75 -16.57 13.83 6.76
CA LEU F 75 -16.95 13.11 7.97
C LEU F 75 -15.92 12.06 8.34
N ARG F 76 -15.47 11.26 7.36
CA ARG F 76 -14.45 10.26 7.63
C ARG F 76 -13.16 10.91 8.11
N GLN F 77 -12.68 11.93 7.39
CA GLN F 77 -11.47 12.61 7.79
C GLN F 77 -11.67 13.45 9.04
N ALA F 78 -12.92 13.73 9.41
CA ALA F 78 -13.19 14.34 10.71
C ALA F 78 -13.03 13.33 11.84
N ILE F 79 -13.41 12.07 11.58
CA ILE F 79 -13.16 11.02 12.56
C ILE F 79 -11.67 10.87 12.82
N ARG F 80 -10.86 10.91 11.77
CA ARG F 80 -9.42 10.73 11.93
C ARG F 80 -8.81 11.88 12.73
N ALA F 81 -9.34 13.09 12.53
CA ALA F 81 -8.80 14.24 13.25
C ALA F 81 -9.19 14.21 14.72
N VAL F 82 -10.43 13.83 15.02
CA VAL F 82 -10.87 13.69 16.41
C VAL F 82 -10.09 12.58 17.09
N ALA F 83 -9.85 11.48 16.38
CA ALA F 83 -9.04 10.40 16.94
C ALA F 83 -7.59 10.83 17.15
N GLU F 84 -7.08 11.72 16.29
CA GLU F 84 -5.72 12.21 16.47
C GLU F 84 -5.61 13.11 17.69
N ILE F 85 -6.64 13.93 17.94
CA ILE F 85 -6.62 14.80 19.12
C ILE F 85 -6.63 13.96 20.39
N ALA F 86 -7.36 12.85 20.38
CA ALA F 86 -7.44 12.01 21.57
C ALA F 86 -6.13 11.28 21.84
N LYS F 87 -5.32 11.03 20.80
CA LYS F 87 -4.05 10.36 21.00
C LYS F 87 -3.05 11.28 21.69
N GLU F 88 -2.89 12.50 21.19
CA GLU F 88 -1.93 13.45 21.75
C GLU F 88 -2.43 14.13 23.02
N ALA F 89 -3.52 13.65 23.60
CA ALA F 89 -4.06 14.21 24.83
C ALA F 89 -3.79 13.26 25.99
N GLN F 90 -3.72 13.83 27.20
CA GLN F 90 -3.49 13.05 28.41
C GLN F 90 -4.72 12.95 29.31
N ASP F 91 -5.59 13.96 29.29
CA ASP F 91 -6.76 13.94 30.17
C ASP F 91 -7.79 12.95 29.63
N SER F 92 -8.21 12.02 30.50
CA SER F 92 -9.22 11.04 30.11
C SER F 92 -10.57 11.67 29.81
N GLU F 93 -10.81 12.89 30.31
CA GLU F 93 -12.05 13.59 29.97
C GLU F 93 -12.09 13.98 28.51
N VAL F 94 -10.93 14.20 27.90
CA VAL F 94 -10.87 14.48 26.46
C VAL F 94 -11.14 13.21 25.66
N LEU F 95 -10.56 12.09 26.08
CA LEU F 95 -10.75 10.82 25.38
C LEU F 95 -12.19 10.35 25.46
N GLU F 96 -12.84 10.58 26.62
CA GLU F 96 -14.25 10.20 26.75
C GLU F 96 -15.13 11.01 25.80
N GLU F 97 -14.91 12.32 25.73
CA GLU F 97 -15.65 13.16 24.80
C GLU F 97 -15.33 12.79 23.35
N ALA F 98 -14.11 12.32 23.09
CA ALA F 98 -13.76 11.92 21.73
C ALA F 98 -14.54 10.70 21.29
N ILE F 99 -14.73 9.71 22.17
CA ILE F 99 -15.44 8.50 21.81
C ILE F 99 -16.89 8.83 21.42
N ARG F 100 -17.57 9.61 22.25
CA ARG F 100 -18.95 9.97 21.95
C ARG F 100 -19.05 10.84 20.71
N VAL F 101 -18.02 11.65 20.44
CA VAL F 101 -18.01 12.45 19.22
C VAL F 101 -17.81 11.56 18.00
N ILE F 102 -16.85 10.62 18.08
CA ILE F 102 -16.65 9.68 16.99
C ILE F 102 -17.93 8.89 16.73
N LEU F 103 -18.66 8.54 17.80
CA LEU F 103 -19.92 7.83 17.64
C LEU F 103 -20.92 8.65 16.84
N ARG F 104 -20.96 9.96 17.07
CA ARG F 104 -21.94 10.81 16.41
C ARG F 104 -21.59 11.09 14.95
N ILE F 105 -20.30 11.17 14.62
CA ILE F 105 -19.90 11.40 13.24
C ILE F 105 -20.30 10.21 12.37
N ALA F 106 -20.00 8.99 12.83
CA ALA F 106 -20.39 7.80 12.08
C ALA F 106 -21.89 7.61 12.06
N LYS F 107 -22.59 8.07 13.12
CA LYS F 107 -24.05 8.01 13.11
C LYS F 107 -24.65 8.87 12.02
N GLU F 108 -24.08 10.07 11.82
CA GLU F 108 -24.60 10.95 10.78
C GLU F 108 -24.26 10.43 9.39
N SER F 109 -23.12 9.77 9.23
CA SER F 109 -22.77 9.18 7.94
C SER F 109 -23.64 7.98 7.64
N GLY F 110 -23.64 6.99 8.53
CA GLY F 110 -24.43 5.79 8.35
C GLY F 110 -23.86 4.78 7.37
N SER F 111 -22.71 5.06 6.76
CA SER F 111 -22.06 4.10 5.87
C SER F 111 -21.29 3.06 6.67
N GLU F 112 -21.22 1.84 6.12
CA GLU F 112 -20.53 0.76 6.82
C GLU F 112 -19.07 1.09 7.08
N GLU F 113 -18.40 1.68 6.09
CA GLU F 113 -17.00 2.06 6.24
C GLU F 113 -16.81 3.07 7.36
N ALA F 114 -17.69 4.06 7.46
CA ALA F 114 -17.62 4.99 8.58
C ALA F 114 -17.84 4.26 9.89
N LEU F 115 -18.80 3.32 9.92
CA LEU F 115 -19.07 2.60 11.16
C LEU F 115 -17.94 1.65 11.52
N ARG F 116 -17.21 1.13 10.53
CA ARG F 116 -16.05 0.30 10.82
C ARG F 116 -14.85 1.14 11.20
N GLN F 117 -14.68 2.30 10.54
CA GLN F 117 -13.57 3.18 10.89
C GLN F 117 -13.75 3.76 12.29
N ALA F 118 -15.00 3.92 12.73
CA ALA F 118 -15.26 4.39 14.09
C ALA F 118 -15.04 3.29 15.11
N LEU F 119 -15.36 2.03 14.75
CA LEU F 119 -15.12 0.91 15.65
C LEU F 119 -13.64 0.82 16.01
N ARG F 120 -12.75 0.95 15.02
CA ARG F 120 -11.33 0.89 15.29
C ARG F 120 -10.84 2.13 16.01
N ALA F 121 -11.44 3.29 15.71
CA ALA F 121 -10.99 4.53 16.32
C ALA F 121 -11.27 4.54 17.82
N VAL F 122 -12.50 4.21 18.21
CA VAL F 122 -12.86 4.25 19.64
C VAL F 122 -12.15 3.13 20.39
N ALA F 123 -11.78 2.06 19.71
CA ALA F 123 -11.03 0.99 20.35
C ALA F 123 -9.54 1.33 20.48
N GLU F 124 -9.01 2.12 19.55
CA GLU F 124 -7.60 2.50 19.61
C GLU F 124 -7.35 3.48 20.75
N ILE F 125 -8.23 4.48 20.91
CA ILE F 125 -8.08 5.42 22.02
C ILE F 125 -8.50 4.82 23.35
N ALA F 126 -9.18 3.67 23.33
CA ALA F 126 -9.42 2.94 24.57
C ALA F 126 -8.17 2.20 25.05
N GLU F 127 -7.34 1.73 24.11
CA GLU F 127 -6.07 1.13 24.48
C GLU F 127 -5.08 2.19 24.94
N GLU F 128 -5.11 3.37 24.32
CA GLU F 128 -4.25 4.46 24.75
C GLU F 128 -4.63 4.99 26.12
N ALA F 129 -5.89 4.83 26.51
CA ALA F 129 -6.35 5.31 27.80
C ALA F 129 -5.86 4.42 28.93
N LYS F 130 -5.93 4.95 30.15
CA LYS F 130 -5.54 4.22 31.34
C LYS F 130 -6.61 4.26 32.43
N ASP F 131 -7.80 4.76 32.12
CA ASP F 131 -8.93 4.73 33.03
C ASP F 131 -9.89 3.62 32.61
N GLU F 132 -10.33 2.82 33.58
CA GLU F 132 -11.34 1.80 33.29
C GLU F 132 -12.65 2.42 32.84
N ARG F 133 -12.92 3.67 33.21
CA ARG F 133 -14.15 4.32 32.77
C ARG F 133 -14.13 4.60 31.28
N VAL F 134 -12.95 4.79 30.70
CA VAL F 134 -12.84 4.97 29.25
C VAL F 134 -13.04 3.65 28.53
N ARG F 135 -12.48 2.57 29.09
CA ARG F 135 -12.67 1.25 28.49
C ARG F 135 -14.13 0.82 28.56
N LYS F 136 -14.82 1.13 29.67
CA LYS F 136 -16.22 0.77 29.80
C LYS F 136 -17.07 1.57 28.82
N GLU F 137 -16.74 2.84 28.61
CA GLU F 137 -17.50 3.64 27.65
C GLU F 137 -17.28 3.14 26.22
N ALA F 138 -16.05 2.74 25.90
CA ALA F 138 -15.77 2.25 24.55
C ALA F 138 -16.55 0.98 24.25
N VAL F 139 -16.60 0.05 25.21
CA VAL F 139 -17.38 -1.17 25.02
C VAL F 139 -18.85 -0.85 24.80
N ARG F 140 -19.39 0.09 25.59
CA ARG F 140 -20.78 0.47 25.44
C ARG F 140 -21.03 1.14 24.09
N VAL F 141 -20.08 1.98 23.64
CA VAL F 141 -20.24 2.66 22.36
C VAL F 141 -20.08 1.67 21.21
N MET F 142 -19.07 0.80 21.29
CA MET F 142 -18.84 -0.16 20.22
C MET F 142 -20.05 -1.07 20.02
N LEU F 143 -20.71 -1.47 21.11
CA LEU F 143 -21.93 -2.25 20.99
C LEU F 143 -23.01 -1.48 20.26
N GLN F 144 -23.11 -0.18 20.52
CA GLN F 144 -24.10 0.64 19.84
C GLN F 144 -23.75 0.85 18.37
N ILE F 145 -22.44 0.85 18.05
CA ILE F 145 -22.02 1.00 16.66
C ILE F 145 -22.42 -0.23 15.85
N ALA F 146 -22.19 -1.42 16.39
CA ALA F 146 -22.55 -2.64 15.68
C ALA F 146 -24.04 -2.78 15.51
N LYS F 147 -24.84 -2.25 16.45
CA LYS F 147 -26.28 -2.29 16.31
C LYS F 147 -26.77 -1.33 15.24
N GLU F 148 -26.05 -0.22 15.01
CA GLU F 148 -26.39 0.67 13.92
C GLU F 148 -26.16 0.01 12.58
N SER F 149 -24.98 -0.60 12.39
CA SER F 149 -24.68 -1.27 11.13
C SER F 149 -25.52 -2.52 10.96
N GLY F 150 -25.55 -3.37 11.97
CA GLY F 150 -26.33 -4.59 11.94
C GLY F 150 -25.87 -5.65 10.96
N SER F 151 -24.72 -5.45 10.32
CA SER F 151 -24.20 -6.43 9.37
C SER F 151 -23.38 -7.49 10.09
N LYS F 152 -23.13 -8.59 9.37
CA LYS F 152 -22.32 -9.67 9.93
C LYS F 152 -20.89 -9.21 10.20
N GLU F 153 -20.31 -8.44 9.27
CA GLU F 153 -18.93 -8.00 9.43
C GLU F 153 -18.79 -7.00 10.57
N ALA F 154 -19.85 -6.25 10.88
CA ALA F 154 -19.79 -5.33 12.01
C ALA F 154 -19.83 -6.07 13.34
N VAL F 155 -20.59 -7.15 13.41
CA VAL F 155 -20.63 -7.95 14.63
C VAL F 155 -19.27 -8.58 14.90
N LYS F 156 -18.60 -9.06 13.84
CA LYS F 156 -17.27 -9.64 14.02
C LYS F 156 -16.26 -8.58 14.43
N LEU F 157 -16.29 -7.41 13.77
CA LEU F 157 -15.32 -6.37 14.08
C LEU F 157 -15.51 -5.82 15.49
N ALA F 158 -16.76 -5.61 15.91
CA ALA F 158 -17.03 -5.12 17.25
C ALA F 158 -16.55 -6.13 18.30
N PHE F 159 -16.73 -7.42 18.02
CA PHE F 159 -16.27 -8.44 18.96
C PHE F 159 -14.75 -8.49 19.03
N GLU F 160 -14.08 -8.27 17.89
CA GLU F 160 -12.62 -8.29 17.89
C GLU F 160 -12.05 -7.12 18.69
N MET F 161 -12.61 -5.92 18.50
CA MET F 161 -12.09 -4.75 19.19
C MET F 161 -12.47 -4.72 20.67
N ILE F 162 -13.66 -5.22 21.02
CA ILE F 162 -14.04 -5.29 22.43
C ILE F 162 -13.13 -6.24 23.19
N LEU F 163 -12.79 -7.38 22.58
CA LEU F 163 -11.86 -8.31 23.21
C LEU F 163 -10.45 -7.72 23.28
N ARG F 164 -10.07 -6.92 22.29
CA ARG F 164 -8.77 -6.25 22.35
C ARG F 164 -8.72 -5.22 23.47
N VAL F 165 -9.86 -4.67 23.85
CA VAL F 165 -9.93 -3.67 24.91
C VAL F 165 -10.02 -4.34 26.29
N VAL F 166 -10.91 -5.32 26.44
CA VAL F 166 -11.16 -5.90 27.75
C VAL F 166 -10.12 -6.95 28.15
N ARG F 167 -9.41 -7.53 27.19
CA ARG F 167 -8.28 -8.43 27.44
C ARG F 167 -8.68 -9.74 28.12
N ILE F 168 -9.56 -9.67 29.12
CA ILE F 168 -9.92 -10.84 29.92
C ILE F 168 -11.39 -11.15 29.73
N ILE F 169 -11.70 -12.43 29.57
CA ILE F 169 -13.07 -12.93 29.52
C ILE F 169 -13.25 -13.90 30.68
N ALA F 170 -14.13 -13.54 31.62
CA ALA F 170 -14.37 -14.37 32.79
C ALA F 170 -15.28 -15.54 32.42
N VAL F 171 -14.76 -16.75 32.55
CA VAL F 171 -15.55 -17.97 32.27
C VAL F 171 -16.19 -18.37 33.60
N LEU F 172 -17.42 -17.90 33.81
CA LEU F 172 -18.09 -18.05 35.10
C LEU F 172 -18.68 -19.46 35.21
N ARG F 173 -18.26 -20.20 36.23
CA ARG F 173 -18.85 -21.47 36.60
C ARG F 173 -19.27 -21.42 38.05
N ALA F 174 -20.46 -21.93 38.34
CA ALA F 174 -21.00 -21.88 39.70
C ALA F 174 -22.14 -22.88 39.81
N ASN F 175 -22.41 -23.30 41.05
CA ASN F 175 -23.48 -24.24 41.32
C ASN F 175 -24.81 -23.53 41.59
N SER F 176 -24.77 -22.38 42.25
CA SER F 176 -25.98 -21.64 42.59
C SER F 176 -26.25 -20.57 41.53
N VAL F 177 -27.53 -20.41 41.19
CA VAL F 177 -27.91 -19.37 40.24
C VAL F 177 -27.68 -17.98 40.83
N GLU F 178 -27.87 -17.84 42.15
CA GLU F 178 -27.65 -16.55 42.78
C GLU F 178 -26.16 -16.28 43.03
N GLU F 179 -25.35 -17.33 43.15
CA GLU F 179 -23.91 -17.14 43.30
C GLU F 179 -23.29 -16.54 42.04
N ALA F 180 -23.81 -16.92 40.87
CA ALA F 180 -23.23 -16.45 39.61
C ALA F 180 -23.32 -14.93 39.49
N LYS F 181 -24.46 -14.35 39.90
CA LYS F 181 -24.58 -12.90 39.86
C LYS F 181 -23.62 -12.24 40.84
N GLU F 182 -23.44 -12.83 42.02
CA GLU F 182 -22.48 -12.28 42.98
C GLU F 182 -21.05 -12.42 42.48
N LYS F 183 -20.74 -13.53 41.81
CA LYS F 183 -19.40 -13.72 41.25
C LYS F 183 -19.18 -12.85 40.02
N ALA F 184 -20.23 -12.65 39.21
CA ALA F 184 -20.09 -11.80 38.04
C ALA F 184 -19.97 -10.34 38.43
N LEU F 185 -20.72 -9.91 39.44
CA LEU F 185 -20.55 -8.55 39.95
C LEU F 185 -19.18 -8.36 40.57
N ALA F 186 -18.67 -9.39 41.25
CA ALA F 186 -17.35 -9.29 41.85
C ALA F 186 -16.26 -9.17 40.80
N VAL F 187 -16.31 -10.01 39.77
CA VAL F 187 -15.31 -9.95 38.71
C VAL F 187 -15.45 -8.68 37.88
N PHE F 188 -16.63 -8.04 37.91
CA PHE F 188 -16.81 -6.78 37.19
C PHE F 188 -16.21 -5.61 37.96
N GLU F 189 -16.27 -5.65 39.30
CA GLU F 189 -15.64 -4.60 40.09
C GLU F 189 -14.11 -4.67 39.99
N GLY F 190 -13.57 -5.85 39.69
CA GLY F 190 -12.13 -5.98 39.59
C GLY F 190 -11.56 -5.38 38.33
N GLY F 191 -12.31 -5.41 37.23
CA GLY F 191 -11.84 -4.83 35.99
C GLY F 191 -12.03 -5.74 34.79
N VAL F 192 -12.71 -6.86 34.98
CA VAL F 192 -13.00 -7.80 33.91
C VAL F 192 -14.36 -7.44 33.32
N LEU F 193 -14.35 -6.93 32.10
CA LEU F 193 -15.57 -6.42 31.46
C LEU F 193 -16.26 -7.46 30.57
N ALA F 194 -15.62 -8.59 30.29
CA ALA F 194 -16.20 -9.65 29.48
C ALA F 194 -16.53 -10.82 30.39
N ILE F 195 -17.79 -11.26 30.37
CA ILE F 195 -18.28 -12.32 31.24
C ILE F 195 -18.91 -13.40 30.36
N GLU F 196 -18.36 -14.61 30.41
CA GLU F 196 -18.90 -15.75 29.70
C GLU F 196 -19.63 -16.64 30.69
N ILE F 197 -20.90 -16.93 30.42
CA ILE F 197 -21.74 -17.74 31.30
C ILE F 197 -21.82 -19.13 30.70
N THR F 198 -21.12 -20.08 31.31
CA THR F 198 -21.21 -21.46 30.87
C THR F 198 -22.60 -22.03 31.17
N PHE F 199 -22.98 -23.07 30.44
CA PHE F 199 -24.25 -23.73 30.63
C PHE F 199 -24.17 -24.90 31.62
N THR F 200 -23.10 -24.95 32.42
CA THR F 200 -23.07 -25.87 33.55
C THR F 200 -23.83 -25.31 34.74
N VAL F 201 -24.09 -24.00 34.76
CA VAL F 201 -24.97 -23.40 35.77
C VAL F 201 -26.39 -23.89 35.53
N PRO F 202 -27.14 -24.25 36.59
CA PRO F 202 -28.49 -24.82 36.36
C PRO F 202 -29.41 -23.94 35.53
N ASP F 203 -29.51 -22.65 35.84
CA ASP F 203 -30.34 -21.72 35.07
C ASP F 203 -29.42 -20.66 34.47
N ALA F 204 -28.79 -21.01 33.34
CA ALA F 204 -27.89 -20.08 32.69
C ALA F 204 -28.64 -18.99 31.94
N ASP F 205 -29.83 -19.29 31.41
CA ASP F 205 -30.57 -18.30 30.65
C ASP F 205 -31.00 -17.13 31.52
N THR F 206 -31.44 -17.41 32.74
CA THR F 206 -31.92 -16.35 33.62
C THR F 206 -30.76 -15.51 34.17
N VAL F 207 -29.62 -16.14 34.44
CA VAL F 207 -28.49 -15.38 34.96
C VAL F 207 -27.84 -14.55 33.86
N ILE F 208 -27.92 -15.02 32.61
CA ILE F 208 -27.52 -14.17 31.49
C ILE F 208 -28.49 -13.00 31.34
N LYS F 209 -29.77 -13.24 31.60
CA LYS F 209 -30.79 -12.22 31.46
C LYS F 209 -30.74 -11.23 32.62
N GLU F 210 -30.48 -11.71 33.84
CA GLU F 210 -30.43 -10.82 34.99
C GLU F 210 -29.12 -10.06 35.10
N LEU F 211 -28.07 -10.51 34.43
CA LEU F 211 -26.82 -9.77 34.33
C LEU F 211 -26.76 -8.87 33.11
N SER F 212 -27.85 -8.77 32.35
CA SER F 212 -27.87 -7.97 31.12
C SER F 212 -27.87 -6.47 31.40
N PHE F 213 -28.06 -6.05 32.65
CA PHE F 213 -27.98 -4.63 32.97
C PHE F 213 -26.56 -4.10 32.88
N LEU F 214 -25.56 -4.99 32.92
CA LEU F 214 -24.16 -4.59 32.78
C LEU F 214 -23.79 -4.21 31.36
N GLU F 215 -24.67 -4.48 30.38
CA GLU F 215 -24.33 -4.19 28.99
C GLU F 215 -24.17 -2.69 28.77
N LYS F 216 -24.95 -1.87 29.47
CA LYS F 216 -24.87 -0.43 29.35
C LYS F 216 -23.94 0.19 30.40
N GLU F 217 -23.30 -0.62 31.23
CA GLU F 217 -22.30 -0.14 32.18
C GLU F 217 -20.88 -0.45 31.73
N GLY F 218 -20.70 -0.89 30.49
CA GLY F 218 -19.38 -1.17 29.97
C GLY F 218 -18.98 -2.63 29.96
N ALA F 219 -19.93 -3.56 29.98
CA ALA F 219 -19.64 -4.98 29.98
C ALA F 219 -20.29 -5.64 28.76
N ILE F 220 -19.93 -6.91 28.55
CA ILE F 220 -20.51 -7.73 27.49
C ILE F 220 -20.68 -9.14 28.03
N ILE F 221 -21.92 -9.64 28.00
CA ILE F 221 -22.27 -10.93 28.58
C ILE F 221 -22.56 -11.92 27.47
N GLY F 222 -22.03 -13.14 27.60
CA GLY F 222 -22.23 -14.16 26.59
C GLY F 222 -22.28 -15.53 27.23
N ALA F 223 -22.60 -16.52 26.39
CA ALA F 223 -22.73 -17.90 26.82
C ALA F 223 -21.54 -18.72 26.35
N GLY F 224 -21.19 -19.75 27.14
CA GLY F 224 -20.08 -20.61 26.81
C GLY F 224 -20.48 -22.08 26.95
N THR F 225 -19.61 -22.94 26.40
CA THR F 225 -19.81 -24.39 26.40
C THR F 225 -21.15 -24.78 25.79
N VAL F 226 -21.53 -24.09 24.72
CA VAL F 226 -22.77 -24.37 24.00
C VAL F 226 -22.48 -25.46 22.97
N THR F 227 -23.32 -26.50 22.95
CA THR F 227 -23.07 -27.65 22.09
C THR F 227 -24.16 -27.91 21.06
N SER F 228 -25.29 -27.20 21.10
CA SER F 228 -26.36 -27.43 20.15
C SER F 228 -26.97 -26.09 19.75
N VAL F 229 -27.79 -26.13 18.70
CA VAL F 229 -28.42 -24.91 18.20
C VAL F 229 -29.53 -24.45 19.13
N GLU F 230 -30.36 -25.39 19.60
CA GLU F 230 -31.40 -25.05 20.57
C GLU F 230 -30.79 -24.51 21.85
N GLN F 231 -29.61 -24.98 22.22
CA GLN F 231 -28.90 -24.43 23.37
C GLN F 231 -28.43 -23.01 23.09
N CYS F 232 -28.06 -22.72 21.84
CA CYS F 232 -27.61 -21.39 21.47
C CYS F 232 -28.77 -20.42 21.32
N ARG F 233 -29.90 -20.89 20.77
CA ARG F 233 -31.07 -20.03 20.61
C ARG F 233 -31.58 -19.54 21.96
N LYS F 234 -31.50 -20.40 22.99
CA LYS F 234 -31.90 -19.98 24.33
C LYS F 234 -31.00 -18.88 24.85
N ALA F 235 -29.70 -18.95 24.54
CA ALA F 235 -28.77 -17.95 25.04
C ALA F 235 -29.00 -16.60 24.36
N VAL F 236 -29.19 -16.61 23.04
CA VAL F 236 -29.36 -15.35 22.31
C VAL F 236 -30.64 -14.64 22.74
N GLU F 237 -31.74 -15.39 22.88
CA GLU F 237 -32.99 -14.78 23.27
C GLU F 237 -32.99 -14.29 24.72
N SER F 238 -32.00 -14.67 25.51
CA SER F 238 -31.87 -14.21 26.89
C SER F 238 -30.93 -13.02 27.03
N GLY F 239 -30.20 -12.65 25.99
CA GLY F 239 -29.38 -11.46 26.04
C GLY F 239 -27.89 -11.70 25.80
N ALA F 240 -27.53 -12.90 25.35
CA ALA F 240 -26.13 -13.21 25.11
C ALA F 240 -25.64 -12.47 23.87
N LEU F 241 -24.46 -11.86 23.98
CA LEU F 241 -23.87 -11.12 22.87
C LEU F 241 -22.81 -11.93 22.11
N PHE F 242 -22.29 -13.00 22.70
CA PHE F 242 -21.33 -13.86 22.01
C PHE F 242 -21.54 -15.29 22.46
N ILE F 243 -21.33 -16.22 21.54
CA ILE F 243 -21.49 -17.65 21.79
C ILE F 243 -20.12 -18.31 21.69
N VAL F 244 -19.81 -19.14 22.69
CA VAL F 244 -18.50 -19.79 22.79
C VAL F 244 -18.74 -21.30 22.91
N SER F 245 -18.14 -22.07 22.00
CA SER F 245 -18.28 -23.51 21.97
C SER F 245 -16.92 -24.18 22.05
N PRO F 246 -16.85 -25.39 22.61
CA PRO F 246 -15.55 -26.09 22.70
C PRO F 246 -15.04 -26.60 21.37
N HIS F 247 -15.90 -26.75 20.37
CA HIS F 247 -15.53 -27.29 19.07
C HIS F 247 -16.12 -26.40 17.97
N LEU F 248 -15.86 -26.79 16.73
CA LEU F 248 -16.40 -26.09 15.57
C LEU F 248 -17.73 -26.71 15.17
N ASP F 249 -18.80 -25.93 15.24
CA ASP F 249 -20.15 -26.40 14.92
C ASP F 249 -20.67 -25.59 13.73
N GLU F 250 -20.89 -26.29 12.61
CA GLU F 250 -21.40 -25.61 11.42
C GLU F 250 -22.83 -25.13 11.63
N GLU F 251 -23.64 -25.90 12.37
CA GLU F 251 -25.03 -25.51 12.60
C GLU F 251 -25.14 -24.32 13.54
N ILE F 252 -24.21 -24.19 14.49
CA ILE F 252 -24.23 -23.02 15.37
C ILE F 252 -23.80 -21.77 14.61
N SER F 253 -22.74 -21.88 13.80
CA SER F 253 -22.31 -20.74 13.00
C SER F 253 -23.38 -20.31 12.01
N GLN F 254 -24.14 -21.28 11.46
CA GLN F 254 -25.24 -20.94 10.58
C GLN F 254 -26.28 -20.09 11.31
N PHE F 255 -26.71 -20.54 12.50
CA PHE F 255 -27.68 -19.78 13.27
C PHE F 255 -27.07 -18.49 13.80
N CYS F 256 -25.85 -18.55 14.31
CA CYS F 256 -25.17 -17.36 14.82
C CYS F 256 -24.83 -16.35 13.73
N ASP F 257 -25.04 -16.69 12.46
CA ASP F 257 -24.86 -15.73 11.37
C ASP F 257 -26.16 -15.07 10.94
N GLU F 258 -27.28 -15.79 10.98
CA GLU F 258 -28.57 -15.18 10.67
C GLU F 258 -28.89 -14.07 11.67
N ALA F 259 -28.76 -14.37 12.96
CA ALA F 259 -28.85 -13.36 14.00
C ALA F 259 -27.46 -12.87 14.34
N GLY F 260 -27.34 -11.56 14.54
CA GLY F 260 -26.05 -10.95 14.78
C GLY F 260 -25.48 -11.25 16.15
N VAL F 261 -24.68 -12.32 16.24
CA VAL F 261 -24.03 -12.71 17.49
C VAL F 261 -22.65 -13.27 17.17
N ALA F 262 -21.66 -12.87 17.97
CA ALA F 262 -20.30 -13.35 17.77
C ALA F 262 -20.20 -14.82 18.15
N TYR F 263 -19.48 -15.58 17.32
CA TYR F 263 -19.26 -17.00 17.55
C TYR F 263 -17.77 -17.28 17.45
N ALA F 264 -17.18 -17.71 18.56
CA ALA F 264 -15.77 -18.08 18.61
C ALA F 264 -15.66 -19.59 18.80
N PRO F 265 -15.57 -20.37 17.72
CA PRO F 265 -15.52 -21.82 17.86
C PRO F 265 -14.19 -22.30 18.42
N GLY F 266 -14.19 -23.55 18.85
CA GLY F 266 -13.02 -24.15 19.47
C GLY F 266 -12.21 -24.97 18.47
N VAL F 267 -10.91 -24.68 18.41
CA VAL F 267 -9.97 -25.41 17.58
C VAL F 267 -8.81 -25.86 18.44
N MET F 268 -7.98 -26.75 17.89
CA MET F 268 -6.85 -27.28 18.63
C MET F 268 -5.69 -27.64 17.70
N THR F 269 -5.99 -27.96 16.46
CA THR F 269 -4.99 -28.33 15.47
C THR F 269 -5.02 -27.36 14.29
N PRO F 270 -3.91 -27.24 13.56
CA PRO F 270 -3.91 -26.36 12.38
C PRO F 270 -4.96 -26.73 11.35
N THR F 271 -5.32 -28.01 11.23
CA THR F 271 -6.34 -28.41 10.28
C THR F 271 -7.72 -27.95 10.71
N GLU F 272 -8.01 -28.03 12.01
CA GLU F 272 -9.26 -27.47 12.52
C GLU F 272 -9.28 -25.96 12.37
N LEU F 273 -8.12 -25.31 12.42
CA LEU F 273 -8.04 -23.88 12.17
C LEU F 273 -8.45 -23.54 10.75
N VAL F 274 -7.98 -24.32 9.78
CA VAL F 274 -8.27 -24.04 8.38
C VAL F 274 -9.76 -24.20 8.10
N LYS F 275 -10.38 -25.25 8.63
CA LYS F 275 -11.80 -25.46 8.38
C LYS F 275 -12.66 -24.40 9.05
N ALA F 276 -12.23 -23.90 10.21
CA ALA F 276 -12.93 -22.79 10.84
C ALA F 276 -12.73 -21.49 10.07
N MET F 277 -11.56 -21.34 9.43
CA MET F 277 -11.34 -20.20 8.55
C MET F 277 -12.27 -20.25 7.35
N LYS F 278 -12.42 -21.45 6.75
CA LYS F 278 -13.31 -21.60 5.59
C LYS F 278 -14.75 -21.23 5.94
N LEU F 279 -15.15 -21.44 7.19
CA LEU F 279 -16.47 -21.04 7.65
C LEU F 279 -16.53 -19.56 8.04
N GLY F 280 -15.42 -18.83 7.90
CA GLY F 280 -15.44 -17.40 8.13
C GLY F 280 -15.21 -16.96 9.56
N HIS F 281 -14.45 -17.72 10.34
CA HIS F 281 -14.17 -17.38 11.73
C HIS F 281 -12.68 -17.11 11.89
N ARG F 282 -12.32 -15.83 11.88
CA ARG F 282 -10.93 -15.44 12.12
C ARG F 282 -10.58 -15.50 13.60
N ILE F 283 -11.54 -15.23 14.48
CA ILE F 283 -11.33 -15.31 15.91
C ILE F 283 -11.72 -16.71 16.37
N LEU F 284 -10.78 -17.39 17.03
CA LEU F 284 -10.96 -18.78 17.41
C LEU F 284 -10.65 -18.97 18.89
N LYS F 285 -11.36 -19.91 19.52
CA LYS F 285 -11.14 -20.27 20.90
C LYS F 285 -10.18 -21.45 20.94
N LEU F 286 -8.98 -21.23 21.48
CA LEU F 286 -7.98 -22.29 21.59
C LEU F 286 -8.32 -23.13 22.82
N PHE F 287 -8.87 -24.32 22.59
CA PHE F 287 -9.37 -25.15 23.67
C PHE F 287 -9.06 -26.62 23.40
N PRO F 288 -8.43 -27.32 24.36
CA PRO F 288 -7.93 -26.75 25.62
C PRO F 288 -6.60 -26.04 25.45
N GLY F 289 -6.49 -24.82 25.97
CA GLY F 289 -5.27 -24.05 25.80
C GLY F 289 -4.08 -24.63 26.55
N GLU F 290 -4.33 -25.29 27.67
CA GLU F 290 -3.24 -25.84 28.48
C GLU F 290 -2.54 -27.03 27.83
N VAL F 291 -3.14 -27.62 26.80
CA VAL F 291 -2.54 -28.80 26.16
C VAL F 291 -1.57 -28.40 25.05
N VAL F 292 -1.91 -27.38 24.27
CA VAL F 292 -1.03 -26.96 23.19
C VAL F 292 -0.05 -25.87 23.63
N GLY F 293 -0.42 -25.06 24.62
CA GLY F 293 0.45 -24.06 25.15
C GLY F 293 0.60 -22.84 24.26
N PRO F 294 1.24 -21.79 24.79
CA PRO F 294 1.48 -20.59 23.96
C PRO F 294 2.41 -20.85 22.78
N GLN F 295 3.17 -21.95 22.81
CA GLN F 295 3.98 -22.32 21.66
C GLN F 295 3.13 -22.60 20.43
N PHE F 296 1.84 -22.90 20.61
CA PHE F 296 0.96 -23.14 19.48
C PHE F 296 0.63 -21.85 18.75
N VAL F 297 0.19 -20.82 19.49
CA VAL F 297 -0.22 -19.57 18.83
C VAL F 297 0.98 -18.85 18.23
N LYS F 298 2.18 -19.09 18.75
CA LYS F 298 3.37 -18.52 18.12
C LYS F 298 3.63 -19.17 16.76
N ALA F 299 3.44 -20.48 16.67
CA ALA F 299 3.71 -21.19 15.42
C ALA F 299 2.66 -20.88 14.37
N MET F 300 1.42 -20.60 14.78
CA MET F 300 0.35 -20.32 13.83
C MET F 300 0.40 -18.89 13.29
N LYS F 301 1.18 -18.00 13.92
CA LYS F 301 1.29 -16.64 13.43
C LYS F 301 1.91 -16.58 12.04
N GLY F 302 2.83 -17.50 11.73
CA GLY F 302 3.47 -17.55 10.45
C GLY F 302 2.52 -17.74 9.29
N PRO F 303 1.94 -18.94 9.17
CA PRO F 303 1.06 -19.20 8.01
C PRO F 303 -0.26 -18.46 8.09
N PHE F 304 -0.81 -18.26 9.28
CA PHE F 304 -2.11 -17.62 9.47
C PHE F 304 -1.92 -16.37 10.33
N PRO F 305 -1.55 -15.24 9.70
CA PRO F 305 -1.25 -14.04 10.49
C PRO F 305 -2.48 -13.25 10.91
N ASN F 306 -3.60 -13.39 10.20
CA ASN F 306 -4.82 -12.65 10.53
C ASN F 306 -5.78 -13.48 11.37
N VAL F 307 -5.31 -14.57 11.97
CA VAL F 307 -6.12 -15.40 12.86
C VAL F 307 -5.66 -15.15 14.29
N ARG F 308 -6.61 -14.79 15.15
CA ARG F 308 -6.32 -14.45 16.54
C ARG F 308 -7.08 -15.40 17.46
N PHE F 309 -6.42 -15.80 18.55
CA PHE F 309 -6.92 -16.85 19.42
C PHE F 309 -7.39 -16.30 20.76
N VAL F 310 -8.20 -17.11 21.44
CA VAL F 310 -8.61 -16.88 22.82
C VAL F 310 -8.47 -18.19 23.58
N PRO F 311 -7.33 -18.44 24.22
CA PRO F 311 -7.12 -19.72 24.93
C PRO F 311 -7.87 -19.73 26.24
N THR F 312 -8.73 -20.73 26.43
CA THR F 312 -9.50 -20.92 27.67
C THR F 312 -9.28 -22.35 28.12
N GLY F 313 -8.16 -22.61 28.78
CA GLY F 313 -7.87 -23.92 29.33
C GLY F 313 -7.44 -23.85 30.77
N GLY F 314 -6.15 -24.04 31.02
CA GLY F 314 -5.62 -23.90 32.36
C GLY F 314 -4.92 -22.57 32.55
N VAL F 315 -5.62 -21.48 32.23
CA VAL F 315 -5.04 -20.15 32.31
C VAL F 315 -5.09 -19.67 33.75
N ASN F 316 -3.94 -19.27 34.28
CA ASN F 316 -3.83 -18.76 35.64
C ASN F 316 -2.89 -17.56 35.61
N LEU F 317 -2.52 -17.07 36.81
CA LEU F 317 -1.66 -15.90 36.89
C LEU F 317 -0.23 -16.19 36.46
N ASP F 318 0.18 -17.46 36.47
CA ASP F 318 1.57 -17.78 36.17
C ASP F 318 1.83 -17.87 34.67
N ASN F 319 0.86 -18.36 33.90
CA ASN F 319 1.04 -18.56 32.47
C ASN F 319 0.40 -17.46 31.62
N VAL F 320 -0.48 -16.64 32.20
CA VAL F 320 -1.13 -15.58 31.43
C VAL F 320 -0.13 -14.56 30.92
N ALA F 321 1.02 -14.42 31.59
CA ALA F 321 2.06 -13.53 31.08
C ALA F 321 2.67 -14.09 29.81
N GLU F 322 2.96 -15.39 29.78
CA GLU F 322 3.53 -16.02 28.59
C GLU F 322 2.52 -16.14 27.46
N TRP F 323 1.22 -16.09 27.76
CA TRP F 323 0.20 -16.15 26.71
C TRP F 323 0.21 -14.89 25.86
N PHE F 324 0.18 -13.72 26.52
CA PHE F 324 0.16 -12.46 25.78
C PHE F 324 1.50 -12.14 25.13
N LYS F 325 2.61 -12.66 25.66
CA LYS F 325 3.89 -12.49 24.99
C LYS F 325 3.94 -13.21 23.65
N ALA F 326 3.01 -14.14 23.42
CA ALA F 326 2.92 -14.87 22.16
C ALA F 326 2.05 -14.16 21.12
N GLY F 327 1.47 -13.01 21.47
CA GLY F 327 0.66 -12.26 20.53
C GLY F 327 -0.77 -12.75 20.45
N VAL F 328 -1.42 -12.89 21.60
CA VAL F 328 -2.78 -13.42 21.66
C VAL F 328 -3.75 -12.27 21.81
N LEU F 329 -4.97 -12.46 21.28
CA LEU F 329 -6.00 -11.43 21.38
C LEU F 329 -6.46 -11.25 22.81
N ALA F 330 -7.05 -12.28 23.39
CA ALA F 330 -7.56 -12.23 24.76
C ALA F 330 -7.44 -13.62 25.37
N VAL F 331 -7.58 -13.68 26.69
CA VAL F 331 -7.51 -14.95 27.42
C VAL F 331 -8.78 -15.13 28.22
N GLY F 332 -9.17 -16.39 28.38
CA GLY F 332 -10.34 -16.73 29.18
C GLY F 332 -9.99 -17.64 30.33
N VAL F 333 -9.93 -17.08 31.54
CA VAL F 333 -9.53 -17.80 32.74
C VAL F 333 -10.76 -18.01 33.60
N GLY F 334 -10.92 -19.25 34.11
CA GLY F 334 -12.10 -19.60 34.87
C GLY F 334 -11.83 -20.04 36.30
N SER F 335 -11.40 -21.30 36.48
CA SER F 335 -11.23 -21.84 37.82
C SER F 335 -10.22 -21.05 38.64
N ALA F 336 -9.17 -20.53 38.00
CA ALA F 336 -8.17 -19.72 38.68
C ALA F 336 -8.62 -18.28 38.92
N LEU F 337 -9.89 -17.97 38.62
CA LEU F 337 -10.44 -16.64 38.83
C LEU F 337 -11.61 -16.63 39.80
N VAL F 338 -12.61 -17.49 39.59
CA VAL F 338 -13.75 -17.57 40.49
C VAL F 338 -13.42 -18.54 41.63
N LYS F 339 -12.44 -18.16 42.45
CA LYS F 339 -11.90 -19.07 43.47
C LYS F 339 -12.97 -19.49 44.46
N GLY F 340 -13.62 -18.52 45.11
CA GLY F 340 -14.61 -18.84 46.11
C GLY F 340 -15.42 -17.65 46.58
N THR F 341 -15.02 -17.05 47.70
CA THR F 341 -15.75 -15.91 48.24
C THR F 341 -15.74 -14.77 47.22
N PRO F 342 -16.88 -14.15 46.93
CA PRO F 342 -16.91 -13.11 45.90
C PRO F 342 -15.97 -11.95 46.17
N ASP F 343 -15.75 -11.59 47.44
CA ASP F 343 -14.85 -10.47 47.73
C ASP F 343 -13.39 -10.82 47.49
N GLU F 344 -13.04 -12.11 47.60
CA GLU F 344 -11.70 -12.52 47.19
C GLU F 344 -11.61 -12.74 45.69
N VAL F 345 -12.74 -13.06 45.04
CA VAL F 345 -12.77 -13.14 43.58
C VAL F 345 -12.53 -11.78 42.97
N ARG F 346 -13.19 -10.76 43.50
CA ARG F 346 -12.97 -9.39 43.02
C ARG F 346 -11.53 -8.96 43.20
N GLU F 347 -10.91 -9.35 44.33
CA GLU F 347 -9.51 -9.02 44.56
C GLU F 347 -8.61 -9.68 43.53
N LYS F 348 -8.94 -10.92 43.14
CA LYS F 348 -8.14 -11.62 42.15
C LYS F 348 -8.32 -11.05 40.75
N ALA F 349 -9.52 -10.56 40.43
CA ALA F 349 -9.75 -9.93 39.13
C ALA F 349 -8.85 -8.71 38.94
N LYS F 350 -8.53 -7.99 40.03
CA LYS F 350 -7.56 -6.91 39.93
C LYS F 350 -6.18 -7.46 39.60
N ALA F 351 -5.81 -8.61 40.17
CA ALA F 351 -4.48 -9.16 39.94
C ALA F 351 -4.31 -9.60 38.50
N PHE F 352 -5.35 -10.21 37.90
CA PHE F 352 -5.26 -10.62 36.50
C PHE F 352 -5.17 -9.42 35.57
N VAL F 353 -5.97 -8.39 35.82
CA VAL F 353 -5.92 -7.19 34.98
C VAL F 353 -4.60 -6.46 35.18
N GLU F 354 -4.11 -6.40 36.42
CA GLU F 354 -2.85 -5.71 36.69
C GLU F 354 -1.66 -6.44 36.09
N LYS F 355 -1.70 -7.77 36.11
CA LYS F 355 -0.58 -8.55 35.55
C LYS F 355 -0.53 -8.43 34.03
N ILE F 356 -1.68 -8.20 33.39
CA ILE F 356 -1.77 -8.12 31.94
C ILE F 356 -1.52 -6.68 31.50
N LYS F 357 -0.86 -6.52 30.35
CA LYS F 357 -0.60 -5.24 29.71
C LYS F 357 0.42 -4.42 30.49
N ALA F 358 0.81 -4.90 31.68
CA ALA F 358 1.86 -4.21 32.43
C ALA F 358 3.24 -4.73 32.03
N ALA F 359 3.33 -6.01 31.72
CA ALA F 359 4.59 -6.61 31.28
C ALA F 359 4.52 -6.95 29.79
#